data_8PPT
#
_entry.id   8PPT
#
_cell.length_a   1.00
_cell.length_b   1.00
_cell.length_c   1.00
_cell.angle_alpha   90.00
_cell.angle_beta   90.00
_cell.angle_gamma   90.00
#
_symmetry.space_group_name_H-M   'P 1'
#
loop_
_entity.id
_entity.type
_entity.pdbx_description
1 polymer 'DNA polymerase II small subunit'
2 polymer 'DNA polymerase sliding clamp'
3 polymer "DNA (5'-D(P*CP*CP*GP*GP*GP*CP*CP*GP*AP*GP*CP*CP*GP*TP*GP*CP*TP*TP*T)-3')"
4 polymer "DNA (5'-D(P*AP*GP*CP*AP*CP*GP*GP*CP*TP*CP*GP*GP*CP*CP*CP*GP*G)-3')"
5 polymer DP2
6 non-polymer 'MAGNESIUM ION'
7 non-polymer 'ZINC ION'
#
loop_
_entity_poly.entity_id
_entity_poly.type
_entity_poly.pdbx_seq_one_letter_code
_entity_poly.pdbx_strand_id
1 'polypeptide(L)'
;MGKHHHHSGHHHTGHHHHSGSHHHTSSSASTGENLYFQGTGDGSDELVKALERAGYLLTPSAYYLLVDHFKEGKFSLVEL
VKFAKSKGVFIIDGDLAYEFLQFLGLGVPQEIKESYISTGEEAEKTVESQETRASELEEGGVSQVSSGELQELKEESPEI
STTEEEIGGLELVQSSISTGSEVEYNNGENGESVVVLDKYGYPILYAPEEIGEEKEYSKYEDVVIEWNPSVTPVQIEKNY
EVKFDVRQVKLRPPKVKNGSGKEGEIIVEAYASLFKSRLSKLKRILRENPEISNVVDIGKLNYVSGDEEVTIIGLVNSKR
ETNRGLIFEVEDKTGIVKVFLPKDSEDYREAFKVLPDAVVAFKGFYSKKGIFFANKFYLPDVPLYRKQKPPLEEKVYAIL
ISDIHVGSREFCEKAFLKFLEWLNGHVESKEEEEIVSRVKYLIIAGDVVDGIGIYPGQYSDLVIPDIFDQYEALANLLAN
VPEHITMFIGPGNADAARPAIPQPEFYKEYAKPIYKLKNAIIISNPAVIRLHGRDFLIAHGRGIEDVVSFVPGLTHHKPG
LPMVELLKMRHLAPTFGGKVPIAPDPEDLLVIEEVPDLVQMGHVHVYDAVVYRGVQLVNSATWQAQTEFQKMVNIVPTPA
KVPVVDVESARVVKVLDFSGWC
;
A
2 'polypeptide(L)'
;MRGSHHHHHHGSMPFEIVFEGAKEFAQLIETASRLIDEAAFKVTEEGISMRAMDPSRVVLIDLNLPASIFSKYEVDGEET
IGVNMDHLKKVLKRGKAKETLILRKGEENFLEISLQGTATRTFKLPLIDVEEIEVDLPELPFTAKVVILGDVIKEAVKDA
SLVSDSMKFIAKENEFTMRAEGETQEVEVKLTLEDEGLLDIEVQEETKSAYGISYLSDMVKGLGKADEVTIKFGNEMPMQ
MEYYIRDEGRLIFLLAPRVEE
;
C,D,E
3 'polydeoxyribonucleotide' (DC)(DG)(DC)(DC)(DG)(DG)(DG)(DC)(DC)(DG)(DA)(DG)(DC)(DC)(DG)(DT)(DG)(DC) P
4 'polydeoxyribonucleotide'
;(DA)(DG)(DG)(DT)(DC)(DG)(DT)(DG)(DA)(DA)(DC)(DG)(DG)(DC)(DT)(DC)(DG)(DG)(DC)(DC)
(DC)(DG)(DG)(DC)(DG)
;
T
5 'polypeptide(L)'
;MELPKEMEEYFEMLQREIDKAYEIAKKARAQGKDPSLDVEIPQATDMAGRVESLVGPPGVAKRIRELVKEYGKEIAALKI
VDEIIEGKFGDLGSREKYAEQAVRTALAILTEGIVSAPIEGIANVKIKRNTWADNSEYLALYYAGPIRSSGGTAQALSVL
VGDYVRRKLGLDRFKPSEKHIERMVEEVDLYHRAVTRLQYHPSPEEVRLAMRNIPIEITGEATDDVEVSHRDVPGVETNQ
LRGGAILVLAEGVLQKAKKLVKYIDKMGIEGWEWLKEFVEAKEKGEPKEEGKEESLAESTLEETKVEVDMGFYYSLYQKF
KEEIAPSDKYAKEVIGGRPLFSDPSKPGGFRLRYGRSRASGFATWGINPATMILVDEFLAIGTQLKTERPGKGAVVTPVT
TIEGPIVKLKDGSVLRVDDYNLALKVREDVEEILYLGDAVIAFGDFVENNQTLLPANYCEEWWILEFVKALKEIYEVHLE
PFTENEEESIEEASDYLEIDPEFLKEMLRDPLRVKPPVELAIHFSEVLGIPLHPYYTLYWNSVEPKDVEKLWRLLKNYAE
IEWSNFRGIKFAKKIVISQEKLGDSKRTLELLGLPHTVRDGNVIVDYPWAAALLTPLGNLNWEFMAKPLYATIDIINENN
EIKLRDRGISWIGARMGRPEKAKERKMKPPVQVLFPIGLAGGSSRDIKKAAEEGKVAEVEIAFFKCPKCGHVGPEHLCPN
CGTRKELLWVCPRCNAEYPESQAEGYNYTCPKCNVKLRPYAKRKIRPSELLNRAMENVKVYGVDKLKGVMGMTSGWKMPE
PLEKGLLRAKNDVYVFKDGTIRFDATDAPITHFRPREIGVSVEKLRELGYTHDFEGKPLVSEDQIVELKPQDIILSKEAG
RYLLKVAKFVDDLLEKFYGLPRFYNAEKMEDLIGHLVIGLAPHTSAGIVGRIIGFVDALVGYAHPYFHAAKRRNCDGDED
AVMLLLDALLNFSRYYLPEKRGGKMDAPLVITTRLDPREVDSEVHNMDIVRYYPLEFYEATYELKSPKELVGVIERVEDR
LGKPEMYYGLKFTHDTDDIALGPKMSLYKQLGDMEEKVRRQLEVAKRIRAVDEHGVAEKILNSHLIPDLRGNLRSFTRQE
FRCVKCNTKFRRPPLNGKCPVCGGKIVLTVSKGAIEKYLGTAKMLVTEYNVKNYTRQRICLTERDIDSLFENVFPETQLT
LIVNPNDICQRLVMARTGEVNKSGLLENLSNGSKKTEKAEKAEKPRKKSDEKPKKKRVISLEEFFSRKSK
;
B
#
# COMPACT_ATOMS: atom_id res chain seq x y z
N GLU A 216 18.61 -28.15 -31.50
CA GLU A 216 17.34 -28.61 -32.06
C GLU A 216 16.43 -27.42 -32.34
N TYR A 217 16.47 -26.92 -33.57
CA TYR A 217 15.65 -25.77 -33.97
C TYR A 217 15.08 -25.93 -35.37
N SER A 218 14.82 -27.16 -35.79
CA SER A 218 14.20 -27.38 -37.09
C SER A 218 12.78 -26.86 -37.09
N LYS A 219 12.42 -26.15 -38.16
CA LYS A 219 11.12 -25.48 -38.27
C LYS A 219 10.42 -25.88 -39.56
N TYR A 220 10.50 -27.16 -39.92
CA TYR A 220 9.80 -27.71 -41.07
C TYR A 220 10.14 -26.95 -42.35
N GLU A 221 11.41 -26.56 -42.47
CA GLU A 221 11.84 -25.78 -43.62
C GLU A 221 11.76 -26.58 -44.91
N ASP A 222 12.10 -27.87 -44.85
CA ASP A 222 12.17 -28.73 -46.02
C ASP A 222 11.04 -29.75 -46.05
N VAL A 223 9.84 -29.33 -45.64
CA VAL A 223 8.65 -30.17 -45.70
C VAL A 223 7.93 -29.80 -46.99
N VAL A 224 8.13 -30.61 -48.03
CA VAL A 224 7.54 -30.38 -49.34
C VAL A 224 6.75 -31.62 -49.73
N ILE A 225 5.48 -31.43 -50.09
CA ILE A 225 4.61 -32.49 -50.56
C ILE A 225 4.02 -32.06 -51.90
N GLU A 226 4.15 -32.91 -52.90
CA GLU A 226 3.73 -32.60 -54.26
C GLU A 226 2.43 -33.32 -54.59
N TRP A 227 1.63 -32.70 -55.46
CA TRP A 227 0.36 -33.28 -55.85
C TRP A 227 0.58 -34.58 -56.62
N ASN A 228 -0.26 -35.58 -56.32
CA ASN A 228 -0.15 -36.87 -56.98
C ASN A 228 -0.68 -36.77 -58.41
N PRO A 229 0.13 -37.06 -59.43
CA PRO A 229 -0.34 -37.01 -60.82
C PRO A 229 -1.12 -38.26 -61.24
N SER A 230 -2.07 -38.66 -60.39
CA SER A 230 -2.93 -39.81 -60.68
C SER A 230 -4.39 -39.42 -60.49
N VAL A 231 -4.66 -38.55 -59.52
CA VAL A 231 -6.01 -38.09 -59.22
C VAL A 231 -6.15 -36.67 -59.76
N THR A 232 -7.06 -36.48 -60.71
CA THR A 232 -7.29 -35.18 -61.32
C THR A 232 -8.47 -34.49 -60.66
N PRO A 233 -8.27 -33.33 -60.03
CA PRO A 233 -9.39 -32.65 -59.37
C PRO A 233 -10.43 -32.20 -60.39
N VAL A 234 -11.69 -32.15 -59.92
CA VAL A 234 -12.80 -31.72 -60.77
C VAL A 234 -12.91 -30.20 -60.71
N GLN A 235 -13.04 -29.57 -61.88
CA GLN A 235 -13.10 -28.12 -61.95
C GLN A 235 -14.42 -27.63 -61.37
N ILE A 236 -14.32 -26.80 -60.33
CA ILE A 236 -15.48 -26.23 -59.66
C ILE A 236 -15.23 -24.75 -59.41
N GLU A 237 -16.24 -23.93 -59.69
CA GLU A 237 -16.15 -22.48 -59.49
C GLU A 237 -16.29 -22.18 -58.00
N LYS A 238 -15.26 -21.55 -57.42
CA LYS A 238 -15.26 -21.23 -56.00
C LYS A 238 -16.23 -20.08 -55.75
N ASN A 239 -17.42 -20.41 -55.25
CA ASN A 239 -18.43 -19.42 -54.89
C ASN A 239 -18.40 -19.26 -53.37
N TYR A 240 -17.91 -18.11 -52.91
CA TYR A 240 -17.74 -17.85 -51.49
C TYR A 240 -17.67 -16.35 -51.27
N GLU A 241 -17.98 -15.94 -50.04
CA GLU A 241 -17.82 -14.55 -49.62
C GLU A 241 -17.91 -14.45 -48.10
N VAL A 242 -17.06 -13.62 -47.50
CA VAL A 242 -17.07 -13.44 -46.05
C VAL A 242 -18.27 -12.58 -45.68
N LYS A 243 -19.09 -13.08 -44.76
CA LYS A 243 -20.33 -12.40 -44.39
C LYS A 243 -20.22 -11.57 -43.12
N PHE A 244 -19.28 -11.89 -42.24
CA PHE A 244 -19.09 -11.12 -41.02
C PHE A 244 -17.61 -11.09 -40.66
N ASP A 245 -17.13 -9.91 -40.26
CA ASP A 245 -15.75 -9.73 -39.84
C ASP A 245 -15.73 -8.64 -38.78
N VAL A 246 -14.94 -8.85 -37.73
CA VAL A 246 -14.93 -7.90 -36.61
C VAL A 246 -14.38 -6.56 -37.05
N ARG A 247 -13.31 -6.56 -37.85
CA ARG A 247 -12.75 -5.30 -38.34
C ARG A 247 -13.51 -4.83 -39.58
N GLN A 248 -14.83 -4.86 -39.49
CA GLN A 248 -15.71 -4.31 -40.51
C GLN A 248 -16.79 -3.40 -39.96
N VAL A 249 -17.23 -3.60 -38.72
CA VAL A 249 -18.10 -2.67 -38.03
C VAL A 249 -17.23 -1.55 -37.47
N LYS A 250 -17.54 -0.31 -37.86
CA LYS A 250 -16.77 0.83 -37.39
C LYS A 250 -17.32 1.26 -36.03
N LEU A 251 -16.58 0.93 -34.97
CA LEU A 251 -17.00 1.27 -33.61
C LEU A 251 -16.56 2.69 -33.32
N ARG A 252 -17.55 3.58 -33.23
CA ARG A 252 -17.26 5.00 -32.89
C ARG A 252 -16.96 5.09 -31.41
N PRO A 253 -15.78 5.62 -31.02
CA PRO A 253 -15.39 5.68 -29.62
C PRO A 253 -16.30 6.69 -28.91
N PRO A 254 -16.42 6.64 -27.57
CA PRO A 254 -17.36 7.52 -26.88
C PRO A 254 -16.88 8.95 -26.54
N LYS A 255 -17.81 9.93 -26.44
CA LYS A 255 -17.48 11.30 -26.09
C LYS A 255 -17.79 11.53 -24.61
N VAL A 256 -16.89 12.21 -23.92
CA VAL A 256 -17.07 12.47 -22.50
C VAL A 256 -18.26 13.39 -22.28
N LYS A 257 -18.89 13.29 -21.12
CA LYS A 257 -20.03 14.13 -20.80
C LYS A 257 -19.66 15.60 -20.71
N ASN A 258 -18.38 15.91 -20.50
CA ASN A 258 -17.90 17.28 -20.47
C ASN A 258 -16.51 17.31 -21.12
N GLY A 259 -15.86 18.46 -21.05
CA GLY A 259 -14.55 18.64 -21.66
C GLY A 259 -13.36 18.37 -20.77
N SER A 260 -13.57 17.85 -19.55
CA SER A 260 -12.47 17.62 -18.62
C SER A 260 -12.63 16.27 -17.94
N GLY A 261 -12.96 15.24 -18.70
CA GLY A 261 -13.11 13.91 -18.16
C GLY A 261 -11.78 13.20 -17.96
N LYS A 262 -11.85 12.01 -17.37
CA LYS A 262 -10.68 11.20 -17.10
C LYS A 262 -10.95 9.77 -17.56
N GLU A 263 -10.02 8.87 -17.24
CA GLU A 263 -10.11 7.50 -17.74
C GLU A 263 -11.15 6.68 -17.00
N GLY A 264 -11.40 6.99 -15.72
CA GLY A 264 -12.21 6.12 -14.89
C GLY A 264 -13.68 6.08 -15.26
N GLU A 265 -14.15 7.02 -16.09
CA GLU A 265 -15.56 7.10 -16.44
C GLU A 265 -15.87 6.57 -17.82
N ILE A 266 -14.94 6.74 -18.77
CA ILE A 266 -15.17 6.28 -20.14
C ILE A 266 -15.28 4.76 -20.18
N ILE A 267 -14.48 4.06 -19.38
CA ILE A 267 -14.53 2.61 -19.36
C ILE A 267 -15.89 2.12 -18.85
N VAL A 268 -16.38 2.74 -17.78
CA VAL A 268 -17.68 2.36 -17.23
C VAL A 268 -18.78 2.62 -18.24
N GLU A 269 -18.73 3.78 -18.89
CA GLU A 269 -19.75 4.11 -19.89
C GLU A 269 -19.71 3.15 -21.07
N ALA A 270 -18.50 2.76 -21.50
CA ALA A 270 -18.38 1.81 -22.61
C ALA A 270 -18.94 0.44 -22.24
N TYR A 271 -18.66 -0.02 -21.02
CA TYR A 271 -19.23 -1.30 -20.58
C TYR A 271 -20.75 -1.24 -20.52
N ALA A 272 -21.30 -0.13 -20.00
CA ALA A 272 -22.74 0.02 -19.95
C ALA A 272 -23.34 0.04 -21.36
N SER A 273 -22.68 0.71 -22.30
CA SER A 273 -23.15 0.74 -23.68
C SER A 273 -23.12 -0.65 -24.31
N LEU A 274 -22.08 -1.43 -24.01
CA LEU A 274 -22.00 -2.80 -24.50
C LEU A 274 -23.18 -3.62 -24.02
N PHE A 275 -23.49 -3.53 -22.72
CA PHE A 275 -24.59 -4.31 -22.18
C PHE A 275 -25.94 -3.84 -22.72
N LYS A 276 -26.10 -2.52 -22.91
CA LYS A 276 -27.31 -2.01 -23.52
C LYS A 276 -27.50 -2.56 -24.93
N SER A 277 -26.42 -2.56 -25.72
CA SER A 277 -26.51 -3.08 -27.08
C SER A 277 -26.85 -4.56 -27.08
N ARG A 278 -26.24 -5.34 -26.18
CA ARG A 278 -26.57 -6.75 -26.08
C ARG A 278 -28.05 -6.95 -25.78
N LEU A 279 -28.57 -6.22 -24.78
CA LEU A 279 -29.97 -6.37 -24.42
C LEU A 279 -30.90 -5.99 -25.56
N SER A 280 -30.60 -4.88 -26.25
CA SER A 280 -31.45 -4.44 -27.34
C SER A 280 -31.46 -5.46 -28.49
N LYS A 281 -30.28 -5.96 -28.86
CA LYS A 281 -30.21 -6.91 -29.97
C LYS A 281 -30.93 -8.21 -29.62
N LEU A 282 -30.74 -8.71 -28.40
CA LEU A 282 -31.40 -9.96 -28.03
C LEU A 282 -32.90 -9.77 -27.88
N LYS A 283 -33.36 -8.60 -27.46
CA LYS A 283 -34.79 -8.33 -27.43
C LYS A 283 -35.38 -8.30 -28.83
N ARG A 284 -34.67 -7.67 -29.77
CA ARG A 284 -35.15 -7.66 -31.16
C ARG A 284 -35.21 -9.07 -31.72
N ILE A 285 -34.23 -9.91 -31.38
CA ILE A 285 -34.27 -11.31 -31.80
C ILE A 285 -35.47 -12.02 -31.17
N LEU A 286 -35.70 -11.78 -29.88
CA LEU A 286 -36.79 -12.47 -29.18
C LEU A 286 -38.15 -12.10 -29.77
N ARG A 287 -38.35 -10.83 -30.12
CA ARG A 287 -39.64 -10.38 -30.64
C ARG A 287 -39.80 -10.77 -32.11
N GLU A 288 -39.69 -12.07 -32.37
CA GLU A 288 -39.91 -12.64 -33.69
C GLU A 288 -41.01 -13.69 -33.70
N ASN A 289 -41.05 -14.56 -32.70
CA ASN A 289 -42.09 -15.58 -32.65
C ASN A 289 -43.43 -14.95 -32.31
N PRO A 290 -44.53 -15.43 -32.90
CA PRO A 290 -45.84 -14.85 -32.60
C PRO A 290 -46.31 -15.13 -31.18
N GLU A 291 -45.72 -16.09 -30.47
CA GLU A 291 -46.22 -16.46 -29.15
C GLU A 291 -46.00 -15.36 -28.13
N ILE A 292 -44.96 -14.56 -28.29
CA ILE A 292 -44.65 -13.49 -27.34
C ILE A 292 -45.37 -12.22 -27.76
N SER A 293 -46.15 -11.65 -26.85
CA SER A 293 -46.91 -10.44 -27.13
C SER A 293 -47.20 -9.74 -25.81
N ASN A 294 -47.70 -8.50 -25.93
CA ASN A 294 -48.04 -7.67 -24.78
C ASN A 294 -46.81 -7.44 -23.88
N VAL A 295 -45.82 -6.76 -24.45
CA VAL A 295 -44.59 -6.42 -23.74
C VAL A 295 -44.81 -5.14 -22.96
N VAL A 296 -44.43 -5.15 -21.68
CA VAL A 296 -44.57 -3.99 -20.80
C VAL A 296 -43.22 -3.74 -20.14
N ASP A 297 -42.84 -2.46 -20.04
CA ASP A 297 -41.58 -2.11 -19.41
C ASP A 297 -41.60 -2.46 -17.93
N ILE A 298 -40.43 -2.83 -17.41
CA ILE A 298 -40.31 -3.15 -15.99
C ILE A 298 -40.55 -1.92 -15.13
N GLY A 299 -40.14 -0.74 -15.60
CA GLY A 299 -40.34 0.47 -14.81
C GLY A 299 -41.80 0.78 -14.55
N LYS A 300 -42.62 0.71 -15.59
CA LYS A 300 -44.06 0.97 -15.45
C LYS A 300 -44.81 -0.35 -15.27
N LEU A 301 -44.41 -1.09 -14.22
CA LEU A 301 -45.08 -2.33 -13.86
C LEU A 301 -46.08 -2.16 -12.73
N ASN A 302 -45.88 -1.17 -11.85
CA ASN A 302 -46.86 -0.89 -10.80
C ASN A 302 -48.14 -0.26 -11.35
N TYR A 303 -48.14 0.17 -12.61
CA TYR A 303 -49.31 0.79 -13.23
C TYR A 303 -50.08 -0.19 -14.09
N VAL A 304 -50.14 -1.45 -13.68
CA VAL A 304 -50.83 -2.50 -14.42
C VAL A 304 -51.77 -3.22 -13.48
N SER A 305 -52.75 -3.92 -14.05
CA SER A 305 -53.73 -4.65 -13.25
C SER A 305 -53.11 -5.93 -12.68
N GLY A 306 -53.96 -6.69 -11.98
CA GLY A 306 -53.57 -7.99 -11.46
C GLY A 306 -54.15 -9.18 -12.19
N ASP A 307 -54.88 -8.95 -13.29
CA ASP A 307 -55.56 -10.00 -14.04
C ASP A 307 -55.32 -9.84 -15.53
N GLU A 308 -54.06 -9.61 -15.91
CA GLU A 308 -53.68 -9.38 -17.29
C GLU A 308 -52.43 -10.19 -17.61
N GLU A 309 -52.28 -10.55 -18.88
CA GLU A 309 -51.14 -11.33 -19.35
C GLU A 309 -50.06 -10.37 -19.84
N VAL A 310 -48.93 -10.33 -19.13
CA VAL A 310 -47.84 -9.41 -19.42
C VAL A 310 -46.55 -10.18 -19.55
N THR A 311 -45.60 -9.58 -20.28
CA THR A 311 -44.28 -10.15 -20.48
C THR A 311 -43.21 -9.14 -20.13
N ILE A 312 -42.04 -9.63 -19.75
CA ILE A 312 -40.88 -8.79 -19.46
C ILE A 312 -39.65 -9.44 -20.08
N ILE A 313 -38.81 -8.61 -20.69
CA ILE A 313 -37.56 -9.06 -21.32
C ILE A 313 -36.41 -8.31 -20.64
N GLY A 314 -35.44 -9.06 -20.14
CA GLY A 314 -34.34 -8.42 -19.42
C GLY A 314 -33.22 -9.40 -19.17
N LEU A 315 -32.18 -8.88 -18.52
CA LEU A 315 -30.97 -9.64 -18.25
C LEU A 315 -31.04 -10.33 -16.90
N VAL A 316 -30.56 -11.56 -16.84
CA VAL A 316 -30.59 -12.35 -15.61
C VAL A 316 -29.44 -11.89 -14.72
N ASN A 317 -29.77 -11.22 -13.62
CA ASN A 317 -28.74 -10.78 -12.68
C ASN A 317 -28.19 -11.96 -11.88
N SER A 318 -29.07 -12.70 -11.20
CA SER A 318 -28.67 -13.87 -10.44
C SER A 318 -29.88 -14.77 -10.26
N LYS A 319 -29.63 -16.02 -9.93
CA LYS A 319 -30.67 -16.99 -9.68
C LYS A 319 -30.28 -17.87 -8.50
N ARG A 320 -31.28 -18.32 -7.75
CA ARG A 320 -31.09 -19.16 -6.58
C ARG A 320 -32.16 -20.25 -6.57
N GLU A 321 -32.08 -21.13 -5.59
CA GLU A 321 -32.96 -22.29 -5.50
C GLU A 321 -33.57 -22.38 -4.11
N THR A 322 -34.87 -22.67 -4.06
CA THR A 322 -35.59 -22.84 -2.81
C THR A 322 -36.52 -24.04 -2.96
N ASN A 323 -37.23 -24.36 -1.87
CA ASN A 323 -38.13 -25.50 -1.90
C ASN A 323 -39.32 -25.25 -2.83
N ARG A 324 -39.75 -23.98 -2.94
CA ARG A 324 -40.85 -23.65 -3.83
C ARG A 324 -40.42 -23.72 -5.29
N GLY A 325 -39.27 -23.14 -5.62
CA GLY A 325 -38.81 -23.08 -7.00
C GLY A 325 -37.56 -22.27 -7.19
N LEU A 326 -37.55 -21.41 -8.21
CA LEU A 326 -36.40 -20.58 -8.55
C LEU A 326 -36.79 -19.11 -8.48
N ILE A 327 -35.88 -18.28 -7.97
CA ILE A 327 -36.10 -16.84 -7.84
C ILE A 327 -35.05 -16.13 -8.68
N PHE A 328 -35.50 -15.19 -9.52
CA PHE A 328 -34.64 -14.45 -10.44
C PHE A 328 -34.58 -12.98 -10.04
N GLU A 329 -33.70 -12.26 -10.72
CA GLU A 329 -33.50 -10.82 -10.53
C GLU A 329 -33.42 -10.13 -11.88
N VAL A 330 -34.39 -10.42 -12.75
CA VAL A 330 -34.38 -9.90 -14.11
C VAL A 330 -34.32 -8.37 -14.09
N GLU A 331 -33.41 -7.81 -14.88
CA GLU A 331 -33.21 -6.37 -14.95
C GLU A 331 -33.16 -5.93 -16.40
N ASP A 332 -33.69 -4.74 -16.66
CA ASP A 332 -33.67 -4.16 -18.00
C ASP A 332 -33.37 -2.68 -17.86
N LYS A 333 -33.56 -1.92 -18.95
CA LYS A 333 -33.18 -0.52 -19.00
C LYS A 333 -33.92 0.34 -17.98
N THR A 334 -35.04 -0.13 -17.43
CA THR A 334 -35.90 0.67 -16.58
C THR A 334 -36.13 0.01 -15.22
N GLY A 335 -35.06 -0.47 -14.59
CA GLY A 335 -35.13 -0.95 -13.24
C GLY A 335 -35.12 -2.47 -13.14
N ILE A 336 -35.04 -2.93 -11.90
CA ILE A 336 -34.93 -4.35 -11.59
C ILE A 336 -36.26 -4.85 -11.05
N VAL A 337 -36.44 -6.18 -11.12
CA VAL A 337 -37.65 -6.82 -10.64
C VAL A 337 -37.29 -8.25 -10.26
N LYS A 338 -38.01 -8.79 -9.27
CA LYS A 338 -37.80 -10.16 -8.81
C LYS A 338 -38.89 -11.06 -9.37
N VAL A 339 -38.48 -12.19 -9.95
CA VAL A 339 -39.39 -13.10 -10.62
C VAL A 339 -39.26 -14.49 -10.00
N PHE A 340 -40.41 -15.12 -9.76
CA PHE A 340 -40.47 -16.46 -9.18
C PHE A 340 -41.13 -17.40 -10.19
N LEU A 341 -40.61 -18.61 -10.27
CA LEU A 341 -41.13 -19.63 -11.18
C LEU A 341 -41.40 -20.90 -10.39
N PRO A 342 -42.64 -21.40 -10.37
CA PRO A 342 -42.94 -22.60 -9.57
C PRO A 342 -42.24 -23.83 -10.12
N LYS A 343 -41.96 -24.78 -9.21
CA LYS A 343 -41.30 -26.02 -9.59
C LYS A 343 -42.16 -26.90 -10.48
N ASP A 344 -43.49 -26.72 -10.45
CA ASP A 344 -44.40 -27.54 -11.24
C ASP A 344 -44.53 -27.06 -12.67
N SER A 345 -43.82 -26.01 -13.06
CA SER A 345 -43.91 -25.49 -14.42
C SER A 345 -43.32 -26.47 -15.42
N GLU A 346 -43.80 -26.38 -16.66
CA GLU A 346 -43.32 -27.27 -17.72
C GLU A 346 -41.94 -26.85 -18.22
N ASP A 347 -41.57 -25.57 -18.05
CA ASP A 347 -40.28 -25.07 -18.48
C ASP A 347 -39.26 -25.00 -17.34
N TYR A 348 -39.56 -25.61 -16.20
CA TYR A 348 -38.64 -25.57 -15.07
C TYR A 348 -37.32 -26.25 -15.41
N ARG A 349 -37.38 -27.40 -16.08
CA ARG A 349 -36.16 -28.10 -16.47
C ARG A 349 -35.31 -27.28 -17.41
N GLU A 350 -35.95 -26.63 -18.39
CA GLU A 350 -35.21 -25.80 -19.34
C GLU A 350 -34.63 -24.57 -18.66
N ALA A 351 -35.40 -23.93 -17.77
CA ALA A 351 -34.94 -22.71 -17.12
C ALA A 351 -33.93 -22.98 -16.02
N PHE A 352 -33.82 -24.23 -15.56
CA PHE A 352 -32.84 -24.54 -14.51
C PHE A 352 -31.42 -24.37 -15.01
N LYS A 353 -31.14 -24.85 -16.22
CA LYS A 353 -29.78 -24.79 -16.77
C LYS A 353 -29.62 -23.55 -17.64
N VAL A 354 -29.76 -22.39 -16.99
CA VAL A 354 -29.50 -21.10 -17.61
C VAL A 354 -28.48 -20.37 -16.75
N LEU A 355 -27.58 -19.66 -17.40
CA LEU A 355 -26.50 -18.96 -16.73
C LEU A 355 -26.67 -17.45 -16.87
N PRO A 356 -26.18 -16.68 -15.90
CA PRO A 356 -26.53 -15.26 -15.82
C PRO A 356 -25.99 -14.47 -17.01
N ASP A 357 -26.46 -13.22 -17.08
CA ASP A 357 -26.17 -12.22 -18.10
C ASP A 357 -26.84 -12.54 -19.43
N ALA A 358 -27.61 -13.63 -19.52
CA ALA A 358 -28.36 -13.92 -20.72
C ALA A 358 -29.69 -13.17 -20.73
N VAL A 359 -30.30 -13.08 -21.90
CA VAL A 359 -31.55 -12.36 -22.08
C VAL A 359 -32.67 -13.38 -22.24
N VAL A 360 -33.69 -13.26 -21.38
CA VAL A 360 -34.81 -14.18 -21.35
C VAL A 360 -36.11 -13.38 -21.29
N ALA A 361 -37.21 -14.06 -21.61
CA ALA A 361 -38.54 -13.48 -21.57
C ALA A 361 -39.43 -14.29 -20.64
N PHE A 362 -40.26 -13.61 -19.86
CA PHE A 362 -41.12 -14.24 -18.89
C PHE A 362 -42.58 -13.87 -19.16
N LYS A 363 -43.48 -14.74 -18.69
CA LYS A 363 -44.91 -14.50 -18.79
C LYS A 363 -45.57 -14.88 -17.47
N GLY A 364 -46.40 -13.99 -16.94
CA GLY A 364 -47.06 -14.27 -15.67
C GLY A 364 -47.82 -13.06 -15.16
N PHE A 365 -48.15 -13.11 -13.88
CA PHE A 365 -48.94 -12.08 -13.22
C PHE A 365 -48.05 -11.32 -12.24
N TYR A 366 -48.13 -9.99 -12.27
CA TYR A 366 -47.36 -9.17 -11.35
C TYR A 366 -48.18 -8.87 -10.10
N SER A 367 -47.58 -9.13 -8.94
CA SER A 367 -48.19 -8.85 -7.66
C SER A 367 -47.71 -7.52 -7.12
N LYS A 368 -48.62 -6.77 -6.48
CA LYS A 368 -48.26 -5.51 -5.86
C LYS A 368 -47.47 -5.69 -4.57
N LYS A 369 -47.26 -6.93 -4.15
CA LYS A 369 -46.43 -7.22 -2.98
C LYS A 369 -44.95 -7.02 -3.26
N GLY A 370 -44.49 -7.32 -4.47
CA GLY A 370 -43.09 -7.15 -4.82
C GLY A 370 -42.50 -8.34 -5.55
N ILE A 371 -43.33 -9.27 -5.99
CA ILE A 371 -42.87 -10.46 -6.71
C ILE A 371 -43.69 -10.59 -7.98
N PHE A 372 -43.00 -10.90 -9.08
CA PHE A 372 -43.62 -11.14 -10.38
C PHE A 372 -43.76 -12.64 -10.55
N PHE A 373 -44.96 -13.16 -10.29
CA PHE A 373 -45.21 -14.59 -10.45
C PHE A 373 -45.36 -14.93 -11.91
N ALA A 374 -44.63 -15.96 -12.37
CA ALA A 374 -44.56 -16.31 -13.77
C ALA A 374 -45.03 -17.75 -13.98
N ASN A 375 -45.46 -18.04 -15.21
CA ASN A 375 -45.91 -19.37 -15.56
C ASN A 375 -45.31 -19.90 -16.86
N LYS A 376 -44.40 -19.16 -17.49
CA LYS A 376 -43.81 -19.59 -18.74
C LYS A 376 -42.41 -18.98 -18.86
N PHE A 377 -41.52 -19.70 -19.54
CA PHE A 377 -40.14 -19.29 -19.73
C PHE A 377 -39.81 -19.30 -21.22
N TYR A 378 -38.99 -18.34 -21.64
CA TYR A 378 -38.65 -18.19 -23.04
C TYR A 378 -37.15 -18.00 -23.20
N LEU A 379 -36.64 -18.41 -24.37
CA LEU A 379 -35.27 -18.20 -24.79
C LEU A 379 -35.31 -17.72 -26.24
N PRO A 380 -34.28 -17.01 -26.69
CA PRO A 380 -34.25 -16.60 -28.11
C PRO A 380 -34.36 -17.78 -29.07
N ASP A 381 -33.74 -18.90 -28.74
CA ASP A 381 -33.94 -20.18 -29.40
C ASP A 381 -33.69 -20.12 -30.91
N VAL A 382 -34.15 -21.15 -31.62
CA VAL A 382 -34.02 -21.25 -33.07
C VAL A 382 -35.39 -21.63 -33.63
N PRO A 383 -35.82 -21.04 -34.75
CA PRO A 383 -37.13 -21.41 -35.31
C PRO A 383 -37.19 -22.89 -35.66
N LEU A 384 -38.37 -23.48 -35.47
CA LEU A 384 -38.57 -24.90 -35.70
C LEU A 384 -38.62 -25.24 -37.19
N TYR A 385 -39.16 -24.35 -38.01
CA TYR A 385 -39.36 -24.62 -39.43
C TYR A 385 -38.42 -23.74 -40.26
N ARG A 386 -37.90 -24.32 -41.35
CA ARG A 386 -37.03 -23.60 -42.25
C ARG A 386 -37.22 -24.14 -43.66
N LYS A 387 -36.84 -23.32 -44.65
CA LYS A 387 -36.97 -23.68 -46.05
C LYS A 387 -35.66 -24.28 -46.54
N GLN A 388 -35.74 -25.45 -47.18
CA GLN A 388 -34.56 -26.07 -47.74
C GLN A 388 -34.03 -25.25 -48.91
N LYS A 389 -32.71 -25.22 -49.04
CA LYS A 389 -32.07 -24.45 -50.09
C LYS A 389 -32.07 -25.23 -51.41
N PRO A 390 -31.95 -24.53 -52.53
CA PRO A 390 -31.86 -25.23 -53.82
C PRO A 390 -30.65 -26.14 -53.86
N PRO A 391 -30.73 -27.27 -54.57
CA PRO A 391 -29.62 -28.21 -54.58
C PRO A 391 -28.44 -27.67 -55.38
N LEU A 392 -27.26 -28.20 -55.10
CA LEU A 392 -26.03 -27.82 -55.77
C LEU A 392 -25.87 -28.63 -57.05
N GLU A 393 -25.12 -28.07 -58.00
CA GLU A 393 -24.92 -28.77 -59.26
C GLU A 393 -23.94 -29.92 -59.10
N GLU A 394 -22.73 -29.64 -58.61
CA GLU A 394 -21.71 -30.65 -58.35
C GLU A 394 -21.40 -30.63 -56.87
N LYS A 395 -20.85 -31.74 -56.39
CA LYS A 395 -20.57 -31.88 -54.96
C LYS A 395 -19.30 -31.13 -54.58
N VAL A 396 -19.32 -30.52 -53.40
CA VAL A 396 -18.17 -29.80 -52.85
C VAL A 396 -18.00 -30.19 -51.39
N TYR A 397 -16.76 -30.23 -50.93
CA TYR A 397 -16.43 -30.68 -49.58
C TYR A 397 -15.58 -29.63 -48.86
N ALA A 398 -15.61 -29.69 -47.54
CA ALA A 398 -14.81 -28.82 -46.69
C ALA A 398 -14.22 -29.62 -45.53
N ILE A 399 -13.09 -29.13 -45.03
CA ILE A 399 -12.35 -29.79 -43.96
C ILE A 399 -12.14 -28.80 -42.82
N LEU A 400 -12.31 -29.29 -41.59
CA LEU A 400 -12.16 -28.47 -40.39
C LEU A 400 -10.91 -28.88 -39.61
N ILE A 401 -10.23 -27.89 -39.04
CA ILE A 401 -9.00 -28.08 -38.28
C ILE A 401 -8.99 -27.08 -37.13
N SER A 402 -8.38 -27.46 -36.02
CA SER A 402 -8.23 -26.54 -34.90
C SER A 402 -7.10 -26.99 -34.00
N ASP A 403 -6.59 -26.05 -33.20
CA ASP A 403 -5.67 -26.31 -32.09
C ASP A 403 -4.42 -27.07 -32.55
N ILE A 404 -3.78 -26.55 -33.60
CA ILE A 404 -2.58 -27.18 -34.11
C ILE A 404 -1.45 -27.11 -33.09
N HIS A 405 -1.26 -25.94 -32.46
CA HIS A 405 -0.27 -25.74 -31.41
C HIS A 405 1.16 -25.99 -31.92
N VAL A 406 1.53 -25.28 -32.99
CA VAL A 406 2.87 -25.39 -33.52
C VAL A 406 3.88 -24.86 -32.50
N GLY A 407 5.01 -25.57 -32.36
CA GLY A 407 6.06 -25.16 -31.46
C GLY A 407 6.05 -25.82 -30.10
N SER A 408 5.18 -26.81 -29.89
CA SER A 408 5.11 -27.52 -28.62
C SER A 408 5.80 -28.87 -28.74
N ARG A 409 6.27 -29.37 -27.60
CA ARG A 409 6.89 -30.70 -27.58
C ARG A 409 5.86 -31.80 -27.83
N GLU A 410 4.60 -31.56 -27.48
CA GLU A 410 3.54 -32.54 -27.65
C GLU A 410 2.83 -32.43 -28.99
N PHE A 411 3.25 -31.52 -29.86
CA PHE A 411 2.63 -31.39 -31.17
C PHE A 411 2.94 -32.63 -32.00
N CYS A 412 1.89 -33.23 -32.56
CA CYS A 412 2.01 -34.48 -33.32
C CYS A 412 2.34 -34.12 -34.76
N GLU A 413 3.64 -34.00 -35.06
CA GLU A 413 4.07 -33.55 -36.38
C GLU A 413 3.90 -34.64 -37.43
N LYS A 414 4.12 -35.91 -37.05
CA LYS A 414 4.05 -36.98 -38.03
C LYS A 414 2.63 -37.18 -38.55
N ALA A 415 1.64 -37.13 -37.65
CA ALA A 415 0.26 -37.24 -38.09
C ALA A 415 -0.14 -36.08 -38.98
N PHE A 416 0.33 -34.87 -38.65
CA PHE A 416 0.03 -33.71 -39.49
C PHE A 416 0.65 -33.86 -40.87
N LEU A 417 1.87 -34.38 -40.94
CA LEU A 417 2.49 -34.62 -42.24
C LEU A 417 1.71 -35.66 -43.04
N LYS A 418 1.28 -36.74 -42.37
CA LYS A 418 0.48 -37.75 -43.05
C LYS A 418 -0.83 -37.17 -43.57
N PHE A 419 -1.47 -36.30 -42.78
CA PHE A 419 -2.69 -35.65 -43.23
C PHE A 419 -2.42 -34.74 -44.42
N LEU A 420 -1.30 -34.03 -44.41
CA LEU A 420 -0.94 -33.19 -45.55
C LEU A 420 -0.73 -34.02 -46.81
N GLU A 421 -0.11 -35.18 -46.68
CA GLU A 421 -0.01 -36.10 -47.82
C GLU A 421 -1.38 -36.59 -48.25
N TRP A 422 -2.28 -36.82 -47.29
CA TRP A 422 -3.64 -37.23 -47.61
C TRP A 422 -4.34 -36.17 -48.45
N LEU A 423 -4.15 -34.89 -48.11
CA LEU A 423 -4.71 -33.81 -48.89
C LEU A 423 -4.16 -33.77 -50.31
N ASN A 424 -2.99 -34.36 -50.54
CA ASN A 424 -2.34 -34.30 -51.84
C ASN A 424 -2.64 -35.49 -52.73
N GLY A 425 -3.51 -36.40 -52.30
CA GLY A 425 -3.93 -37.52 -53.12
C GLY A 425 -3.40 -38.88 -52.68
N HIS A 426 -2.64 -38.94 -51.60
CA HIS A 426 -2.10 -40.22 -51.10
C HIS A 426 -3.21 -40.89 -50.30
N VAL A 427 -4.03 -41.68 -51.00
CA VAL A 427 -5.27 -42.21 -50.46
C VAL A 427 -5.43 -43.66 -50.91
N GLU A 428 -5.97 -44.49 -50.01
CA GLU A 428 -6.13 -45.91 -50.26
C GLU A 428 -7.46 -46.24 -50.94
N SER A 429 -8.58 -45.89 -50.32
CA SER A 429 -9.90 -46.30 -50.79
C SER A 429 -10.42 -45.36 -51.87
N LYS A 430 -11.20 -45.94 -52.79
CA LYS A 430 -11.67 -45.18 -53.95
C LYS A 430 -12.62 -44.05 -53.55
N GLU A 431 -13.52 -44.31 -52.59
CA GLU A 431 -14.40 -43.26 -52.12
C GLU A 431 -13.61 -42.10 -51.52
N GLU A 432 -12.51 -42.41 -50.82
CA GLU A 432 -11.65 -41.36 -50.31
C GLU A 432 -10.91 -40.64 -51.43
N GLU A 433 -10.59 -41.36 -52.51
CA GLU A 433 -10.08 -40.70 -53.72
C GLU A 433 -11.06 -39.67 -54.24
N GLU A 434 -12.33 -40.04 -54.34
CA GLU A 434 -13.34 -39.09 -54.83
C GLU A 434 -13.50 -37.91 -53.88
N ILE A 435 -13.52 -38.17 -52.58
CA ILE A 435 -13.64 -37.09 -51.60
C ILE A 435 -12.46 -36.13 -51.72
N VAL A 436 -11.24 -36.68 -51.84
CA VAL A 436 -10.06 -35.83 -52.00
C VAL A 436 -10.15 -35.01 -53.28
N SER A 437 -10.61 -35.63 -54.37
CA SER A 437 -10.79 -34.89 -55.61
C SER A 437 -11.84 -33.80 -55.48
N ARG A 438 -12.74 -33.93 -54.51
CA ARG A 438 -13.81 -32.96 -54.32
C ARG A 438 -13.53 -31.95 -53.20
N VAL A 439 -12.33 -31.94 -52.64
CA VAL A 439 -12.01 -31.04 -51.54
C VAL A 439 -11.70 -29.65 -52.09
N LYS A 440 -12.35 -28.62 -51.53
CA LYS A 440 -12.17 -27.26 -52.03
C LYS A 440 -11.83 -26.26 -50.94
N TYR A 441 -12.35 -26.45 -49.73
CA TYR A 441 -12.20 -25.46 -48.67
C TYR A 441 -11.63 -26.09 -47.42
N LEU A 442 -10.90 -25.28 -46.65
CA LEU A 442 -10.32 -25.70 -45.38
C LEU A 442 -10.41 -24.54 -44.39
N ILE A 443 -10.86 -24.84 -43.18
CA ILE A 443 -11.10 -23.82 -42.15
C ILE A 443 -10.35 -24.22 -40.88
N ILE A 444 -9.61 -23.27 -40.32
CA ILE A 444 -8.86 -23.47 -39.07
C ILE A 444 -9.41 -22.51 -38.03
N ALA A 445 -9.70 -23.02 -36.84
CA ALA A 445 -10.43 -22.29 -35.81
C ALA A 445 -9.55 -21.87 -34.64
N GLY A 446 -8.31 -21.48 -34.92
CA GLY A 446 -7.48 -20.81 -33.92
C GLY A 446 -6.49 -21.75 -33.25
N ASP A 447 -5.72 -21.15 -32.35
CA ASP A 447 -4.69 -21.85 -31.56
C ASP A 447 -3.70 -22.57 -32.46
N VAL A 448 -3.25 -21.90 -33.53
CA VAL A 448 -2.32 -22.51 -34.47
C VAL A 448 -0.88 -22.52 -33.98
N VAL A 449 -0.55 -21.75 -32.95
CA VAL A 449 0.78 -21.76 -32.36
C VAL A 449 0.65 -21.92 -30.84
N ASP A 450 1.71 -22.45 -30.23
CA ASP A 450 1.68 -22.72 -28.80
C ASP A 450 1.82 -21.45 -27.97
N GLY A 451 2.39 -20.39 -28.53
CA GLY A 451 2.46 -19.12 -27.84
C GLY A 451 3.71 -18.97 -27.01
N ILE A 452 3.82 -17.79 -26.39
CA ILE A 452 4.95 -17.42 -25.56
C ILE A 452 4.42 -16.86 -24.25
N GLY A 453 4.75 -17.52 -23.15
CA GLY A 453 4.37 -17.03 -21.84
C GLY A 453 2.92 -17.21 -21.47
N ILE A 454 2.27 -18.25 -21.99
CA ILE A 454 0.87 -18.49 -21.67
C ILE A 454 0.70 -18.84 -20.19
N TYR A 455 1.56 -19.69 -19.66
CA TYR A 455 1.53 -20.10 -18.27
C TYR A 455 2.95 -20.16 -17.73
N PRO A 456 3.13 -20.04 -16.42
CA PRO A 456 4.47 -20.20 -15.84
C PRO A 456 5.02 -21.60 -16.09
N GLY A 457 6.32 -21.68 -16.34
CA GLY A 457 6.93 -22.96 -16.62
C GLY A 457 6.72 -23.49 -18.01
N GLN A 458 6.27 -22.64 -18.94
CA GLN A 458 6.09 -23.06 -20.33
C GLN A 458 7.42 -23.16 -21.08
N TYR A 459 8.46 -22.46 -20.62
CA TYR A 459 9.73 -22.44 -21.35
C TYR A 459 10.29 -23.84 -21.54
N SER A 460 10.07 -24.73 -20.57
CA SER A 460 10.53 -26.11 -20.67
C SER A 460 9.63 -26.97 -21.56
N ASP A 461 8.47 -26.45 -21.96
CA ASP A 461 7.52 -27.19 -22.78
C ASP A 461 7.65 -26.89 -24.26
N LEU A 462 8.55 -25.99 -24.65
CA LEU A 462 8.59 -25.47 -26.01
C LEU A 462 9.81 -26.00 -26.75
N VAL A 463 9.57 -26.54 -27.95
CA VAL A 463 10.65 -26.84 -28.88
C VAL A 463 11.09 -25.58 -29.63
N ILE A 464 10.17 -24.67 -29.91
CA ILE A 464 10.47 -23.43 -30.62
C ILE A 464 10.12 -22.26 -29.71
N PRO A 465 11.05 -21.81 -28.85
CA PRO A 465 10.76 -20.70 -27.93
C PRO A 465 10.97 -19.33 -28.58
N ASP A 466 10.25 -19.09 -29.67
CA ASP A 466 10.33 -17.82 -30.40
C ASP A 466 9.08 -17.69 -31.24
N ILE A 467 8.30 -16.63 -31.01
CA ILE A 467 7.00 -16.52 -31.66
C ILE A 467 7.16 -16.31 -33.17
N PHE A 468 8.18 -15.56 -33.57
CA PHE A 468 8.45 -15.40 -35.00
C PHE A 468 8.77 -16.74 -35.64
N ASP A 469 9.61 -17.53 -34.99
CA ASP A 469 9.97 -18.84 -35.52
C ASP A 469 8.78 -19.78 -35.51
N GLN A 470 7.91 -19.67 -34.50
CA GLN A 470 6.70 -20.49 -34.48
C GLN A 470 5.82 -20.20 -35.69
N TYR A 471 5.60 -18.92 -35.98
CA TYR A 471 4.75 -18.57 -37.12
C TYR A 471 5.42 -18.94 -38.43
N GLU A 472 6.75 -18.82 -38.50
CA GLU A 472 7.46 -19.22 -39.72
C GLU A 472 7.33 -20.72 -39.96
N ALA A 473 7.46 -21.53 -38.89
CA ALA A 473 7.29 -22.96 -39.02
C ALA A 473 5.86 -23.31 -39.43
N LEU A 474 4.88 -22.64 -38.85
CA LEU A 474 3.48 -22.89 -39.22
C LEU A 474 3.24 -22.56 -40.68
N ALA A 475 3.78 -21.44 -41.16
CA ALA A 475 3.63 -21.08 -42.57
C ALA A 475 4.30 -22.09 -43.48
N ASN A 476 5.50 -22.54 -43.10
CA ASN A 476 6.19 -23.57 -43.90
C ASN A 476 5.38 -24.87 -43.94
N LEU A 477 4.75 -25.22 -42.82
CA LEU A 477 3.89 -26.40 -42.80
C LEU A 477 2.70 -26.24 -43.74
N LEU A 478 2.00 -25.11 -43.62
CA LEU A 478 0.77 -24.90 -44.40
C LEU A 478 1.04 -24.58 -45.86
N ALA A 479 2.28 -24.30 -46.24
CA ALA A 479 2.58 -24.01 -47.64
C ALA A 479 2.40 -25.23 -48.55
N ASN A 480 2.24 -26.43 -47.99
CA ASN A 480 2.18 -27.65 -48.78
C ASN A 480 0.77 -28.03 -49.22
N VAL A 481 -0.23 -27.22 -48.89
CA VAL A 481 -1.61 -27.50 -49.31
C VAL A 481 -1.71 -27.30 -50.82
N PRO A 482 -2.61 -27.99 -51.50
CA PRO A 482 -2.77 -27.77 -52.95
C PRO A 482 -3.25 -26.36 -53.25
N GLU A 483 -2.87 -25.87 -54.42
CA GLU A 483 -3.21 -24.51 -54.85
C GLU A 483 -4.70 -24.33 -55.14
N HIS A 484 -5.46 -25.42 -55.21
CA HIS A 484 -6.89 -25.35 -55.51
C HIS A 484 -7.76 -25.31 -54.26
N ILE A 485 -7.15 -25.15 -53.09
CA ILE A 485 -7.88 -25.10 -51.82
C ILE A 485 -7.69 -23.72 -51.21
N THR A 486 -8.78 -23.16 -50.69
CA THR A 486 -8.76 -21.86 -50.03
C THR A 486 -8.82 -22.06 -48.53
N MET A 487 -7.91 -21.42 -47.80
CA MET A 487 -7.78 -21.59 -46.36
C MET A 487 -8.28 -20.33 -45.65
N PHE A 488 -9.12 -20.52 -44.65
CA PHE A 488 -9.58 -19.45 -43.78
C PHE A 488 -9.03 -19.70 -42.39
N ILE A 489 -8.27 -18.75 -41.87
CA ILE A 489 -7.56 -18.90 -40.59
C ILE A 489 -8.04 -17.85 -39.61
N GLY A 490 -8.32 -18.28 -38.38
CA GLY A 490 -8.69 -17.38 -37.32
C GLY A 490 -7.76 -17.49 -36.14
N PRO A 491 -7.70 -16.47 -35.31
CA PRO A 491 -6.81 -16.49 -34.13
C PRO A 491 -7.43 -17.29 -32.98
N GLY A 492 -6.65 -17.44 -31.92
CA GLY A 492 -7.09 -18.16 -30.75
C GLY A 492 -6.57 -17.55 -29.47
N ASN A 493 -6.60 -18.29 -28.36
CA ASN A 493 -6.18 -17.76 -27.07
C ASN A 493 -4.70 -17.93 -26.79
N ALA A 494 -3.97 -18.65 -27.65
CA ALA A 494 -2.53 -18.81 -27.51
C ALA A 494 -1.73 -18.02 -28.52
N ASP A 495 -2.37 -17.48 -29.56
CA ASP A 495 -1.68 -16.73 -30.59
C ASP A 495 -1.38 -15.32 -30.12
N ALA A 496 -0.52 -14.63 -30.88
CA ALA A 496 -0.28 -13.22 -30.66
C ALA A 496 -1.45 -12.40 -31.21
N ALA A 497 -2.45 -12.17 -30.37
CA ALA A 497 -3.64 -11.43 -30.77
C ALA A 497 -4.22 -10.73 -29.54
N ARG A 498 -5.40 -10.15 -29.70
CA ARG A 498 -5.98 -9.34 -28.66
C ARG A 498 -6.24 -10.18 -27.41
N PRO A 499 -5.98 -9.65 -26.22
CA PRO A 499 -6.20 -10.45 -25.00
C PRO A 499 -7.65 -10.89 -24.80
N ALA A 500 -8.61 -10.08 -25.18
CA ALA A 500 -10.02 -10.36 -24.95
C ALA A 500 -10.76 -10.45 -26.27
N ILE A 501 -11.82 -11.26 -26.28
CA ILE A 501 -12.64 -11.44 -27.48
C ILE A 501 -13.61 -10.27 -27.60
N PRO A 502 -14.00 -9.87 -28.81
CA PRO A 502 -13.61 -10.42 -30.13
C PRO A 502 -12.22 -10.00 -30.55
N GLN A 503 -11.49 -10.85 -31.27
CA GLN A 503 -10.16 -10.54 -31.73
C GLN A 503 -10.22 -10.17 -33.21
N PRO A 504 -9.94 -8.92 -33.58
CA PRO A 504 -10.07 -8.54 -35.01
C PRO A 504 -9.22 -9.36 -35.95
N GLU A 505 -7.98 -9.67 -35.58
CA GLU A 505 -7.06 -10.40 -36.44
C GLU A 505 -5.82 -10.73 -35.62
N PHE A 506 -4.82 -11.31 -36.29
CA PHE A 506 -3.50 -11.47 -35.69
C PHE A 506 -2.79 -10.13 -35.63
N TYR A 507 -1.73 -10.08 -34.83
CA TYR A 507 -0.79 -8.97 -34.92
C TYR A 507 0.04 -9.14 -36.19
N LYS A 508 -0.05 -8.18 -37.10
CA LYS A 508 0.53 -8.36 -38.43
C LYS A 508 2.05 -8.48 -38.38
N GLU A 509 2.70 -7.71 -37.51
CA GLU A 509 4.16 -7.74 -37.45
C GLU A 509 4.70 -9.05 -36.90
N TYR A 510 3.84 -9.90 -36.33
CA TYR A 510 4.27 -11.21 -35.84
C TYR A 510 3.78 -12.36 -36.71
N ALA A 511 2.62 -12.22 -37.35
CA ALA A 511 2.02 -13.27 -38.17
C ALA A 511 2.20 -13.01 -39.66
N LYS A 512 3.13 -12.13 -40.03
CA LYS A 512 3.37 -11.85 -41.44
C LYS A 512 3.69 -13.08 -42.28
N PRO A 513 4.48 -14.06 -41.82
CA PRO A 513 4.72 -15.25 -42.66
C PRO A 513 3.46 -16.00 -43.03
N ILE A 514 2.44 -16.00 -42.17
CA ILE A 514 1.20 -16.66 -42.53
C ILE A 514 0.28 -15.70 -43.30
N TYR A 515 0.47 -14.40 -43.13
CA TYR A 515 -0.26 -13.44 -43.96
C TYR A 515 0.20 -13.50 -45.41
N LYS A 516 1.46 -13.88 -45.64
CA LYS A 516 2.05 -13.86 -46.98
C LYS A 516 1.68 -15.07 -47.84
N LEU A 517 0.97 -16.05 -47.28
CA LEU A 517 0.61 -17.24 -48.05
C LEU A 517 -0.29 -16.86 -49.23
N LYS A 518 -0.15 -17.60 -50.33
CA LYS A 518 -0.86 -17.25 -51.55
C LYS A 518 -2.37 -17.39 -51.39
N ASN A 519 -2.82 -18.47 -50.75
CA ASN A 519 -4.25 -18.78 -50.68
C ASN A 519 -4.81 -18.72 -49.27
N ALA A 520 -4.09 -18.11 -48.33
CA ALA A 520 -4.57 -18.01 -46.95
C ALA A 520 -5.37 -16.73 -46.76
N ILE A 521 -6.55 -16.87 -46.16
CA ILE A 521 -7.43 -15.75 -45.87
C ILE A 521 -7.59 -15.65 -44.36
N ILE A 522 -7.25 -14.49 -43.81
CA ILE A 522 -7.26 -14.30 -42.37
C ILE A 522 -8.59 -13.70 -41.95
N ILE A 523 -9.31 -14.42 -41.09
CA ILE A 523 -10.63 -13.99 -40.64
C ILE A 523 -10.55 -13.67 -39.14
N SER A 524 -11.67 -13.21 -38.57
CA SER A 524 -11.70 -12.76 -37.19
C SER A 524 -12.36 -13.82 -36.30
N ASN A 525 -12.56 -13.45 -35.04
CA ASN A 525 -13.12 -14.34 -34.03
C ASN A 525 -14.20 -13.60 -33.27
N PRO A 526 -15.49 -13.86 -33.51
CA PRO A 526 -16.06 -14.81 -34.47
C PRO A 526 -16.22 -14.26 -35.87
N ALA A 527 -16.36 -15.13 -36.88
CA ALA A 527 -16.58 -14.72 -38.25
C ALA A 527 -17.59 -15.66 -38.89
N VAL A 528 -18.25 -15.16 -39.92
CA VAL A 528 -19.27 -15.91 -40.66
C VAL A 528 -18.87 -15.94 -42.13
N ILE A 529 -18.88 -17.13 -42.71
CA ILE A 529 -18.50 -17.33 -44.11
C ILE A 529 -19.66 -17.98 -44.83
N ARG A 530 -19.81 -17.63 -46.11
CA ARG A 530 -20.92 -18.11 -46.93
C ARG A 530 -20.36 -18.83 -48.16
N LEU A 531 -20.29 -20.15 -48.09
CA LEU A 531 -19.83 -20.97 -49.20
C LEU A 531 -21.03 -21.58 -49.90
N HIS A 532 -21.23 -21.21 -51.17
CA HIS A 532 -22.33 -21.73 -51.99
C HIS A 532 -23.68 -21.51 -51.31
N GLY A 533 -23.84 -20.35 -50.69
CA GLY A 533 -25.09 -20.01 -50.01
C GLY A 533 -25.24 -20.62 -48.64
N ARG A 534 -24.25 -21.32 -48.12
CA ARG A 534 -24.31 -21.95 -46.82
C ARG A 534 -23.48 -21.15 -45.83
N ASP A 535 -24.11 -20.74 -44.72
CA ASP A 535 -23.46 -19.90 -43.73
C ASP A 535 -22.75 -20.76 -42.70
N PHE A 536 -21.48 -20.44 -42.44
CA PHE A 536 -20.67 -21.12 -41.45
C PHE A 536 -20.27 -20.13 -40.37
N LEU A 537 -20.59 -20.44 -39.12
CA LEU A 537 -20.23 -19.60 -37.98
C LEU A 537 -19.00 -20.22 -37.31
N ILE A 538 -17.85 -19.55 -37.44
CA ILE A 538 -16.58 -20.07 -36.97
C ILE A 538 -16.14 -19.27 -35.76
N ALA A 539 -15.91 -19.97 -34.65
CA ALA A 539 -15.42 -19.35 -33.43
C ALA A 539 -14.47 -20.32 -32.74
N HIS A 540 -13.66 -19.81 -31.82
CA HIS A 540 -12.73 -20.68 -31.10
C HIS A 540 -13.48 -21.53 -30.08
N GLY A 541 -14.20 -20.90 -29.16
CA GLY A 541 -15.03 -21.65 -28.23
C GLY A 541 -14.64 -21.55 -26.78
N ARG A 542 -14.11 -20.40 -26.36
CA ARG A 542 -13.77 -20.20 -24.96
C ARG A 542 -14.99 -20.16 -24.05
N GLY A 543 -16.18 -20.01 -24.61
CA GLY A 543 -17.39 -19.94 -23.81
C GLY A 543 -17.96 -21.27 -23.37
N ILE A 544 -17.45 -22.38 -23.91
CA ILE A 544 -17.92 -23.70 -23.51
C ILE A 544 -17.57 -23.96 -22.05
N GLU A 545 -16.47 -23.38 -21.57
CA GLU A 545 -16.03 -23.61 -20.19
C GLU A 545 -17.05 -23.09 -19.19
N ASP A 546 -17.69 -21.94 -19.49
CA ASP A 546 -18.69 -21.40 -18.58
C ASP A 546 -19.88 -22.35 -18.45
N VAL A 547 -20.36 -22.86 -19.59
CA VAL A 547 -21.49 -23.79 -19.56
C VAL A 547 -21.11 -25.07 -18.83
N VAL A 548 -19.88 -25.55 -19.06
CA VAL A 548 -19.43 -26.77 -18.40
C VAL A 548 -19.36 -26.57 -16.89
N SER A 549 -18.83 -25.43 -16.45
CA SER A 549 -18.63 -25.18 -15.03
C SER A 549 -19.90 -24.77 -14.31
N PHE A 550 -20.96 -24.39 -15.04
CA PHE A 550 -22.24 -24.07 -14.36
C PHE A 550 -23.14 -25.31 -14.40
N VAL A 551 -23.84 -25.51 -15.51
CA VAL A 551 -24.76 -26.68 -15.64
C VAL A 551 -24.07 -27.94 -15.10
N PRO A 552 -24.70 -28.69 -14.17
CA PRO A 552 -24.15 -29.97 -13.67
C PRO A 552 -24.50 -31.19 -14.54
N GLY A 553 -23.52 -32.03 -14.86
CA GLY A 553 -23.76 -33.19 -15.75
C GLY A 553 -23.12 -32.99 -17.11
N LEU A 554 -22.39 -31.90 -17.30
CA LEU A 554 -21.73 -31.57 -18.55
C LEU A 554 -20.22 -31.60 -18.34
N THR A 555 -19.51 -32.30 -19.21
CA THR A 555 -18.06 -32.46 -19.11
C THR A 555 -17.43 -32.11 -20.44
N HIS A 556 -16.11 -31.88 -20.39
CA HIS A 556 -15.36 -31.56 -21.61
C HIS A 556 -15.29 -32.72 -22.57
N HIS A 557 -15.52 -33.95 -22.10
CA HIS A 557 -15.48 -35.11 -22.97
C HIS A 557 -16.64 -35.13 -23.96
N LYS A 558 -17.72 -34.43 -23.66
CA LYS A 558 -18.87 -34.30 -24.56
C LYS A 558 -19.18 -32.82 -24.72
N PRO A 559 -18.40 -32.12 -25.55
CA PRO A 559 -18.60 -30.66 -25.69
C PRO A 559 -19.77 -30.27 -26.58
N GLY A 560 -20.43 -31.24 -27.25
CA GLY A 560 -21.46 -30.89 -28.20
C GLY A 560 -22.72 -30.33 -27.54
N LEU A 561 -22.95 -30.65 -26.27
CA LEU A 561 -24.13 -30.17 -25.57
C LEU A 561 -23.98 -28.72 -25.09
N PRO A 562 -22.85 -28.32 -24.50
CA PRO A 562 -22.67 -26.89 -24.20
C PRO A 562 -22.74 -26.02 -25.45
N MET A 563 -22.31 -26.54 -26.59
CA MET A 563 -22.46 -25.82 -27.84
C MET A 563 -23.94 -25.57 -28.15
N VAL A 564 -24.79 -26.57 -27.93
CA VAL A 564 -26.22 -26.39 -28.14
C VAL A 564 -26.80 -25.40 -27.14
N GLU A 565 -26.29 -25.41 -25.91
CA GLU A 565 -26.75 -24.43 -24.92
C GLU A 565 -26.42 -23.01 -25.38
N LEU A 566 -25.19 -22.79 -25.86
CA LEU A 566 -24.81 -21.48 -26.35
C LEU A 566 -25.64 -21.08 -27.57
N LEU A 567 -25.93 -22.05 -28.45
CA LEU A 567 -26.76 -21.75 -29.61
C LEU A 567 -28.17 -21.35 -29.19
N LYS A 568 -28.75 -22.05 -28.21
CA LYS A 568 -30.08 -21.71 -27.73
C LYS A 568 -30.11 -20.32 -27.13
N MET A 569 -29.09 -19.99 -26.33
CA MET A 569 -29.05 -18.66 -25.73
C MET A 569 -28.55 -17.60 -26.71
N ARG A 570 -28.12 -18.01 -27.90
CA ARG A 570 -27.77 -17.11 -29.01
C ARG A 570 -26.66 -16.13 -28.63
N HIS A 571 -25.77 -16.54 -27.73
CA HIS A 571 -24.61 -15.74 -27.38
C HIS A 571 -23.42 -16.66 -27.23
N LEU A 572 -22.23 -16.16 -27.56
CA LEU A 572 -21.02 -16.96 -27.55
C LEU A 572 -20.25 -16.89 -26.24
N ALA A 573 -20.49 -15.87 -25.42
CA ALA A 573 -19.80 -15.75 -24.13
C ALA A 573 -20.63 -14.87 -23.21
N PRO A 574 -21.74 -15.37 -22.66
CA PRO A 574 -22.66 -14.52 -21.89
C PRO A 574 -22.09 -14.05 -20.56
N THR A 575 -21.58 -14.98 -19.76
CA THR A 575 -21.18 -14.65 -18.39
C THR A 575 -20.00 -13.68 -18.37
N PHE A 576 -20.14 -12.63 -17.58
CA PHE A 576 -19.08 -11.65 -17.38
C PHE A 576 -18.48 -11.85 -15.99
N GLY A 577 -17.15 -11.95 -15.94
CA GLY A 577 -16.47 -12.19 -14.68
C GLY A 577 -16.12 -13.62 -14.40
N GLY A 578 -16.25 -14.52 -15.36
CA GLY A 578 -15.95 -15.92 -15.15
C GLY A 578 -14.59 -16.33 -15.67
N LYS A 579 -14.55 -17.30 -16.59
CA LYS A 579 -13.31 -17.81 -17.15
C LYS A 579 -13.00 -17.23 -18.52
N VAL A 580 -13.76 -16.22 -18.96
CA VAL A 580 -13.56 -15.62 -20.28
C VAL A 580 -13.35 -14.12 -20.11
N PRO A 581 -12.35 -13.54 -20.79
CA PRO A 581 -12.19 -12.07 -20.75
C PRO A 581 -12.99 -11.38 -21.84
N ILE A 582 -13.64 -10.28 -21.46
CA ILE A 582 -14.51 -9.53 -22.36
C ILE A 582 -13.94 -8.12 -22.52
N ALA A 583 -13.77 -7.69 -23.76
CA ALA A 583 -13.21 -6.39 -24.08
C ALA A 583 -14.23 -5.28 -23.84
N PRO A 584 -13.77 -4.09 -23.45
CA PRO A 584 -14.71 -2.96 -23.24
C PRO A 584 -15.08 -2.25 -24.54
N ASP A 585 -15.75 -2.99 -25.42
CA ASP A 585 -16.20 -2.41 -26.67
C ASP A 585 -17.56 -1.75 -26.50
N PRO A 586 -17.87 -0.69 -27.25
CA PRO A 586 -19.19 -0.04 -27.11
C PRO A 586 -20.31 -0.77 -27.82
N GLU A 587 -20.02 -1.81 -28.60
CA GLU A 587 -21.02 -2.58 -29.31
C GLU A 587 -20.72 -4.06 -29.16
N ASP A 588 -21.78 -4.84 -28.96
CA ASP A 588 -21.64 -6.29 -28.76
C ASP A 588 -21.64 -6.99 -30.12
N LEU A 589 -20.55 -7.69 -30.42
CA LEU A 589 -20.42 -8.45 -31.66
C LEU A 589 -20.45 -9.95 -31.41
N LEU A 590 -20.68 -10.38 -30.18
CA LEU A 590 -20.73 -11.80 -29.84
C LEU A 590 -22.14 -12.36 -29.90
N VAL A 591 -23.13 -11.56 -30.27
CA VAL A 591 -24.50 -12.04 -30.41
C VAL A 591 -24.69 -12.66 -31.79
N ILE A 592 -25.22 -13.88 -31.83
CA ILE A 592 -25.49 -14.55 -33.09
C ILE A 592 -26.70 -13.89 -33.73
N GLU A 593 -26.45 -12.98 -34.68
CA GLU A 593 -27.55 -12.20 -35.26
C GLU A 593 -28.42 -13.06 -36.18
N GLU A 594 -27.80 -13.85 -37.04
CA GLU A 594 -28.51 -14.67 -38.01
C GLU A 594 -28.25 -16.15 -37.71
N VAL A 595 -29.24 -16.98 -38.01
CA VAL A 595 -29.08 -18.42 -37.80
C VAL A 595 -28.14 -18.99 -38.85
N PRO A 596 -27.18 -19.82 -38.46
CA PRO A 596 -26.25 -20.39 -39.45
C PRO A 596 -26.69 -21.76 -39.96
N ASP A 597 -25.91 -22.33 -40.88
CA ASP A 597 -26.10 -23.72 -41.27
C ASP A 597 -25.16 -24.65 -40.52
N LEU A 598 -23.95 -24.19 -40.18
CA LEU A 598 -22.99 -24.98 -39.43
C LEU A 598 -22.33 -24.10 -38.39
N VAL A 599 -21.88 -24.72 -37.29
CA VAL A 599 -21.17 -24.04 -36.22
C VAL A 599 -19.93 -24.86 -35.89
N GLN A 600 -18.76 -24.22 -35.93
CA GLN A 600 -17.49 -24.87 -35.65
C GLN A 600 -16.84 -24.22 -34.44
N MET A 601 -16.25 -25.05 -33.58
CA MET A 601 -15.57 -24.58 -32.39
C MET A 601 -14.36 -25.45 -32.09
N GLY A 602 -13.50 -24.95 -31.23
CA GLY A 602 -12.34 -25.71 -30.76
C GLY A 602 -12.14 -25.51 -29.27
N HIS A 603 -10.89 -25.40 -28.84
CA HIS A 603 -10.45 -25.03 -27.50
C HIS A 603 -10.67 -26.14 -26.49
N VAL A 604 -11.34 -27.24 -26.85
CA VAL A 604 -11.63 -28.31 -25.91
C VAL A 604 -10.75 -29.53 -26.13
N HIS A 605 -10.27 -29.76 -27.35
CA HIS A 605 -9.37 -30.88 -27.69
C HIS A 605 -10.10 -32.22 -27.67
N VAL A 606 -11.42 -32.20 -27.79
CA VAL A 606 -12.25 -33.40 -27.88
C VAL A 606 -13.22 -33.23 -29.04
N TYR A 607 -13.41 -34.29 -29.82
CA TYR A 607 -14.29 -34.24 -30.96
C TYR A 607 -15.74 -34.55 -30.57
N ASP A 608 -16.67 -33.93 -31.27
CA ASP A 608 -18.10 -34.16 -31.09
C ASP A 608 -18.84 -33.57 -32.27
N ALA A 609 -20.06 -34.07 -32.51
CA ALA A 609 -20.90 -33.59 -33.59
C ALA A 609 -22.35 -33.97 -33.32
N VAL A 610 -23.22 -32.97 -33.19
CA VAL A 610 -24.65 -33.19 -32.98
C VAL A 610 -25.42 -32.29 -33.93
N VAL A 611 -26.73 -32.52 -34.00
CA VAL A 611 -27.64 -31.73 -34.80
C VAL A 611 -28.79 -31.26 -33.93
N TYR A 612 -29.09 -29.97 -33.97
CA TYR A 612 -30.17 -29.37 -33.18
C TYR A 612 -31.05 -28.51 -34.08
N ARG A 613 -32.23 -29.02 -34.44
CA ARG A 613 -33.21 -28.30 -35.24
C ARG A 613 -32.65 -27.86 -36.59
N GLY A 614 -31.81 -28.70 -37.19
CA GLY A 614 -31.36 -28.46 -38.55
C GLY A 614 -30.05 -27.73 -38.71
N VAL A 615 -29.31 -27.50 -37.63
CA VAL A 615 -27.99 -26.88 -37.70
C VAL A 615 -26.98 -27.82 -37.07
N GLN A 616 -25.82 -27.97 -37.72
CA GLN A 616 -24.78 -28.85 -37.23
C GLN A 616 -23.84 -28.10 -36.30
N LEU A 617 -23.39 -28.79 -35.24
CA LEU A 617 -22.53 -28.21 -34.23
C LEU A 617 -21.27 -29.08 -34.10
N VAL A 618 -20.27 -28.79 -34.92
CA VAL A 618 -19.04 -29.57 -34.94
C VAL A 618 -18.07 -29.00 -33.92
N ASN A 619 -17.10 -29.82 -33.52
CA ASN A 619 -16.00 -29.39 -32.67
C ASN A 619 -14.76 -30.13 -33.13
N SER A 620 -13.97 -29.51 -34.00
CA SER A 620 -12.78 -30.16 -34.53
C SER A 620 -11.79 -30.44 -33.42
N ALA A 621 -11.08 -31.57 -33.55
CA ALA A 621 -10.19 -32.02 -32.49
C ALA A 621 -8.88 -31.22 -32.54
N THR A 622 -7.89 -31.68 -31.79
CA THR A 622 -6.61 -31.01 -31.68
C THR A 622 -5.56 -31.76 -32.51
N TRP A 623 -4.37 -31.17 -32.58
CA TRP A 623 -3.19 -31.81 -33.14
C TRP A 623 -2.07 -31.85 -32.11
N GLN A 624 -2.43 -31.82 -30.83
CA GLN A 624 -1.47 -31.78 -29.73
C GLN A 624 -1.77 -32.92 -28.77
N ALA A 625 -0.78 -33.77 -28.53
CA ALA A 625 -0.94 -34.87 -27.59
C ALA A 625 -1.13 -34.32 -26.19
N GLN A 626 -1.66 -35.18 -25.31
CA GLN A 626 -1.95 -34.77 -23.94
C GLN A 626 -0.68 -34.31 -23.23
N THR A 627 -0.77 -33.17 -22.56
CA THR A 627 0.35 -32.59 -21.84
C THR A 627 0.11 -32.75 -20.33
N GLU A 628 1.01 -32.15 -19.55
CA GLU A 628 1.00 -32.35 -18.10
C GLU A 628 -0.27 -31.78 -17.46
N PHE A 629 -0.74 -30.63 -17.94
CA PHE A 629 -1.90 -30.00 -17.31
C PHE A 629 -3.15 -30.84 -17.48
N GLN A 630 -3.44 -31.26 -18.71
CA GLN A 630 -4.63 -32.08 -18.93
C GLN A 630 -4.54 -33.42 -18.23
N LYS A 631 -3.32 -33.91 -18.01
CA LYS A 631 -3.14 -35.09 -17.17
C LYS A 631 -3.49 -34.78 -15.71
N MET A 632 -3.13 -33.60 -15.24
CA MET A 632 -3.42 -33.20 -13.87
C MET A 632 -4.91 -33.01 -13.62
N VAL A 633 -5.67 -32.55 -14.62
CA VAL A 633 -7.07 -32.19 -14.44
C VAL A 633 -7.99 -33.19 -15.14
N ASN A 634 -7.47 -34.35 -15.53
CA ASN A 634 -8.27 -35.47 -16.02
C ASN A 634 -9.07 -35.10 -17.26
N ILE A 635 -8.35 -34.78 -18.34
CA ILE A 635 -8.93 -34.59 -19.66
C ILE A 635 -8.18 -35.47 -20.64
N VAL A 636 -8.92 -36.20 -21.47
CA VAL A 636 -8.36 -37.12 -22.44
C VAL A 636 -8.54 -36.50 -23.83
N PRO A 637 -7.49 -35.94 -24.43
CA PRO A 637 -7.61 -35.40 -25.79
C PRO A 637 -7.70 -36.50 -26.83
N THR A 638 -8.24 -36.13 -27.98
CA THR A 638 -8.37 -37.03 -29.13
C THR A 638 -7.71 -36.38 -30.34
N PRO A 639 -6.37 -36.37 -30.37
CA PRO A 639 -5.69 -35.67 -31.46
C PRO A 639 -5.83 -36.40 -32.79
N ALA A 640 -5.65 -35.63 -33.86
CA ALA A 640 -5.61 -36.14 -35.24
C ALA A 640 -6.95 -36.71 -35.68
N LYS A 641 -8.03 -35.98 -35.42
CA LYS A 641 -9.35 -36.29 -35.95
C LYS A 641 -9.82 -35.12 -36.80
N VAL A 642 -10.27 -35.40 -38.01
CA VAL A 642 -10.61 -34.34 -38.96
C VAL A 642 -12.00 -34.59 -39.54
N PRO A 643 -12.97 -33.72 -39.28
CA PRO A 643 -14.28 -33.87 -39.90
C PRO A 643 -14.26 -33.51 -41.38
N VAL A 644 -15.14 -34.15 -42.14
CA VAL A 644 -15.34 -33.83 -43.55
C VAL A 644 -16.82 -33.53 -43.74
N VAL A 645 -17.13 -32.36 -44.29
CA VAL A 645 -18.51 -31.92 -44.41
C VAL A 645 -18.85 -31.80 -45.89
N ASP A 646 -20.16 -31.83 -46.16
CA ASP A 646 -20.70 -31.63 -47.49
C ASP A 646 -21.32 -30.24 -47.56
N VAL A 647 -20.92 -29.46 -48.57
CA VAL A 647 -21.40 -28.08 -48.67
C VAL A 647 -22.91 -28.05 -48.89
N GLU A 648 -23.42 -28.90 -49.78
CA GLU A 648 -24.85 -28.91 -50.08
C GLU A 648 -25.66 -29.33 -48.86
N SER A 649 -25.29 -30.46 -48.26
CA SER A 649 -26.04 -30.98 -47.12
C SER A 649 -25.76 -30.21 -45.83
N ALA A 650 -24.59 -29.57 -45.74
CA ALA A 650 -24.15 -28.90 -44.52
C ALA A 650 -24.15 -29.86 -43.34
N ARG A 651 -23.65 -31.08 -43.57
CA ARG A 651 -23.61 -32.12 -42.55
C ARG A 651 -22.32 -32.90 -42.68
N VAL A 652 -21.85 -33.44 -41.57
CA VAL A 652 -20.62 -34.24 -41.55
C VAL A 652 -20.93 -35.61 -42.15
N VAL A 653 -20.11 -36.03 -43.11
CA VAL A 653 -20.33 -37.28 -43.83
C VAL A 653 -19.25 -38.31 -43.58
N LYS A 654 -18.17 -37.94 -42.88
CA LYS A 654 -17.05 -38.84 -42.66
C LYS A 654 -16.14 -38.22 -41.61
N VAL A 655 -15.40 -39.07 -40.90
CA VAL A 655 -14.40 -38.62 -39.95
C VAL A 655 -13.09 -39.34 -40.24
N LEU A 656 -12.06 -38.59 -40.64
CA LEU A 656 -10.75 -39.18 -40.81
C LEU A 656 -10.05 -39.32 -39.47
N ASP A 657 -9.21 -40.35 -39.35
CA ASP A 657 -8.50 -40.62 -38.11
C ASP A 657 -7.04 -40.92 -38.44
N PHE A 658 -6.17 -39.94 -38.22
CA PHE A 658 -4.74 -40.10 -38.42
C PHE A 658 -3.99 -40.30 -37.10
N SER A 659 -4.68 -40.81 -36.08
CA SER A 659 -4.08 -40.98 -34.76
C SER A 659 -3.13 -42.17 -34.68
N GLY A 660 -3.02 -42.97 -35.75
CA GLY A 660 -2.11 -44.10 -35.71
C GLY A 660 -0.67 -43.72 -35.50
N TRP A 661 -0.23 -42.64 -36.15
CA TRP A 661 1.15 -42.19 -36.03
C TRP A 661 1.37 -41.30 -34.82
N CYS A 662 0.39 -40.49 -34.44
CA CYS A 662 0.51 -39.60 -33.28
C CYS A 662 0.13 -40.32 -31.99
N PRO B 14 32.32 33.47 -11.65
CA PRO B 14 32.33 34.76 -10.95
C PRO B 14 31.62 35.86 -11.74
N PHE B 15 30.37 35.62 -12.11
CA PHE B 15 29.58 36.57 -12.87
C PHE B 15 28.48 37.15 -12.00
N GLU B 16 28.22 38.45 -12.14
CA GLU B 16 27.19 39.13 -11.39
C GLU B 16 26.04 39.51 -12.33
N ILE B 17 24.82 39.23 -11.90
CA ILE B 17 23.62 39.51 -12.67
C ILE B 17 22.65 40.30 -11.79
N VAL B 18 22.13 41.40 -12.34
CA VAL B 18 21.17 42.24 -11.63
C VAL B 18 19.94 42.40 -12.51
N PHE B 19 18.77 42.10 -11.95
CA PHE B 19 17.51 42.14 -12.68
C PHE B 19 16.49 42.94 -11.87
N GLU B 20 15.79 43.86 -12.55
CA GLU B 20 14.76 44.67 -11.93
C GLU B 20 13.39 44.03 -12.13
N GLY B 21 12.60 44.02 -11.06
CA GLY B 21 11.29 43.40 -11.14
C GLY B 21 11.34 41.88 -11.06
N ALA B 22 11.75 41.37 -9.90
CA ALA B 22 11.89 39.92 -9.73
C ALA B 22 10.59 39.18 -9.95
N LYS B 23 9.44 39.85 -9.82
CA LYS B 23 8.17 39.18 -10.06
C LYS B 23 8.03 38.73 -11.50
N GLU B 24 8.48 39.56 -12.45
CA GLU B 24 8.43 39.17 -13.85
C GLU B 24 9.32 37.97 -14.13
N PHE B 25 10.52 37.95 -13.54
CA PHE B 25 11.40 36.81 -13.73
C PHE B 25 10.80 35.55 -13.13
N ALA B 26 10.18 35.66 -11.95
CA ALA B 26 9.52 34.52 -11.35
C ALA B 26 8.39 34.01 -12.24
N GLN B 27 7.62 34.94 -12.83
CA GLN B 27 6.51 34.55 -13.68
C GLN B 27 7.00 33.82 -14.94
N LEU B 28 8.06 34.33 -15.58
CA LEU B 28 8.55 33.66 -16.78
C LEU B 28 9.16 32.30 -16.43
N ILE B 29 9.85 32.21 -15.30
CA ILE B 29 10.40 30.92 -14.87
C ILE B 29 9.27 29.93 -14.62
N GLU B 30 8.18 30.40 -14.00
CA GLU B 30 7.04 29.52 -13.74
C GLU B 30 6.39 29.06 -15.05
N THR B 31 6.21 29.97 -16.00
CA THR B 31 5.58 29.58 -17.26
C THR B 31 6.48 28.67 -18.08
N ALA B 32 7.80 28.73 -17.85
CA ALA B 32 8.69 27.75 -18.46
C ALA B 32 8.63 26.41 -17.73
N SER B 33 8.42 26.45 -16.42
CA SER B 33 8.35 25.23 -15.61
C SER B 33 7.02 24.51 -15.73
N ARG B 34 6.00 25.17 -16.30
CA ARG B 34 4.68 24.55 -16.39
C ARG B 34 4.68 23.31 -17.29
N LEU B 35 5.72 23.14 -18.11
CA LEU B 35 5.77 22.02 -19.04
C LEU B 35 6.95 21.09 -18.81
N ILE B 36 8.13 21.62 -18.50
CA ILE B 36 9.33 20.82 -18.34
C ILE B 36 9.76 20.86 -16.88
N ASP B 37 10.53 19.83 -16.49
CA ASP B 37 11.02 19.70 -15.12
C ASP B 37 12.49 19.99 -14.96
N GLU B 38 13.31 19.74 -15.98
CA GLU B 38 14.74 20.00 -15.94
C GLU B 38 15.15 20.75 -17.20
N ALA B 39 16.00 21.76 -17.04
CA ALA B 39 16.51 22.52 -18.16
C ALA B 39 17.85 23.11 -17.79
N ALA B 40 18.61 23.48 -18.82
CA ALA B 40 19.93 24.08 -18.66
C ALA B 40 19.97 25.44 -19.33
N PHE B 41 20.55 26.42 -18.66
CA PHE B 41 20.64 27.78 -19.17
C PHE B 41 21.97 27.98 -19.87
N LYS B 42 21.93 28.50 -21.10
CA LYS B 42 23.12 28.80 -21.87
C LYS B 42 23.31 30.33 -21.85
N VAL B 43 24.30 30.78 -21.09
CA VAL B 43 24.56 32.21 -20.91
C VAL B 43 25.89 32.54 -21.55
N THR B 44 25.88 33.54 -22.44
CA THR B 44 27.10 34.01 -23.09
C THR B 44 27.26 35.50 -22.84
N GLU B 45 28.20 36.14 -23.55
CA GLU B 45 28.41 37.57 -23.37
C GLU B 45 27.19 38.37 -23.80
N GLU B 46 26.54 37.95 -24.89
CA GLU B 46 25.36 38.66 -25.37
C GLU B 46 24.20 38.54 -24.38
N GLY B 47 23.94 37.33 -23.90
CA GLY B 47 22.83 37.13 -23.01
C GLY B 47 22.75 35.70 -22.53
N ILE B 48 21.56 35.33 -22.06
CA ILE B 48 21.28 34.00 -21.55
C ILE B 48 20.12 33.41 -22.34
N SER B 49 20.21 32.13 -22.68
CA SER B 49 19.22 31.45 -23.48
C SER B 49 18.88 30.10 -22.88
N MET B 50 17.66 29.64 -23.15
CA MET B 50 17.18 28.35 -22.67
C MET B 50 16.36 27.68 -23.77
N ARG B 51 16.36 26.35 -23.77
CA ARG B 51 15.61 25.57 -24.74
C ARG B 51 15.58 24.12 -24.28
N ALA B 52 14.39 23.52 -24.33
CA ALA B 52 14.21 22.12 -23.93
C ALA B 52 12.86 21.65 -24.45
N MET B 53 12.57 20.37 -24.21
CA MET B 53 11.33 19.74 -24.65
C MET B 53 10.76 18.87 -23.54
N ASP B 54 9.44 18.88 -23.41
CA ASP B 54 8.77 18.09 -22.40
C ASP B 54 8.87 16.60 -22.71
N PRO B 55 8.78 15.73 -21.70
CA PRO B 55 9.03 14.30 -21.95
C PRO B 55 8.02 13.64 -22.89
N SER B 56 6.82 14.23 -23.06
CA SER B 56 5.87 13.68 -24.01
C SER B 56 6.27 13.92 -25.46
N ARG B 57 7.29 14.74 -25.70
CA ARG B 57 7.75 15.06 -27.05
C ARG B 57 6.63 15.67 -27.89
N VAL B 58 5.92 16.62 -27.30
CA VAL B 58 4.78 17.26 -27.97
C VAL B 58 4.98 18.76 -28.03
N VAL B 59 5.71 19.32 -27.08
CA VAL B 59 5.86 20.77 -26.97
C VAL B 59 7.34 21.11 -26.89
N LEU B 60 7.69 22.29 -27.39
CA LEU B 60 9.06 22.79 -27.40
C LEU B 60 9.05 24.27 -27.03
N ILE B 61 9.82 24.64 -26.02
CA ILE B 61 9.88 26.01 -25.53
C ILE B 61 11.34 26.47 -25.54
N ASP B 62 11.57 27.68 -26.05
CA ASP B 62 12.88 28.30 -25.97
C ASP B 62 12.72 29.74 -25.49
N LEU B 63 13.77 30.26 -24.88
CA LEU B 63 13.75 31.58 -24.26
C LEU B 63 15.10 32.24 -24.43
N ASN B 64 15.09 33.53 -24.76
CA ASN B 64 16.30 34.32 -24.84
C ASN B 64 16.13 35.60 -24.02
N LEU B 65 17.25 36.10 -23.51
CA LEU B 65 17.25 37.29 -22.64
C LEU B 65 18.54 38.04 -22.90
N PRO B 66 18.55 38.97 -23.85
CA PRO B 66 19.78 39.70 -24.18
C PRO B 66 20.21 40.67 -23.09
N ALA B 67 21.30 41.40 -23.35
CA ALA B 67 21.85 42.30 -22.34
C ALA B 67 21.05 43.57 -22.16
N SER B 68 20.23 43.95 -23.14
CA SER B 68 19.52 45.23 -23.07
C SER B 68 18.55 45.26 -21.89
N ILE B 69 17.77 44.18 -21.71
CA ILE B 69 16.77 44.16 -20.66
C ILE B 69 17.42 44.08 -19.29
N PHE B 70 18.58 43.43 -19.19
CA PHE B 70 19.29 43.36 -17.93
C PHE B 70 19.89 44.72 -17.58
N SER B 71 19.62 45.20 -16.37
CA SER B 71 20.08 46.52 -15.97
C SER B 71 21.59 46.56 -15.80
N LYS B 72 22.16 45.52 -15.22
CA LYS B 72 23.60 45.39 -15.03
C LYS B 72 24.01 43.98 -15.43
N TYR B 73 24.86 43.87 -16.45
CA TYR B 73 25.32 42.59 -16.97
C TYR B 73 26.83 42.52 -16.85
N GLU B 74 27.32 41.43 -16.26
CA GLU B 74 28.76 41.21 -16.17
C GLU B 74 28.98 39.70 -16.13
N VAL B 75 29.63 39.16 -17.16
CA VAL B 75 29.90 37.74 -17.27
C VAL B 75 31.21 37.55 -18.04
N ASP B 76 31.97 36.53 -17.67
CA ASP B 76 33.23 36.20 -18.31
C ASP B 76 33.08 34.86 -19.03
N GLY B 77 33.29 34.87 -20.35
CA GLY B 77 33.14 33.65 -21.11
C GLY B 77 31.70 33.18 -21.16
N GLU B 78 31.53 31.90 -21.44
CA GLU B 78 30.22 31.27 -21.46
C GLU B 78 30.23 30.03 -20.59
N GLU B 79 29.11 29.77 -19.92
CA GLU B 79 29.01 28.68 -18.97
C GLU B 79 27.62 28.07 -19.05
N THR B 80 27.55 26.75 -18.90
CA THR B 80 26.29 26.02 -18.91
C THR B 80 25.98 25.59 -17.48
N ILE B 81 24.84 26.03 -16.96
CA ILE B 81 24.42 25.75 -15.59
C ILE B 81 23.11 24.99 -15.63
N GLY B 82 22.97 24.02 -14.72
CA GLY B 82 21.75 23.22 -14.60
C GLY B 82 21.18 23.35 -13.20
N VAL B 83 19.91 23.73 -13.13
CA VAL B 83 19.22 24.01 -11.88
C VAL B 83 17.92 23.22 -11.83
N ASN B 84 17.59 22.69 -10.65
CA ASN B 84 16.28 22.09 -10.45
C ASN B 84 15.21 23.16 -10.59
N MET B 85 14.26 22.93 -11.50
CA MET B 85 13.29 23.96 -11.84
C MET B 85 12.26 24.15 -10.73
N ASP B 86 11.93 23.07 -10.01
CA ASP B 86 11.00 23.18 -8.90
C ASP B 86 11.56 24.08 -7.79
N HIS B 87 12.78 23.79 -7.35
CA HIS B 87 13.41 24.62 -6.33
C HIS B 87 13.64 26.04 -6.83
N LEU B 88 14.01 26.17 -8.11
CA LEU B 88 14.23 27.50 -8.68
C LEU B 88 12.96 28.35 -8.62
N LYS B 89 11.84 27.78 -9.06
CA LYS B 89 10.59 28.54 -9.04
C LYS B 89 10.10 28.76 -7.61
N LYS B 90 10.35 27.81 -6.70
CA LYS B 90 9.96 28.00 -5.32
C LYS B 90 10.73 29.14 -4.68
N VAL B 91 12.02 29.26 -4.99
CA VAL B 91 12.80 30.37 -4.47
C VAL B 91 12.36 31.69 -5.11
N LEU B 92 12.10 31.67 -6.42
CA LEU B 92 11.70 32.90 -7.11
C LEU B 92 10.34 33.40 -6.61
N LYS B 93 9.45 32.50 -6.21
CA LYS B 93 8.13 32.90 -5.74
C LYS B 93 8.20 33.71 -4.45
N ARG B 94 9.33 33.69 -3.75
CA ARG B 94 9.48 34.41 -2.50
C ARG B 94 9.80 35.89 -2.69
N GLY B 95 9.98 36.35 -3.93
CA GLY B 95 10.27 37.74 -4.18
C GLY B 95 9.02 38.61 -4.13
N LYS B 96 9.22 39.89 -4.41
CA LYS B 96 8.15 40.88 -4.43
C LYS B 96 8.13 41.58 -5.78
N ALA B 97 7.17 42.47 -5.96
CA ALA B 97 6.99 43.16 -7.23
C ALA B 97 8.01 44.27 -7.47
N LYS B 98 8.67 44.76 -6.42
CA LYS B 98 9.57 45.88 -6.55
C LYS B 98 11.02 45.56 -6.20
N GLU B 99 11.30 44.40 -5.61
CA GLU B 99 12.68 44.04 -5.29
C GLU B 99 13.46 43.72 -6.56
N THR B 100 14.77 43.93 -6.50
CA THR B 100 15.67 43.65 -7.61
C THR B 100 16.30 42.27 -7.40
N LEU B 101 16.21 41.44 -8.43
CA LEU B 101 16.76 40.09 -8.37
C LEU B 101 18.23 40.10 -8.75
N ILE B 102 19.02 39.35 -7.99
CA ILE B 102 20.47 39.25 -8.22
C ILE B 102 20.84 37.77 -8.30
N LEU B 103 21.57 37.41 -9.35
CA LEU B 103 22.08 36.06 -9.53
C LEU B 103 23.60 36.11 -9.56
N ARG B 104 24.24 35.31 -8.69
CA ARG B 104 25.68 35.27 -8.62
C ARG B 104 26.13 33.83 -8.46
N LYS B 105 27.33 33.54 -8.95
CA LYS B 105 27.91 32.20 -8.86
C LYS B 105 29.41 32.33 -8.72
N GLY B 106 29.95 31.86 -7.60
CA GLY B 106 31.37 31.89 -7.35
C GLY B 106 32.07 30.66 -7.90
N GLU B 107 33.28 30.41 -7.38
CA GLU B 107 34.03 29.25 -7.80
C GLU B 107 33.32 27.95 -7.43
N GLU B 108 32.60 27.95 -6.31
CA GLU B 108 31.82 26.78 -5.92
C GLU B 108 30.64 26.59 -6.87
N ASN B 109 30.20 25.35 -7.00
CA ASN B 109 29.10 25.01 -7.89
C ASN B 109 27.74 25.28 -7.24
N PHE B 110 27.56 26.50 -6.73
CA PHE B 110 26.31 26.92 -6.11
C PHE B 110 25.85 28.23 -6.72
N LEU B 111 24.54 28.37 -6.91
CA LEU B 111 23.95 29.60 -7.44
C LEU B 111 23.43 30.43 -6.28
N GLU B 112 23.95 31.65 -6.15
CA GLU B 112 23.57 32.55 -5.08
C GLU B 112 22.46 33.47 -5.58
N ILE B 113 21.23 33.22 -5.15
CA ILE B 113 20.07 34.01 -5.53
C ILE B 113 19.77 34.98 -4.40
N SER B 114 19.87 36.27 -4.68
CA SER B 114 19.68 37.30 -3.67
C SER B 114 18.64 38.30 -4.15
N LEU B 115 17.86 38.83 -3.20
CA LEU B 115 16.86 39.84 -3.46
C LEU B 115 17.15 41.06 -2.58
N GLN B 116 17.00 42.24 -3.15
CA GLN B 116 17.32 43.49 -2.46
C GLN B 116 16.11 44.42 -2.53
N GLY B 117 15.31 44.42 -1.47
CA GLY B 117 14.22 45.36 -1.33
C GLY B 117 14.41 46.24 -0.11
N THR B 118 13.59 46.03 0.92
CA THR B 118 13.82 46.64 2.22
C THR B 118 14.86 45.89 3.02
N ALA B 119 15.20 44.66 2.64
CA ALA B 119 16.26 43.89 3.26
C ALA B 119 16.82 42.92 2.22
N THR B 120 18.04 42.47 2.47
CA THR B 120 18.73 41.58 1.54
C THR B 120 18.73 40.16 2.10
N ARG B 121 18.21 39.22 1.31
CA ARG B 121 18.21 37.81 1.66
C ARG B 121 18.85 37.03 0.52
N THR B 122 19.80 36.16 0.86
CA THR B 122 20.52 35.36 -0.12
C THR B 122 20.19 33.89 0.11
N PHE B 123 19.86 33.19 -0.98
CA PHE B 123 19.54 31.77 -0.95
C PHE B 123 20.65 31.00 -1.64
N LYS B 124 21.12 29.94 -0.99
CA LYS B 124 22.10 29.03 -1.56
C LYS B 124 21.38 27.81 -2.12
N LEU B 125 21.61 27.54 -3.41
CA LEU B 125 20.90 26.49 -4.11
C LEU B 125 21.88 25.69 -4.96
N PRO B 126 21.89 24.37 -4.84
CA PRO B 126 22.92 23.57 -5.52
C PRO B 126 22.75 23.55 -7.02
N LEU B 127 23.86 23.32 -7.71
CA LEU B 127 23.86 23.13 -9.15
C LEU B 127 23.78 21.64 -9.49
N ILE B 128 23.02 21.33 -10.54
CA ILE B 128 22.85 19.95 -10.98
C ILE B 128 23.28 19.88 -12.45
N ASP B 129 23.61 18.66 -12.88
CA ASP B 129 24.03 18.42 -14.25
C ASP B 129 22.92 17.74 -15.02
N VAL B 130 22.58 18.28 -16.18
CA VAL B 130 21.56 17.73 -17.06
C VAL B 130 22.13 17.62 -18.46
N GLU B 131 21.90 16.49 -19.11
CA GLU B 131 22.42 16.28 -20.46
C GLU B 131 21.69 17.20 -21.44
N GLU B 132 22.48 17.92 -22.24
CA GLU B 132 21.95 18.90 -23.18
C GLU B 132 21.91 18.31 -24.58
N ILE B 133 20.71 18.24 -25.16
CA ILE B 133 20.50 17.70 -26.49
C ILE B 133 19.99 18.83 -27.38
N GLU B 134 20.66 19.03 -28.52
CA GLU B 134 20.24 20.02 -29.49
C GLU B 134 19.04 19.49 -30.27
N VAL B 135 17.91 20.18 -30.15
CA VAL B 135 16.70 19.79 -30.87
C VAL B 135 16.05 21.04 -31.48
N ASP B 136 16.26 21.25 -32.76
CA ASP B 136 15.69 22.39 -33.48
C ASP B 136 14.89 21.87 -34.66
N LEU B 137 13.63 22.28 -34.73
CA LEU B 137 12.79 21.94 -35.88
C LEU B 137 12.96 23.02 -36.94
N PRO B 138 13.37 22.67 -38.16
CA PRO B 138 13.60 23.70 -39.18
C PRO B 138 12.31 24.43 -39.53
N GLU B 139 12.47 25.67 -39.97
CA GLU B 139 11.32 26.50 -40.32
C GLU B 139 10.51 25.81 -41.41
N LEU B 140 9.20 25.71 -41.16
CA LEU B 140 8.27 25.03 -42.04
C LEU B 140 7.38 26.04 -42.77
N PRO B 141 6.79 25.66 -43.90
CA PRO B 141 5.90 26.60 -44.61
C PRO B 141 4.61 26.85 -43.85
N PHE B 142 4.48 28.03 -43.26
CA PHE B 142 3.29 28.41 -42.53
C PHE B 142 2.37 29.19 -43.45
N THR B 143 1.13 28.72 -43.59
CA THR B 143 0.18 29.31 -44.52
C THR B 143 -0.65 30.44 -43.92
N ALA B 144 -0.54 30.69 -42.62
CA ALA B 144 -1.34 31.72 -41.97
C ALA B 144 -0.57 32.35 -40.82
N LYS B 145 -0.91 33.59 -40.52
CA LYS B 145 -0.36 34.31 -39.38
C LYS B 145 -1.41 35.26 -38.84
N VAL B 146 -1.39 35.48 -37.53
CA VAL B 146 -2.41 36.30 -36.87
C VAL B 146 -1.80 36.89 -35.60
N VAL B 147 -2.17 38.13 -35.30
CA VAL B 147 -1.72 38.82 -34.09
C VAL B 147 -2.95 39.23 -33.30
N ILE B 148 -3.04 38.78 -32.05
CA ILE B 148 -4.17 39.06 -31.19
C ILE B 148 -3.66 39.42 -29.80
N LEU B 149 -4.59 39.77 -28.91
CA LEU B 149 -4.25 40.09 -27.54
C LEU B 149 -4.28 38.84 -26.66
N GLY B 150 -3.62 38.92 -25.51
CA GLY B 150 -3.62 37.79 -24.59
C GLY B 150 -4.98 37.51 -23.97
N ASP B 151 -5.74 38.57 -23.68
CA ASP B 151 -7.02 38.40 -23.00
C ASP B 151 -8.00 37.59 -23.84
N VAL B 152 -8.09 37.89 -25.13
CA VAL B 152 -9.08 37.23 -25.98
C VAL B 152 -8.77 35.75 -26.13
N ILE B 153 -7.50 35.41 -26.37
CA ILE B 153 -7.15 34.00 -26.50
C ILE B 153 -7.31 33.27 -25.17
N LYS B 154 -7.02 33.94 -24.06
CA LYS B 154 -7.20 33.31 -22.76
C LYS B 154 -8.67 32.98 -22.50
N GLU B 155 -9.57 33.94 -22.76
CA GLU B 155 -10.99 33.65 -22.53
C GLU B 155 -11.49 32.61 -23.50
N ALA B 156 -10.99 32.64 -24.74
CA ALA B 156 -11.41 31.63 -25.71
C ALA B 156 -11.00 30.23 -25.27
N VAL B 157 -9.79 30.08 -24.74
CA VAL B 157 -9.36 28.78 -24.23
C VAL B 157 -10.22 28.36 -23.06
N LYS B 158 -10.54 29.30 -22.16
CA LYS B 158 -11.36 28.95 -21.00
C LYS B 158 -12.75 28.49 -21.41
N ASP B 159 -13.34 29.14 -22.42
CA ASP B 159 -14.64 28.70 -22.93
C ASP B 159 -14.54 27.37 -23.65
N ALA B 160 -13.50 27.17 -24.46
CA ALA B 160 -13.36 25.91 -25.19
C ALA B 160 -13.15 24.74 -24.25
N SER B 161 -12.58 24.99 -23.07
CA SER B 161 -12.43 23.92 -22.10
C SER B 161 -13.76 23.49 -21.47
N LEU B 162 -14.84 24.23 -21.71
CA LEU B 162 -16.12 23.89 -21.10
C LEU B 162 -16.83 22.73 -21.79
N VAL B 163 -16.64 22.56 -23.10
CA VAL B 163 -17.39 21.59 -23.87
C VAL B 163 -16.52 20.39 -24.29
N SER B 164 -15.30 20.65 -24.74
CA SER B 164 -14.46 19.61 -25.30
C SER B 164 -13.02 19.76 -24.81
N ASP B 165 -12.21 18.75 -25.10
CA ASP B 165 -10.80 18.74 -24.75
C ASP B 165 -9.90 19.20 -25.89
N SER B 166 -10.48 19.66 -27.00
CA SER B 166 -9.70 20.13 -28.14
C SER B 166 -10.30 21.42 -28.66
N MET B 167 -9.46 22.22 -29.31
CA MET B 167 -9.86 23.49 -29.90
C MET B 167 -9.42 23.52 -31.36
N LYS B 168 -10.27 24.04 -32.23
CA LYS B 168 -10.04 24.03 -33.66
C LYS B 168 -9.85 25.45 -34.18
N PHE B 169 -8.84 25.64 -35.02
CA PHE B 169 -8.53 26.93 -35.62
C PHE B 169 -8.88 26.89 -37.10
N ILE B 170 -9.53 27.94 -37.58
CA ILE B 170 -9.85 28.10 -39.00
C ILE B 170 -9.41 29.50 -39.42
N ALA B 171 -8.59 29.56 -40.46
CA ALA B 171 -8.06 30.83 -40.96
C ALA B 171 -8.60 31.10 -42.35
N LYS B 172 -8.94 32.37 -42.59
CA LYS B 172 -9.44 32.80 -43.89
C LYS B 172 -9.13 34.28 -44.03
N GLU B 173 -9.24 34.79 -45.27
CA GLU B 173 -8.99 36.20 -45.51
C GLU B 173 -9.99 37.06 -44.74
N ASN B 174 -9.47 37.89 -43.84
CA ASN B 174 -10.27 38.76 -42.98
C ASN B 174 -11.23 37.98 -42.09
N GLU B 175 -10.90 36.75 -41.72
CA GLU B 175 -11.76 35.93 -40.87
C GLU B 175 -10.89 34.93 -40.11
N PHE B 176 -10.85 35.07 -38.79
CA PHE B 176 -10.10 34.18 -37.92
C PHE B 176 -11.03 33.63 -36.87
N THR B 177 -11.48 32.38 -37.04
CA THR B 177 -12.47 31.78 -36.17
C THR B 177 -11.85 30.58 -35.45
N MET B 178 -12.15 30.47 -34.16
CA MET B 178 -11.68 29.39 -33.31
C MET B 178 -12.86 28.79 -32.56
N ARG B 179 -13.02 27.47 -32.69
CA ARG B 179 -14.23 26.79 -32.24
C ARG B 179 -13.87 25.57 -31.40
N ALA B 180 -14.91 24.93 -30.87
CA ALA B 180 -14.78 23.67 -30.14
C ALA B 180 -16.17 23.06 -30.00
N GLU B 181 -16.32 21.81 -30.42
CA GLU B 181 -17.60 21.12 -30.39
C GLU B 181 -17.56 19.97 -29.39
N GLY B 182 -18.63 19.83 -28.60
CA GLY B 182 -18.79 18.71 -27.71
C GLY B 182 -19.75 17.67 -28.28
N GLU B 183 -20.23 16.81 -27.38
CA GLU B 183 -21.22 15.81 -27.78
C GLU B 183 -22.53 16.47 -28.21
N THR B 184 -22.99 17.48 -27.47
CA THR B 184 -24.19 18.23 -27.83
C THR B 184 -23.95 19.73 -27.90
N GLN B 185 -23.13 20.28 -27.02
CA GLN B 185 -22.91 21.72 -26.97
C GLN B 185 -21.83 22.15 -27.95
N GLU B 186 -21.78 23.46 -28.22
CA GLU B 186 -20.83 24.02 -29.16
C GLU B 186 -20.52 25.45 -28.78
N VAL B 187 -19.26 25.85 -28.93
CA VAL B 187 -18.82 27.21 -28.68
C VAL B 187 -18.00 27.68 -29.87
N GLU B 188 -18.30 28.88 -30.36
CA GLU B 188 -17.58 29.46 -31.48
C GLU B 188 -17.18 30.88 -31.15
N VAL B 189 -15.92 31.22 -31.42
CA VAL B 189 -15.40 32.58 -31.28
C VAL B 189 -14.99 33.06 -32.66
N LYS B 190 -15.67 34.09 -33.15
CA LYS B 190 -15.44 34.62 -34.49
C LYS B 190 -15.17 36.11 -34.40
N LEU B 191 -14.20 36.57 -35.18
CA LEU B 191 -13.76 37.96 -35.15
C LEU B 191 -13.05 38.29 -36.45
N THR B 192 -13.02 39.58 -36.77
CA THR B 192 -12.50 40.05 -38.05
C THR B 192 -11.55 41.22 -37.83
N LEU B 193 -11.06 41.78 -38.94
CA LEU B 193 -10.18 42.94 -38.88
C LEU B 193 -10.89 44.14 -38.25
N GLU B 194 -12.19 44.29 -38.51
CA GLU B 194 -12.93 45.42 -37.97
C GLU B 194 -13.13 45.31 -36.47
N ASP B 195 -12.85 44.16 -35.88
CA ASP B 195 -13.00 43.97 -34.45
C ASP B 195 -11.79 44.57 -33.73
N GLU B 196 -11.66 44.27 -32.44
CA GLU B 196 -10.61 44.82 -31.60
C GLU B 196 -9.52 43.81 -31.31
N GLY B 197 -9.88 42.57 -30.98
CA GLY B 197 -8.90 41.60 -30.53
C GLY B 197 -7.81 41.31 -31.54
N LEU B 198 -8.11 41.42 -32.83
CA LEU B 198 -7.17 41.10 -33.89
C LEU B 198 -6.51 42.38 -34.41
N LEU B 199 -5.19 42.35 -34.53
CA LEU B 199 -4.44 43.49 -35.07
C LEU B 199 -4.29 43.38 -36.58
N ASP B 200 -3.80 42.24 -37.07
CA ASP B 200 -3.69 42.00 -38.50
C ASP B 200 -3.68 40.50 -38.74
N ILE B 201 -4.02 40.12 -39.97
CA ILE B 201 -4.08 38.71 -40.37
C ILE B 201 -3.56 38.59 -41.79
N GLU B 202 -2.64 37.65 -42.01
CA GLU B 202 -2.04 37.42 -43.33
C GLU B 202 -2.10 35.92 -43.62
N VAL B 203 -3.01 35.54 -44.51
CA VAL B 203 -3.19 34.15 -44.91
C VAL B 203 -2.97 34.03 -46.40
N GLN B 204 -2.59 32.83 -46.85
CA GLN B 204 -2.44 32.54 -48.27
C GLN B 204 -3.51 31.60 -48.79
N GLU B 205 -4.17 30.84 -47.91
CA GLU B 205 -5.20 29.87 -48.27
C GLU B 205 -5.94 29.50 -46.99
N GLU B 206 -7.11 28.90 -47.16
CA GLU B 206 -7.88 28.44 -46.01
C GLU B 206 -7.07 27.44 -45.20
N THR B 207 -7.16 27.56 -43.88
CA THR B 207 -6.35 26.76 -42.97
C THR B 207 -7.24 26.16 -41.88
N LYS B 208 -6.90 24.94 -41.47
CA LYS B 208 -7.65 24.25 -40.43
C LYS B 208 -6.70 23.37 -39.62
N SER B 209 -6.86 23.40 -38.30
CA SER B 209 -6.04 22.61 -37.40
C SER B 209 -6.81 22.40 -36.10
N ALA B 210 -6.26 21.54 -35.25
CA ALA B 210 -6.85 21.26 -33.94
C ALA B 210 -5.73 20.99 -32.94
N TYR B 211 -5.90 21.51 -31.72
CA TYR B 211 -4.87 21.40 -30.70
C TYR B 211 -5.50 21.10 -29.35
N GLY B 212 -4.75 20.39 -28.52
CA GLY B 212 -5.27 19.98 -27.23
C GLY B 212 -5.54 21.15 -26.31
N ILE B 213 -6.60 21.02 -25.52
CA ILE B 213 -6.98 22.09 -24.60
C ILE B 213 -5.99 22.21 -23.45
N SER B 214 -5.49 21.08 -22.95
CA SER B 214 -4.60 21.10 -21.79
C SER B 214 -3.32 21.87 -22.09
N TYR B 215 -2.67 21.57 -23.21
CA TYR B 215 -1.42 22.23 -23.56
C TYR B 215 -1.63 23.71 -23.81
N LEU B 216 -2.68 24.06 -24.55
CA LEU B 216 -2.96 25.46 -24.83
C LEU B 216 -3.23 26.23 -23.53
N SER B 217 -4.01 25.65 -22.63
CA SER B 217 -4.29 26.30 -21.36
C SER B 217 -3.03 26.46 -20.52
N ASP B 218 -2.15 25.46 -20.55
CA ASP B 218 -0.90 25.55 -19.80
C ASP B 218 0.00 26.64 -20.36
N MET B 219 -0.01 26.84 -21.68
CA MET B 219 0.94 27.78 -22.27
C MET B 219 0.39 29.21 -22.26
N VAL B 220 -0.91 29.40 -22.44
CA VAL B 220 -1.44 30.77 -22.49
C VAL B 220 -1.61 31.34 -21.09
N LYS B 221 -1.67 30.49 -20.08
CA LYS B 221 -1.80 30.96 -18.70
C LYS B 221 -0.55 31.72 -18.28
N GLY B 222 -0.73 32.88 -17.68
CA GLY B 222 0.37 33.74 -17.31
C GLY B 222 0.67 34.87 -18.27
N LEU B 223 -0.22 35.13 -19.23
CA LEU B 223 -0.03 36.21 -20.19
C LEU B 223 -0.74 37.46 -19.68
N GLY B 224 -0.16 38.63 -19.97
CA GLY B 224 -0.81 39.87 -19.62
C GLY B 224 -1.91 40.23 -20.60
N LYS B 225 -2.87 41.01 -20.12
CA LYS B 225 -3.98 41.45 -20.97
C LYS B 225 -3.48 42.40 -22.05
N ALA B 226 -2.60 43.33 -21.70
CA ALA B 226 -2.03 44.28 -22.66
C ALA B 226 -0.76 43.69 -23.27
N ASP B 227 -0.95 42.55 -23.95
CA ASP B 227 0.14 41.85 -24.60
C ASP B 227 -0.29 41.44 -26.00
N GLU B 228 0.69 41.33 -26.89
CA GLU B 228 0.45 40.94 -28.28
C GLU B 228 1.04 39.55 -28.51
N VAL B 229 0.22 38.61 -28.95
CA VAL B 229 0.63 37.26 -29.23
C VAL B 229 0.42 36.98 -30.71
N THR B 230 1.41 36.38 -31.35
CA THR B 230 1.35 36.03 -32.77
C THR B 230 1.30 34.52 -32.90
N ILE B 231 0.34 34.03 -33.67
CA ILE B 231 0.16 32.60 -33.88
C ILE B 231 0.43 32.28 -35.35
N LYS B 232 1.38 31.38 -35.60
CA LYS B 232 1.71 30.92 -36.94
C LYS B 232 1.40 29.44 -37.03
N PHE B 233 0.52 29.08 -37.96
CA PHE B 233 0.12 27.69 -38.13
C PHE B 233 -0.28 27.45 -39.58
N GLY B 234 -0.23 26.19 -39.98
CA GLY B 234 -0.62 25.80 -41.32
C GLY B 234 -1.62 24.66 -41.33
N ASN B 235 -1.64 23.88 -42.42
CA ASN B 235 -2.62 22.83 -42.62
C ASN B 235 -2.07 21.52 -42.06
N GLU B 236 -2.66 21.06 -40.94
CA GLU B 236 -2.29 19.80 -40.31
C GLU B 236 -0.80 19.74 -39.98
N MET B 237 -0.27 20.86 -39.48
CA MET B 237 1.14 20.99 -39.14
C MET B 237 1.24 21.77 -37.84
N PRO B 238 2.37 21.65 -37.13
CA PRO B 238 2.51 22.31 -35.82
C PRO B 238 2.26 23.82 -35.85
N MET B 239 2.02 24.39 -34.67
CA MET B 239 1.67 25.79 -34.51
C MET B 239 2.69 26.48 -33.63
N GLN B 240 3.03 27.73 -33.98
CA GLN B 240 4.02 28.51 -33.24
C GLN B 240 3.37 29.75 -32.66
N MET B 241 3.54 29.94 -31.34
CA MET B 241 3.00 31.09 -30.63
C MET B 241 4.14 31.93 -30.08
N GLU B 242 4.05 33.24 -30.27
CA GLU B 242 5.10 34.17 -29.87
C GLU B 242 4.50 35.28 -29.01
N TYR B 243 5.34 35.85 -28.15
CA TYR B 243 4.99 37.09 -27.46
C TYR B 243 6.27 37.73 -26.95
N TYR B 244 6.44 39.01 -27.25
CA TYR B 244 7.65 39.72 -26.87
C TYR B 244 7.63 39.99 -25.37
N ILE B 245 8.82 39.93 -24.77
CA ILE B 245 9.02 40.24 -23.36
C ILE B 245 9.95 41.44 -23.26
N ARG B 246 9.47 42.53 -22.68
CA ARG B 246 10.23 43.77 -22.52
C ARG B 246 10.83 44.25 -23.84
N ASP B 247 10.07 44.06 -24.93
CA ASP B 247 10.32 44.60 -26.26
C ASP B 247 11.56 43.97 -26.89
N GLU B 248 12.36 43.23 -26.12
CA GLU B 248 13.63 42.70 -26.63
C GLU B 248 13.69 41.19 -26.66
N GLY B 249 13.12 40.49 -25.68
CA GLY B 249 13.14 39.04 -25.68
C GLY B 249 12.09 38.43 -26.60
N ARG B 250 12.05 37.10 -26.61
CA ARG B 250 11.09 36.39 -27.45
C ARG B 250 10.84 35.01 -26.87
N LEU B 251 9.61 34.53 -26.99
CA LEU B 251 9.20 33.22 -26.54
C LEU B 251 8.67 32.42 -27.72
N ILE B 252 9.11 31.18 -27.85
CA ILE B 252 8.68 30.30 -28.93
C ILE B 252 8.02 29.08 -28.32
N PHE B 253 6.77 28.83 -28.70
CA PHE B 253 6.05 27.62 -28.33
C PHE B 253 5.71 26.86 -29.60
N LEU B 254 6.05 25.57 -29.63
CA LEU B 254 5.75 24.70 -30.75
C LEU B 254 4.91 23.54 -30.26
N LEU B 255 3.71 23.40 -30.83
CA LEU B 255 2.74 22.39 -30.39
C LEU B 255 2.33 21.50 -31.55
N ALA B 256 2.37 20.19 -31.33
CA ALA B 256 1.92 19.24 -32.32
C ALA B 256 0.39 19.27 -32.42
N PRO B 257 -0.16 19.00 -33.61
CA PRO B 257 -1.61 19.02 -33.78
C PRO B 257 -2.23 17.69 -33.38
N ARG B 258 -3.54 17.59 -33.57
CA ARG B 258 -4.30 16.40 -33.23
C ARG B 258 -4.58 15.57 -34.48
N VAL B 259 -5.43 14.55 -34.33
CA VAL B 259 -5.81 13.66 -35.43
C VAL B 259 -4.59 12.95 -36.00
N PRO C 14 -20.48 39.45 38.31
CA PRO C 14 -21.36 40.53 37.89
C PRO C 14 -20.61 41.65 37.17
N PHE C 15 -19.40 41.36 36.70
CA PHE C 15 -18.58 42.37 36.08
C PHE C 15 -19.03 42.66 34.65
N GLU C 16 -18.66 43.84 34.16
CA GLU C 16 -18.92 44.25 32.79
C GLU C 16 -17.66 44.86 32.20
N ILE C 17 -17.33 44.48 30.98
CA ILE C 17 -16.11 44.92 30.31
C ILE C 17 -16.44 45.25 28.87
N VAL C 18 -15.96 46.40 28.40
CA VAL C 18 -16.24 46.90 27.05
C VAL C 18 -14.91 47.16 26.34
N PHE C 19 -14.95 47.02 25.02
CA PHE C 19 -13.76 47.19 24.20
C PHE C 19 -14.16 47.83 22.87
N GLU C 20 -13.17 48.45 22.22
CA GLU C 20 -13.37 49.12 20.94
C GLU C 20 -12.48 48.46 19.90
N GLY C 21 -13.04 48.15 18.73
CA GLY C 21 -12.28 47.43 17.72
C GLY C 21 -12.23 45.95 18.01
N ALA C 22 -13.39 45.28 17.92
CA ALA C 22 -13.47 43.86 18.27
C ALA C 22 -12.55 43.00 17.42
N LYS C 23 -12.19 43.47 16.22
CA LYS C 23 -11.28 42.71 15.38
C LYS C 23 -9.90 42.57 16.02
N GLU C 24 -9.43 43.63 16.68
CA GLU C 24 -8.15 43.56 17.37
C GLU C 24 -8.17 42.52 18.47
N PHE C 25 -9.25 42.50 19.26
CA PHE C 25 -9.37 41.51 20.33
C PHE C 25 -9.47 40.10 19.78
N ALA C 26 -10.20 39.93 18.67
CA ALA C 26 -10.29 38.62 18.05
C ALA C 26 -8.94 38.13 17.56
N GLN C 27 -8.16 39.02 16.94
CA GLN C 27 -6.82 38.64 16.48
C GLN C 27 -5.92 38.31 17.66
N LEU C 28 -6.02 39.07 18.75
CA LEU C 28 -5.24 38.78 19.94
C LEU C 28 -5.58 37.40 20.50
N ILE C 29 -6.87 37.09 20.60
CA ILE C 29 -7.29 35.80 21.13
C ILE C 29 -6.85 34.67 20.21
N GLU C 30 -6.93 34.87 18.89
CA GLU C 30 -6.48 33.84 17.96
C GLU C 30 -4.99 33.59 18.09
N THR C 31 -4.20 34.65 18.21
CA THR C 31 -2.75 34.49 18.39
C THR C 31 -2.45 33.77 19.70
N ALA C 32 -3.16 34.11 20.77
CA ALA C 32 -2.92 33.45 22.05
C ALA C 32 -3.32 31.99 22.01
N SER C 33 -4.42 31.66 21.33
CA SER C 33 -4.96 30.31 21.31
C SER C 33 -4.37 29.43 20.21
N ARG C 34 -3.52 29.98 19.34
CA ARG C 34 -2.93 29.16 18.30
C ARG C 34 -1.99 28.09 18.85
N LEU C 35 -1.58 28.19 20.12
CA LEU C 35 -0.67 27.24 20.72
C LEU C 35 -1.26 26.44 21.87
N ILE C 36 -2.37 26.87 22.46
CA ILE C 36 -2.96 26.20 23.60
C ILE C 36 -4.37 25.74 23.23
N ASP C 37 -4.94 24.90 24.09
CA ASP C 37 -6.29 24.36 23.89
C ASP C 37 -7.25 24.75 24.98
N GLU C 38 -6.80 24.84 26.23
CA GLU C 38 -7.63 25.30 27.34
C GLU C 38 -6.92 26.46 28.02
N ALA C 39 -7.66 27.53 28.29
CA ALA C 39 -7.09 28.71 28.92
C ALA C 39 -8.00 29.18 30.04
N ALA C 40 -7.39 29.69 31.10
CA ALA C 40 -8.10 30.22 32.26
C ALA C 40 -7.73 31.69 32.43
N PHE C 41 -8.73 32.57 32.40
CA PHE C 41 -8.52 34.00 32.52
C PHE C 41 -8.82 34.45 33.94
N LYS C 42 -7.91 35.22 34.51
CA LYS C 42 -8.07 35.77 35.85
C LYS C 42 -8.54 37.21 35.74
N VAL C 43 -9.70 37.51 36.31
CA VAL C 43 -10.28 38.85 36.29
C VAL C 43 -10.12 39.45 37.69
N THR C 44 -9.53 40.65 37.74
CA THR C 44 -9.28 41.34 39.00
C THR C 44 -9.66 42.80 38.82
N GLU C 45 -9.31 43.61 39.83
CA GLU C 45 -9.52 45.06 39.72
C GLU C 45 -8.46 45.69 38.82
N GLU C 46 -7.24 45.14 38.83
CA GLU C 46 -6.17 45.71 38.01
C GLU C 46 -6.40 45.46 36.52
N GLY C 47 -6.81 44.24 36.16
CA GLY C 47 -7.02 43.92 34.77
C GLY C 47 -7.24 42.44 34.59
N ILE C 48 -7.24 42.03 33.31
CA ILE C 48 -7.40 40.63 32.93
C ILE C 48 -6.04 40.04 32.63
N SER C 49 -5.78 38.87 33.20
CA SER C 49 -4.50 38.19 33.02
C SER C 49 -4.74 36.75 32.60
N MET C 50 -3.77 36.20 31.86
CA MET C 50 -3.82 34.82 31.43
C MET C 50 -2.41 34.30 31.32
N ARG C 51 -2.14 33.13 31.90
CA ARG C 51 -0.84 32.50 31.84
C ARG C 51 -1.03 31.00 31.71
N ALA C 52 -0.42 30.41 30.68
CA ALA C 52 -0.63 29.00 30.39
C ALA C 52 0.57 28.46 29.63
N MET C 53 0.63 27.13 29.53
CA MET C 53 1.70 26.45 28.83
C MET C 53 1.11 25.47 27.83
N ASP C 54 1.82 25.24 26.74
CA ASP C 54 1.36 24.33 25.71
C ASP C 54 1.48 22.88 26.18
N PRO C 55 0.77 21.95 25.53
CA PRO C 55 0.84 20.54 25.97
C PRO C 55 2.24 19.95 25.93
N SER C 56 3.12 20.46 25.06
CA SER C 56 4.47 19.92 24.98
C SER C 56 5.38 20.45 26.07
N ARG C 57 4.91 21.38 26.89
CA ARG C 57 5.71 22.00 27.95
C ARG C 57 6.98 22.63 27.39
N VAL C 58 6.85 23.33 26.26
CA VAL C 58 7.96 23.97 25.58
C VAL C 58 7.83 25.49 25.60
N VAL C 59 6.63 26.00 25.31
CA VAL C 59 6.41 27.44 25.16
C VAL C 59 5.48 27.90 26.28
N LEU C 60 5.82 29.02 26.89
CA LEU C 60 5.02 29.64 27.94
C LEU C 60 4.37 30.90 27.39
N ILE C 61 3.06 31.04 27.59
CA ILE C 61 2.29 32.15 27.08
C ILE C 61 1.77 32.98 28.25
N ASP C 62 2.02 34.28 28.21
CA ASP C 62 1.54 35.21 29.23
C ASP C 62 0.82 36.36 28.56
N LEU C 63 -0.38 36.66 29.02
CA LEU C 63 -1.19 37.74 28.48
C LEU C 63 -1.58 38.68 29.62
N ASN C 64 -1.37 39.98 29.41
CA ASN C 64 -1.68 40.98 30.42
C ASN C 64 -2.41 42.14 29.75
N LEU C 65 -3.61 42.43 30.23
CA LEU C 65 -4.42 43.53 29.72
C LEU C 65 -4.80 44.46 30.86
N PRO C 66 -4.22 45.65 30.94
CA PRO C 66 -4.56 46.56 32.04
C PRO C 66 -5.93 47.20 31.84
N ALA C 67 -6.48 47.69 32.94
CA ALA C 67 -7.83 48.26 32.92
C ALA C 67 -7.91 49.55 32.12
N SER C 68 -6.79 50.23 31.88
CA SER C 68 -6.83 51.50 31.18
C SER C 68 -7.17 51.32 29.71
N ILE C 69 -6.96 50.12 29.16
CA ILE C 69 -7.25 49.88 27.74
C ILE C 69 -8.75 49.86 27.50
N PHE C 70 -9.51 49.20 28.38
CA PHE C 70 -10.94 49.03 28.16
C PHE C 70 -11.68 50.34 28.37
N SER C 71 -12.68 50.59 27.53
CA SER C 71 -13.48 51.79 27.67
C SER C 71 -14.24 51.80 28.99
N LYS C 72 -14.85 50.66 29.35
CA LYS C 72 -15.56 50.52 30.61
C LYS C 72 -15.06 49.27 31.32
N TYR C 73 -14.80 49.39 32.62
CA TYR C 73 -14.22 48.29 33.39
C TYR C 73 -14.76 48.39 34.82
N GLU C 74 -15.79 47.62 35.12
CA GLU C 74 -16.44 47.63 36.43
C GLU C 74 -16.40 46.22 37.00
N VAL C 75 -15.48 45.99 37.92
CA VAL C 75 -15.33 44.71 38.59
C VAL C 75 -15.37 44.94 40.09
N ASP C 76 -16.22 44.19 40.80
CA ASP C 76 -16.33 44.27 42.25
C ASP C 76 -15.85 42.94 42.81
N GLY C 77 -14.54 42.85 43.06
CA GLY C 77 -13.94 41.63 43.55
C GLY C 77 -12.99 41.02 42.53
N GLU C 78 -12.88 39.70 42.58
CA GLU C 78 -12.04 38.98 41.63
C GLU C 78 -12.40 37.50 41.59
N GLU C 79 -12.52 36.93 40.39
CA GLU C 79 -12.81 35.52 40.23
C GLU C 79 -12.21 35.03 38.92
N THR C 80 -11.89 33.75 38.87
CA THR C 80 -11.30 33.14 37.69
C THR C 80 -12.37 32.42 36.88
N ILE C 81 -12.36 32.63 35.57
CA ILE C 81 -13.31 32.01 34.66
C ILE C 81 -12.53 31.22 33.61
N GLY C 82 -13.06 30.07 33.22
CA GLY C 82 -12.47 29.24 32.19
C GLY C 82 -13.47 28.98 31.08
N VAL C 83 -12.99 28.96 29.85
CA VAL C 83 -13.84 28.76 28.68
C VAL C 83 -13.02 28.09 27.60
N ASN C 84 -13.69 27.32 26.73
CA ASN C 84 -13.01 26.63 25.66
C ASN C 84 -12.53 27.62 24.60
N MET C 85 -11.28 27.47 24.18
CA MET C 85 -10.69 28.42 23.24
C MET C 85 -11.34 28.33 21.86
N ASP C 86 -11.76 27.13 21.45
CA ASP C 86 -12.33 26.95 20.11
C ASP C 86 -13.62 27.77 19.98
N HIS C 87 -14.54 27.61 20.93
CA HIS C 87 -15.81 28.32 20.86
C HIS C 87 -15.62 29.83 20.95
N LEU C 88 -14.75 30.28 21.86
CA LEU C 88 -14.50 31.70 22.01
C LEU C 88 -13.90 32.29 20.73
N LYS C 89 -12.95 31.59 20.13
CA LYS C 89 -12.35 32.07 18.89
C LYS C 89 -13.36 32.12 17.77
N LYS C 90 -14.21 31.10 17.65
CA LYS C 90 -15.22 31.10 16.60
C LYS C 90 -16.21 32.25 16.78
N VAL C 91 -16.61 32.52 18.03
CA VAL C 91 -17.55 33.60 18.28
C VAL C 91 -16.90 34.95 18.01
N LEU C 92 -15.67 35.14 18.48
CA LEU C 92 -15.00 36.44 18.32
C LEU C 92 -14.64 36.73 16.87
N LYS C 93 -14.40 35.69 16.07
CA LYS C 93 -14.08 35.91 14.67
C LYS C 93 -15.25 36.53 13.90
N ARG C 94 -16.46 36.46 14.46
CA ARG C 94 -17.63 37.04 13.82
C ARG C 94 -17.66 38.56 13.88
N GLY C 95 -16.77 39.18 14.66
CA GLY C 95 -16.76 40.62 14.79
C GLY C 95 -16.10 41.32 13.62
N LYS C 96 -16.42 42.60 13.49
CA LYS C 96 -15.91 43.44 12.41
C LYS C 96 -14.89 44.42 12.97
N ALA C 97 -14.40 45.32 12.11
CA ALA C 97 -13.33 46.24 12.46
C ALA C 97 -13.81 47.51 13.15
N LYS C 98 -15.10 47.77 13.19
CA LYS C 98 -15.63 49.00 13.78
C LYS C 98 -16.82 48.68 14.67
N GLU C 99 -16.69 47.65 15.50
CA GLU C 99 -17.75 47.23 16.41
C GLU C 99 -17.30 47.38 17.85
N THR C 100 -18.26 47.28 18.76
CA THR C 100 -18.02 47.37 20.19
C THR C 100 -18.26 46.00 20.82
N LEU C 101 -17.26 45.50 21.53
CA LEU C 101 -17.33 44.18 22.16
C LEU C 101 -17.59 44.35 23.66
N ILE C 102 -18.64 43.71 24.15
CA ILE C 102 -19.03 43.77 25.56
C ILE C 102 -19.05 42.35 26.10
N LEU C 103 -18.19 42.08 27.08
CA LEU C 103 -18.15 40.80 27.76
C LEU C 103 -18.83 40.95 29.12
N ARG C 104 -19.81 40.11 29.38
CA ARG C 104 -20.61 40.20 30.60
C ARG C 104 -20.75 38.83 31.25
N LYS C 105 -20.92 38.85 32.57
CA LYS C 105 -21.08 37.62 33.34
C LYS C 105 -22.02 37.92 34.49
N GLY C 106 -23.18 37.26 34.51
CA GLY C 106 -24.17 37.48 35.54
C GLY C 106 -23.97 36.59 36.74
N GLU C 107 -25.01 36.53 37.58
CA GLU C 107 -24.98 35.65 38.73
C GLU C 107 -25.00 34.18 38.33
N GLU C 108 -25.39 33.88 37.09
CA GLU C 108 -25.28 32.54 36.54
C GLU C 108 -23.86 32.30 36.05
N ASN C 109 -23.55 31.02 35.79
CA ASN C 109 -22.21 30.65 35.33
C ASN C 109 -22.16 30.62 33.80
N PHE C 110 -22.60 31.73 33.21
CA PHE C 110 -22.60 31.91 31.77
C PHE C 110 -21.85 33.19 31.42
N LEU C 111 -21.13 33.16 30.30
CA LEU C 111 -20.42 34.32 29.77
C LEU C 111 -21.18 34.83 28.55
N GLU C 112 -21.60 36.09 28.61
CA GLU C 112 -22.35 36.71 27.53
C GLU C 112 -21.41 37.59 26.70
N ILE C 113 -21.34 37.31 25.41
CA ILE C 113 -20.50 38.07 24.48
C ILE C 113 -21.44 38.83 23.55
N SER C 114 -21.44 40.15 23.65
CA SER C 114 -22.32 41.01 22.86
C SER C 114 -21.49 41.88 21.94
N LEU C 115 -21.83 41.88 20.65
CA LEU C 115 -21.20 42.74 19.66
C LEU C 115 -22.17 43.86 19.31
N GLN C 116 -21.72 45.10 19.49
CA GLN C 116 -22.56 46.28 19.27
C GLN C 116 -22.17 46.94 17.95
N GLY C 117 -23.05 46.85 16.97
CA GLY C 117 -22.86 47.51 15.70
C GLY C 117 -24.16 48.11 15.20
N THR C 118 -24.53 47.81 13.95
CA THR C 118 -25.85 48.17 13.48
C THR C 118 -26.94 47.44 14.26
N ALA C 119 -26.71 46.16 14.54
CA ALA C 119 -27.60 45.36 15.38
C ALA C 119 -26.77 44.63 16.42
N THR C 120 -27.38 44.37 17.58
CA THR C 120 -26.70 43.74 18.69
C THR C 120 -26.89 42.23 18.63
N ARG C 121 -25.77 41.50 18.61
CA ARG C 121 -25.78 40.05 18.62
C ARG C 121 -25.16 39.56 19.92
N THR C 122 -25.87 38.68 20.63
CA THR C 122 -25.44 38.20 21.94
C THR C 122 -25.25 36.69 21.89
N PHE C 123 -24.07 36.24 22.32
CA PHE C 123 -23.73 34.83 22.41
C PHE C 123 -23.63 34.41 23.87
N LYS C 124 -23.76 33.11 24.10
CA LYS C 124 -23.64 32.55 25.43
C LYS C 124 -22.66 31.38 25.40
N LEU C 125 -21.78 31.33 26.40
CA LEU C 125 -20.79 30.27 26.51
C LEU C 125 -20.73 29.77 27.95
N PRO C 126 -21.07 28.50 28.20
CA PRO C 126 -20.96 27.96 29.56
C PRO C 126 -19.52 27.91 30.02
N LEU C 127 -19.32 28.14 31.31
CA LEU C 127 -18.00 28.07 31.90
C LEU C 127 -17.62 26.62 32.18
N ILE C 128 -16.36 26.28 31.90
CA ILE C 128 -15.84 24.93 32.10
C ILE C 128 -14.73 25.00 33.14
N ASP C 129 -14.69 24.02 34.03
CA ASP C 129 -13.71 24.00 35.11
C ASP C 129 -12.40 23.46 34.57
N VAL C 130 -11.40 24.34 34.45
CA VAL C 130 -10.08 23.98 33.96
C VAL C 130 -9.10 24.04 35.12
N GLU C 131 -8.26 23.01 35.25
CA GLU C 131 -7.31 22.95 36.35
C GLU C 131 -6.33 24.11 36.29
N GLU C 132 -6.04 24.69 37.45
CA GLU C 132 -5.12 25.81 37.57
C GLU C 132 -3.78 25.31 38.10
N ILE C 133 -2.72 25.57 37.33
CA ILE C 133 -1.36 25.20 37.72
C ILE C 133 -0.53 26.47 37.68
N GLU C 134 -0.21 27.01 38.85
CA GLU C 134 0.53 28.27 38.93
C GLU C 134 2.01 28.00 38.76
N VAL C 135 2.52 28.28 37.56
CA VAL C 135 3.95 28.21 37.28
C VAL C 135 4.36 29.54 36.66
N ASP C 136 5.56 30.01 37.02
CA ASP C 136 6.07 31.29 36.54
C ASP C 136 7.54 31.17 36.21
N LEU C 137 7.98 31.99 35.25
CA LEU C 137 9.38 32.06 34.86
C LEU C 137 9.96 33.38 35.34
N PRO C 138 10.92 33.38 36.26
CA PRO C 138 11.46 34.65 36.75
C PRO C 138 12.35 35.33 35.71
N GLU C 139 12.84 36.52 36.03
CA GLU C 139 13.73 37.23 35.12
C GLU C 139 15.02 36.45 34.93
N LEU C 140 15.55 36.49 33.73
CA LEU C 140 16.77 35.80 33.34
C LEU C 140 17.75 36.81 32.78
N PRO C 141 19.05 36.56 32.90
CA PRO C 141 20.03 37.48 32.30
C PRO C 141 20.04 37.39 30.78
N PHE C 142 19.58 38.44 30.11
CA PHE C 142 19.50 38.46 28.65
C PHE C 142 20.71 39.21 28.11
N THR C 143 21.59 38.49 27.40
CA THR C 143 22.80 39.10 26.88
C THR C 143 22.49 40.09 25.76
N ALA C 144 21.54 39.76 24.90
CA ALA C 144 21.23 40.59 23.74
C ALA C 144 19.76 40.99 23.75
N LYS C 145 19.50 42.25 23.44
CA LYS C 145 18.15 42.77 23.30
C LYS C 145 18.00 43.40 21.93
N VAL C 146 17.00 42.94 21.18
CA VAL C 146 16.79 43.37 19.79
C VAL C 146 15.34 43.82 19.63
N VAL C 147 15.15 44.98 19.03
CA VAL C 147 13.83 45.49 18.68
C VAL C 147 13.71 45.44 17.18
N ILE C 148 12.72 44.69 16.68
CA ILE C 148 12.58 44.37 15.27
C ILE C 148 11.13 44.55 14.85
N LEU C 149 10.92 44.64 13.55
CA LEU C 149 9.59 44.75 12.96
C LEU C 149 9.01 43.37 12.65
N GLY C 150 7.69 43.32 12.51
CA GLY C 150 7.03 42.05 12.26
C GLY C 150 7.33 41.47 10.90
N ASP C 151 7.42 42.32 9.87
CA ASP C 151 7.55 41.83 8.50
C ASP C 151 8.87 41.08 8.31
N VAL C 152 9.98 41.65 8.76
CA VAL C 152 11.27 41.03 8.53
C VAL C 152 11.32 39.65 9.18
N ILE C 153 10.88 39.54 10.44
CA ILE C 153 10.93 38.26 11.13
C ILE C 153 9.94 37.28 10.51
N LYS C 154 8.79 37.76 10.04
CA LYS C 154 7.80 36.84 9.46
C LYS C 154 8.32 36.21 8.17
N GLU C 155 8.81 37.04 7.25
CA GLU C 155 9.39 36.48 6.02
C GLU C 155 10.66 35.69 6.29
N ALA C 156 11.43 36.07 7.32
CA ALA C 156 12.61 35.26 7.66
C ALA C 156 12.22 33.87 8.12
N VAL C 157 11.20 33.78 8.97
CA VAL C 157 10.72 32.47 9.42
C VAL C 157 10.14 31.69 8.25
N LYS C 158 9.46 32.39 7.34
CA LYS C 158 8.92 31.70 6.17
C LYS C 158 10.03 31.08 5.31
N ASP C 159 11.11 31.83 5.06
CA ASP C 159 12.22 31.28 4.30
C ASP C 159 12.89 30.14 5.04
N ALA C 160 13.07 30.27 6.36
CA ALA C 160 13.68 29.21 7.13
C ALA C 160 12.85 27.93 7.06
N SER C 161 11.53 28.06 7.15
CA SER C 161 10.65 26.90 6.98
C SER C 161 10.75 26.35 5.55
N LEU C 162 10.95 27.24 4.57
CA LEU C 162 11.10 26.80 3.20
C LEU C 162 12.31 25.90 3.02
N VAL C 163 13.43 26.24 3.66
CA VAL C 163 14.67 25.51 3.47
C VAL C 163 14.91 24.49 4.58
N SER C 164 14.77 24.88 5.84
CA SER C 164 15.19 24.00 6.93
C SER C 164 14.09 23.76 7.95
N ASP C 165 14.44 23.07 9.05
CA ASP C 165 13.51 22.79 10.13
C ASP C 165 13.80 23.58 11.39
N SER C 166 15.02 24.08 11.56
CA SER C 166 15.39 24.87 12.73
C SER C 166 15.98 26.20 12.29
N MET C 167 15.89 27.18 13.17
CA MET C 167 16.34 28.54 12.90
C MET C 167 17.36 28.95 13.95
N LYS C 168 18.44 29.59 13.50
CA LYS C 168 19.53 30.01 14.35
C LYS C 168 19.64 31.53 14.37
N PHE C 169 19.73 32.10 15.56
CA PHE C 169 19.84 33.55 15.74
C PHE C 169 21.24 33.87 16.26
N ILE C 170 21.96 34.71 15.52
CA ILE C 170 23.29 35.16 15.90
C ILE C 170 23.27 36.68 15.99
N ALA C 171 23.53 37.22 17.18
CA ALA C 171 23.54 38.65 17.40
C ALA C 171 24.92 39.06 17.89
N LYS C 172 25.56 39.97 17.15
CA LYS C 172 26.84 40.56 17.52
C LYS C 172 26.67 42.07 17.60
N GLU C 173 27.79 42.78 17.76
CA GLU C 173 27.75 44.22 17.89
C GLU C 173 27.20 44.86 16.61
N ASN C 174 26.07 45.55 16.75
CA ASN C 174 25.46 46.31 15.65
C ASN C 174 25.19 45.45 14.43
N GLU C 175 24.80 44.19 14.66
CA GLU C 175 24.44 43.31 13.56
C GLU C 175 23.48 42.25 14.07
N PHE C 176 22.60 41.78 13.19
CA PHE C 176 21.63 40.75 13.50
C PHE C 176 21.43 39.86 12.28
N THR C 177 21.63 38.56 12.45
CA THR C 177 21.47 37.62 11.36
C THR C 177 20.67 36.42 11.83
N MET C 178 19.98 35.79 10.87
CA MET C 178 19.19 34.59 11.13
C MET C 178 19.51 33.59 10.03
N ARG C 179 19.97 32.40 10.42
CA ARG C 179 20.43 31.41 9.48
C ARG C 179 19.57 30.16 9.56
N ALA C 180 19.42 29.48 8.43
CA ALA C 180 18.67 28.24 8.33
C ALA C 180 19.54 27.21 7.60
N GLU C 181 19.99 26.20 8.33
CA GLU C 181 20.85 25.17 7.77
C GLU C 181 20.01 23.94 7.44
N GLY C 182 19.97 23.58 6.15
CA GLY C 182 19.27 22.41 5.69
C GLY C 182 20.24 21.29 5.33
N GLU C 183 19.66 20.16 4.95
CA GLU C 183 20.48 19.02 4.51
C GLU C 183 21.26 19.37 3.26
N THR C 184 20.64 20.07 2.33
CA THR C 184 21.27 20.47 1.08
C THR C 184 21.36 21.97 0.89
N GLN C 185 20.28 22.69 1.12
CA GLN C 185 20.21 24.13 0.86
C GLN C 185 20.63 24.93 2.09
N GLU C 186 20.96 26.19 1.85
CA GLU C 186 21.34 27.13 2.91
C GLU C 186 20.63 28.45 2.68
N VAL C 187 20.16 29.06 3.77
CA VAL C 187 19.55 30.38 3.74
C VAL C 187 20.20 31.25 4.79
N GLU C 188 20.61 32.45 4.39
CA GLU C 188 21.17 33.43 5.30
C GLU C 188 20.47 34.77 5.11
N VAL C 189 19.97 35.33 6.22
CA VAL C 189 19.36 36.65 6.23
C VAL C 189 20.09 37.47 7.28
N LYS C 190 20.62 38.62 6.88
CA LYS C 190 21.34 39.51 7.78
C LYS C 190 20.87 40.94 7.55
N LEU C 191 20.78 41.71 8.63
CA LEU C 191 20.41 43.12 8.56
C LEU C 191 21.11 43.87 9.69
N THR C 192 21.39 45.14 9.43
CA THR C 192 22.14 45.98 10.36
C THR C 192 21.26 47.10 10.90
N LEU C 193 21.84 47.89 11.80
CA LEU C 193 21.09 48.98 12.42
C LEU C 193 20.68 50.02 11.39
N GLU C 194 21.51 50.25 10.37
CA GLU C 194 21.19 51.24 9.35
C GLU C 194 19.89 50.89 8.62
N ASP C 195 19.60 49.60 8.47
CA ASP C 195 18.36 49.19 7.83
C ASP C 195 17.16 49.50 8.73
N GLU C 196 16.00 49.68 8.10
CA GLU C 196 14.78 50.01 8.83
C GLU C 196 14.23 48.83 9.62
N GLY C 197 14.69 47.61 9.35
CA GLY C 197 14.21 46.46 10.10
C GLY C 197 14.58 46.52 11.57
N LEU C 198 15.80 46.97 11.86
CA LEU C 198 16.29 47.08 13.24
C LEU C 198 16.11 48.53 13.69
N LEU C 199 15.05 48.79 14.45
CA LEU C 199 14.89 50.11 15.04
C LEU C 199 15.90 50.33 16.16
N ASP C 200 16.02 49.38 17.08
CA ASP C 200 16.97 49.43 18.19
C ASP C 200 17.80 48.15 18.19
N ILE C 201 18.93 48.22 18.90
CA ILE C 201 19.78 47.05 19.12
C ILE C 201 20.74 47.35 20.27
N GLU C 202 20.99 46.34 21.11
CA GLU C 202 22.00 46.45 22.15
C GLU C 202 22.51 45.04 22.44
N VAL C 203 23.83 44.90 22.59
CA VAL C 203 24.46 43.60 22.79
C VAL C 203 25.49 43.73 23.91
N GLN C 204 25.33 42.93 24.96
CA GLN C 204 26.35 42.86 26.00
C GLN C 204 27.55 42.02 25.57
N GLU C 205 27.31 40.93 24.84
CA GLU C 205 28.39 40.06 24.37
C GLU C 205 27.81 39.17 23.27
N GLU C 206 28.71 38.51 22.54
CA GLU C 206 28.31 37.66 21.44
C GLU C 206 27.43 36.51 21.92
N THR C 207 26.36 36.23 21.17
CA THR C 207 25.40 35.20 21.54
C THR C 207 25.01 34.40 20.31
N LYS C 208 24.58 33.16 20.55
CA LYS C 208 24.19 32.25 19.48
C LYS C 208 23.26 31.19 20.05
N SER C 209 22.16 30.93 19.37
CA SER C 209 21.20 29.92 19.81
C SER C 209 20.37 29.46 18.62
N ALA C 210 19.72 28.31 18.81
CA ALA C 210 18.88 27.71 17.77
C ALA C 210 17.51 27.38 18.36
N TYR C 211 16.48 27.57 17.54
CA TYR C 211 15.11 27.33 17.95
C TYR C 211 14.34 26.68 16.82
N GLY C 212 13.24 26.02 17.18
CA GLY C 212 12.39 25.39 16.19
C GLY C 212 11.61 26.40 15.37
N ILE C 213 11.11 25.94 14.22
CA ILE C 213 10.38 26.79 13.30
C ILE C 213 8.88 26.70 13.52
N SER C 214 8.36 25.50 13.80
CA SER C 214 6.92 25.31 13.97
C SER C 214 6.38 26.22 15.06
N TYR C 215 7.05 26.25 16.21
CA TYR C 215 6.65 27.15 17.28
C TYR C 215 6.82 28.61 16.86
N LEU C 216 7.94 28.92 16.19
CA LEU C 216 8.16 30.27 15.70
C LEU C 216 7.12 30.65 14.64
N SER C 217 6.80 29.71 13.74
CA SER C 217 5.79 29.99 12.73
C SER C 217 4.42 30.24 13.36
N ASP C 218 4.09 29.48 14.41
CA ASP C 218 2.83 29.71 15.10
C ASP C 218 2.82 31.07 15.81
N MET C 219 3.95 31.45 16.41
CA MET C 219 3.98 32.70 17.17
C MET C 219 3.95 33.93 16.27
N VAL C 220 4.74 33.91 15.19
CA VAL C 220 4.88 35.11 14.35
C VAL C 220 3.73 35.30 13.38
N LYS C 221 2.94 34.25 13.11
CA LYS C 221 1.81 34.40 12.21
C LYS C 221 0.83 35.45 12.72
N GLY C 222 0.29 36.24 11.80
CA GLY C 222 -0.67 37.26 12.13
C GLY C 222 -0.08 38.61 12.50
N LEU C 223 1.24 38.72 12.64
CA LEU C 223 1.87 39.98 12.98
C LEU C 223 1.75 40.96 11.82
N GLY C 224 1.51 42.23 12.15
CA GLY C 224 1.38 43.26 11.13
C GLY C 224 2.72 43.76 10.62
N LYS C 225 2.64 44.53 9.53
CA LYS C 225 3.85 45.11 8.95
C LYS C 225 4.38 46.24 9.81
N ALA C 226 3.51 47.13 10.28
CA ALA C 226 3.92 48.27 11.10
C ALA C 226 3.72 47.95 12.59
N ASP C 227 4.46 46.95 13.06
CA ASP C 227 4.41 46.53 14.44
C ASP C 227 5.82 46.37 14.98
N GLU C 228 6.01 46.76 16.24
CA GLU C 228 7.31 46.66 16.90
C GLU C 228 7.32 45.43 17.80
N VAL C 229 8.30 44.57 17.59
CA VAL C 229 8.46 43.33 18.35
C VAL C 229 9.81 43.36 19.04
N THR C 230 9.81 43.12 20.35
CA THR C 230 11.03 43.10 21.15
C THR C 230 11.47 41.65 21.33
N ILE C 231 12.68 41.34 20.89
CA ILE C 231 13.23 39.98 20.96
C ILE C 231 14.45 40.02 21.85
N LYS C 232 14.45 39.20 22.90
CA LYS C 232 15.57 39.03 23.79
C LYS C 232 15.93 37.55 23.88
N PHE C 233 17.22 37.25 23.82
CA PHE C 233 17.68 35.86 23.87
C PHE C 233 19.13 35.84 24.32
N GLY C 234 19.58 34.66 24.72
CA GLY C 234 20.94 34.47 25.19
C GLY C 234 21.65 33.31 24.53
N ASN C 235 22.74 32.84 25.15
CA ASN C 235 23.51 31.71 24.63
C ASN C 235 22.96 30.41 25.20
N GLU C 236 22.31 29.63 24.34
CA GLU C 236 21.82 28.29 24.69
C GLU C 236 20.86 28.33 25.88
N MET C 237 20.05 29.39 25.94
CA MET C 237 19.08 29.58 27.00
C MET C 237 17.85 30.27 26.44
N PRO C 238 16.68 30.10 27.06
CA PRO C 238 15.42 30.37 26.37
C PRO C 238 15.29 31.79 25.86
N MET C 239 14.61 31.92 24.71
CA MET C 239 14.33 33.18 24.06
C MET C 239 12.98 33.73 24.49
N GLN C 240 12.92 35.05 24.64
CA GLN C 240 11.71 35.75 25.07
C GLN C 240 11.30 36.75 24.00
N MET C 241 10.08 36.61 23.48
CA MET C 241 9.52 37.53 22.51
C MET C 241 8.31 38.23 23.10
N GLU C 242 8.21 39.54 22.87
CA GLU C 242 7.10 40.31 23.39
C GLU C 242 6.76 41.44 22.43
N TYR C 243 5.51 41.87 22.48
CA TYR C 243 5.07 43.06 21.77
C TYR C 243 3.86 43.63 22.50
N TYR C 244 3.60 44.91 22.25
CA TYR C 244 2.62 45.67 23.02
C TYR C 244 1.40 45.99 22.18
N ILE C 245 0.24 45.98 22.85
CA ILE C 245 -1.04 46.30 22.24
C ILE C 245 -1.65 47.46 23.02
N ARG C 246 -2.01 48.52 22.31
CA ARG C 246 -2.51 49.76 22.90
C ARG C 246 -1.52 50.38 23.88
N ASP C 247 -0.22 50.13 23.65
CA ASP C 247 0.89 50.75 24.36
C ASP C 247 0.99 50.33 25.83
N GLU C 248 0.03 49.57 26.32
CA GLU C 248 0.10 49.03 27.68
C GLU C 248 -0.14 47.53 27.75
N GLY C 249 -1.04 47.00 26.93
CA GLY C 249 -1.23 45.56 26.91
C GLY C 249 0.01 44.86 26.40
N ARG C 250 0.34 43.73 27.03
CA ARG C 250 1.59 43.02 26.75
C ARG C 250 1.32 41.54 26.57
N LEU C 251 1.90 40.97 25.52
CA LEU C 251 1.91 39.53 25.29
C LEU C 251 3.35 39.05 25.37
N ILE C 252 3.58 37.98 26.12
CA ILE C 252 4.92 37.46 26.36
C ILE C 252 4.98 36.02 25.88
N PHE C 253 5.97 35.73 25.03
CA PHE C 253 6.27 34.37 24.60
C PHE C 253 7.61 33.95 25.18
N LEU C 254 7.67 32.76 25.75
CA LEU C 254 8.91 32.20 26.29
C LEU C 254 9.13 30.84 25.64
N LEU C 255 10.11 30.76 24.76
CA LEU C 255 10.38 29.56 23.97
C LEU C 255 11.70 28.93 24.41
N ALA C 256 11.66 27.65 24.76
CA ALA C 256 12.86 26.93 25.11
C ALA C 256 13.66 26.56 23.86
N PRO C 257 14.99 26.55 23.95
CA PRO C 257 15.81 26.19 22.80
C PRO C 257 15.90 24.68 22.62
N ARG C 258 16.38 24.27 21.46
CA ARG C 258 16.61 22.86 21.19
C ARG C 258 17.82 22.37 21.98
N VAL C 259 17.91 21.05 22.12
CA VAL C 259 18.98 20.40 22.87
C VAL C 259 19.03 20.93 24.31
N PRO D 14 -39.50 31.90 -32.52
CA PRO D 14 -38.40 32.78 -32.94
C PRO D 14 -38.40 34.11 -32.17
N PHE D 15 -37.74 34.13 -31.03
CA PHE D 15 -37.67 35.32 -30.19
C PHE D 15 -36.24 35.82 -30.08
N GLU D 16 -36.08 37.13 -29.96
CA GLU D 16 -34.78 37.77 -29.77
C GLU D 16 -34.85 38.65 -28.54
N ILE D 17 -34.11 38.27 -27.50
CA ILE D 17 -34.12 38.96 -26.22
C ILE D 17 -32.71 39.50 -25.95
N VAL D 18 -32.63 40.78 -25.63
CA VAL D 18 -31.35 41.44 -25.36
C VAL D 18 -31.35 41.93 -23.91
N PHE D 19 -30.28 41.62 -23.19
CA PHE D 19 -30.16 41.98 -21.79
C PHE D 19 -28.80 42.62 -21.56
N GLU D 20 -28.75 43.55 -20.62
CA GLU D 20 -27.53 44.27 -20.26
C GLU D 20 -27.11 43.89 -18.84
N GLY D 21 -25.80 43.79 -18.63
CA GLY D 21 -25.30 43.36 -17.35
C GLY D 21 -25.45 41.87 -17.12
N ALA D 22 -24.70 41.08 -17.90
CA ALA D 22 -24.83 39.62 -17.82
C ALA D 22 -24.47 39.08 -16.44
N LYS D 23 -23.72 39.84 -15.65
CA LYS D 23 -23.37 39.39 -14.31
C LYS D 23 -24.61 39.25 -13.44
N GLU D 24 -25.53 40.22 -13.52
CA GLU D 24 -26.76 40.14 -12.74
C GLU D 24 -27.59 38.93 -13.14
N PHE D 25 -27.67 38.65 -14.44
CA PHE D 25 -28.39 37.47 -14.91
C PHE D 25 -27.72 36.19 -14.40
N ALA D 26 -26.39 36.17 -14.39
CA ALA D 26 -25.67 35.01 -13.87
C ALA D 26 -25.98 34.78 -12.40
N GLN D 27 -25.97 35.86 -11.61
CA GLN D 27 -26.31 35.72 -10.19
C GLN D 27 -27.74 35.24 -10.00
N LEU D 28 -28.68 35.77 -10.79
CA LEU D 28 -30.07 35.36 -10.68
C LEU D 28 -30.23 33.88 -10.98
N ILE D 29 -29.60 33.41 -12.06
CA ILE D 29 -29.72 32.00 -12.42
C ILE D 29 -29.03 31.11 -11.39
N GLU D 30 -27.89 31.57 -10.86
CA GLU D 30 -27.20 30.78 -9.84
C GLU D 30 -28.03 30.66 -8.57
N THR D 31 -28.70 31.74 -8.17
CA THR D 31 -29.63 31.66 -7.05
C THR D 31 -30.77 30.70 -7.37
N ALA D 32 -31.28 30.75 -8.61
CA ALA D 32 -32.33 29.83 -9.02
C ALA D 32 -31.83 28.39 -9.20
N SER D 33 -30.51 28.18 -9.26
CA SER D 33 -29.94 26.86 -9.52
C SER D 33 -29.46 26.15 -8.26
N ARG D 34 -29.57 26.77 -7.09
CA ARG D 34 -29.12 26.15 -5.86
C ARG D 34 -30.16 25.24 -5.22
N LEU D 35 -31.39 25.23 -5.74
CA LEU D 35 -32.45 24.39 -5.22
C LEU D 35 -32.96 23.36 -6.21
N ILE D 36 -32.92 23.67 -7.52
CA ILE D 36 -33.42 22.77 -8.56
C ILE D 36 -32.33 22.60 -9.61
N ASP D 37 -32.42 21.52 -10.38
CA ASP D 37 -31.49 21.25 -11.47
C ASP D 37 -32.16 21.30 -12.84
N GLU D 38 -33.41 20.83 -12.95
CA GLU D 38 -34.14 20.82 -14.21
C GLU D 38 -35.49 21.48 -14.03
N ALA D 39 -35.83 22.39 -14.94
CA ALA D 39 -37.13 23.06 -14.94
C ALA D 39 -37.30 23.71 -16.30
N ALA D 40 -38.51 24.23 -16.54
CA ALA D 40 -38.88 24.81 -17.81
C ALA D 40 -39.12 26.31 -17.68
N PHE D 41 -38.67 27.05 -18.69
CA PHE D 41 -38.88 28.49 -18.78
C PHE D 41 -39.96 28.79 -19.80
N LYS D 42 -40.92 29.63 -19.42
CA LYS D 42 -41.99 30.06 -20.31
C LYS D 42 -41.70 31.48 -20.75
N VAL D 43 -41.88 31.75 -22.04
CA VAL D 43 -41.62 33.05 -22.63
C VAL D 43 -42.90 33.56 -23.27
N THR D 44 -43.23 34.82 -23.00
CA THR D 44 -44.51 35.38 -23.40
C THR D 44 -44.32 36.89 -23.57
N GLU D 45 -45.27 37.53 -24.25
CA GLU D 45 -45.17 38.96 -24.53
C GLU D 45 -44.93 39.77 -23.27
N GLU D 46 -45.66 39.47 -22.19
CA GLU D 46 -45.47 40.25 -20.97
C GLU D 46 -44.10 40.02 -20.35
N GLY D 47 -43.49 38.86 -20.59
CA GLY D 47 -42.17 38.62 -20.06
C GLY D 47 -41.89 37.13 -19.95
N ILE D 48 -40.97 36.80 -19.03
CA ILE D 48 -40.51 35.44 -18.81
C ILE D 48 -40.86 35.04 -17.38
N SER D 49 -41.48 33.88 -17.22
CA SER D 49 -41.88 33.35 -15.93
C SER D 49 -41.03 32.13 -15.57
N MET D 50 -41.23 31.64 -14.34
CA MET D 50 -40.45 30.53 -13.82
C MET D 50 -41.13 30.01 -12.56
N ARG D 51 -41.25 28.69 -12.46
CA ARG D 51 -41.80 28.06 -11.25
C ARG D 51 -41.28 26.63 -11.21
N ALA D 52 -40.28 26.40 -10.36
CA ALA D 52 -39.67 25.09 -10.21
C ALA D 52 -39.97 24.52 -8.82
N MET D 53 -39.52 23.30 -8.57
CA MET D 53 -39.78 22.63 -7.30
C MET D 53 -38.52 21.92 -6.82
N ASP D 54 -38.22 22.07 -5.54
CA ASP D 54 -37.11 21.36 -4.94
C ASP D 54 -37.40 19.86 -4.90
N PRO D 55 -36.45 19.03 -5.31
CA PRO D 55 -36.68 17.57 -5.24
C PRO D 55 -37.10 17.07 -3.87
N SER D 56 -36.74 17.77 -2.79
CA SER D 56 -37.16 17.37 -1.45
C SER D 56 -38.56 17.84 -1.10
N ARG D 57 -39.21 18.60 -1.98
CA ARG D 57 -40.59 19.05 -1.79
C ARG D 57 -40.75 19.83 -0.50
N VAL D 58 -39.77 20.69 -0.19
CA VAL D 58 -39.81 21.49 1.02
C VAL D 58 -39.70 22.99 0.76
N VAL D 59 -39.06 23.43 -0.32
CA VAL D 59 -38.93 24.85 -0.62
C VAL D 59 -39.42 25.09 -2.04
N LEU D 60 -40.27 26.11 -2.22
CA LEU D 60 -40.85 26.45 -3.49
C LEU D 60 -40.25 27.77 -3.98
N ILE D 61 -39.96 27.85 -5.28
CA ILE D 61 -39.35 29.02 -5.89
C ILE D 61 -40.20 29.46 -7.07
N ASP D 62 -40.51 30.75 -7.12
CA ASP D 62 -41.25 31.34 -8.24
C ASP D 62 -40.46 32.57 -8.68
N LEU D 63 -40.21 32.68 -9.98
CA LEU D 63 -39.45 33.79 -10.54
C LEU D 63 -40.22 34.37 -11.72
N ASN D 64 -40.34 35.69 -11.76
CA ASN D 64 -41.08 36.39 -12.80
C ASN D 64 -40.23 37.53 -13.34
N LEU D 65 -40.05 37.57 -14.66
CA LEU D 65 -39.27 38.60 -15.33
C LEU D 65 -40.14 39.25 -16.41
N PRO D 66 -40.80 40.35 -16.11
CA PRO D 66 -41.61 41.03 -17.13
C PRO D 66 -40.73 41.60 -18.24
N ALA D 67 -41.39 41.97 -19.34
CA ALA D 67 -40.66 42.33 -20.56
C ALA D 67 -40.01 43.70 -20.51
N SER D 68 -40.45 44.58 -19.61
CA SER D 68 -40.00 45.97 -19.65
C SER D 68 -38.52 46.09 -19.27
N ILE D 69 -38.01 45.17 -18.46
CA ILE D 69 -36.62 45.27 -18.00
C ILE D 69 -35.65 45.07 -19.16
N PHE D 70 -35.96 44.13 -20.06
CA PHE D 70 -35.07 43.85 -21.18
C PHE D 70 -35.02 45.03 -22.13
N SER D 71 -33.83 45.29 -22.69
CA SER D 71 -33.65 46.44 -23.57
C SER D 71 -34.45 46.27 -24.86
N LYS D 72 -34.29 45.13 -25.53
CA LYS D 72 -34.99 44.84 -26.78
C LYS D 72 -35.62 43.46 -26.65
N TYR D 73 -36.88 43.42 -26.20
CA TYR D 73 -37.60 42.17 -25.96
C TYR D 73 -38.72 42.06 -27.00
N GLU D 74 -38.67 41.02 -27.81
CA GLU D 74 -39.69 40.75 -28.82
C GLU D 74 -40.00 39.27 -28.85
N VAL D 75 -41.29 38.93 -28.92
CA VAL D 75 -41.73 37.54 -28.98
C VAL D 75 -43.20 37.52 -29.42
N ASP D 76 -43.60 36.47 -30.13
CA ASP D 76 -44.98 36.27 -30.53
C ASP D 76 -45.50 34.99 -29.92
N GLY D 77 -46.61 35.07 -29.20
CA GLY D 77 -47.20 33.91 -28.57
C GLY D 77 -46.48 33.50 -27.30
N GLU D 78 -46.87 32.35 -26.78
CA GLU D 78 -46.28 31.79 -25.56
C GLU D 78 -45.60 30.46 -25.89
N GLU D 79 -44.31 30.36 -25.57
CA GLU D 79 -43.55 29.14 -25.76
C GLU D 79 -42.93 28.72 -24.44
N THR D 80 -42.56 27.44 -24.35
CA THR D 80 -41.87 26.88 -23.20
C THR D 80 -40.46 26.47 -23.59
N ILE D 81 -39.53 26.66 -22.66
CA ILE D 81 -38.12 26.35 -22.88
C ILE D 81 -37.62 25.52 -21.71
N GLY D 82 -37.02 24.37 -22.01
CA GLY D 82 -36.49 23.50 -20.96
C GLY D 82 -34.99 23.29 -21.08
N VAL D 83 -34.23 23.79 -20.10
CA VAL D 83 -32.78 23.74 -20.14
C VAL D 83 -32.26 23.32 -18.78
N ASN D 84 -31.26 22.44 -18.78
CA ASN D 84 -30.62 22.02 -17.54
C ASN D 84 -29.86 23.20 -16.93
N MET D 85 -29.96 23.33 -15.61
CA MET D 85 -29.46 24.52 -14.94
C MET D 85 -27.93 24.56 -14.83
N ASP D 86 -27.28 23.40 -14.75
CA ASP D 86 -25.83 23.39 -14.57
C ASP D 86 -25.11 23.95 -15.80
N HIS D 87 -25.48 23.46 -17.00
CA HIS D 87 -24.86 23.96 -18.22
C HIS D 87 -25.17 25.43 -18.42
N LEU D 88 -26.41 25.84 -18.13
CA LEU D 88 -26.79 27.23 -18.27
C LEU D 88 -25.98 28.12 -17.33
N LYS D 89 -25.80 27.69 -16.09
CA LYS D 89 -25.03 28.49 -15.13
C LYS D 89 -23.57 28.55 -15.55
N LYS D 90 -23.04 27.47 -16.11
CA LYS D 90 -21.67 27.49 -16.60
C LYS D 90 -21.52 28.46 -17.77
N VAL D 91 -22.52 28.52 -18.64
CA VAL D 91 -22.47 29.42 -19.79
C VAL D 91 -22.54 30.88 -19.33
N LEU D 92 -23.51 31.20 -18.45
CA LEU D 92 -23.66 32.59 -18.02
C LEU D 92 -22.55 33.04 -17.08
N LYS D 93 -21.88 32.12 -16.39
CA LYS D 93 -20.80 32.53 -15.50
C LYS D 93 -19.61 33.08 -16.27
N ARG D 94 -19.52 32.83 -17.57
CA ARG D 94 -18.41 33.36 -18.36
C ARG D 94 -18.57 34.84 -18.64
N GLY D 95 -19.76 35.41 -18.44
CA GLY D 95 -19.96 36.81 -18.72
C GLY D 95 -19.29 37.71 -17.71
N LYS D 96 -18.95 38.92 -18.15
CA LYS D 96 -18.28 39.91 -17.33
C LYS D 96 -19.26 41.01 -16.93
N ALA D 97 -18.72 42.05 -16.29
CA ALA D 97 -19.57 43.12 -15.77
C ALA D 97 -20.29 43.88 -16.88
N LYS D 98 -19.60 44.14 -18.00
CA LYS D 98 -20.16 44.99 -19.03
C LYS D 98 -20.31 44.25 -20.36
N GLU D 99 -20.85 43.05 -20.31
CA GLU D 99 -21.12 42.26 -21.50
C GLU D 99 -22.61 42.22 -21.78
N THR D 100 -22.97 42.39 -23.05
CA THR D 100 -24.37 42.32 -23.46
C THR D 100 -24.79 40.87 -23.62
N LEU D 101 -25.88 40.50 -22.97
CA LEU D 101 -26.39 39.13 -23.02
C LEU D 101 -27.57 39.08 -23.99
N ILE D 102 -27.49 38.18 -24.96
CA ILE D 102 -28.49 38.04 -26.00
C ILE D 102 -29.02 36.61 -25.97
N LEU D 103 -30.34 36.45 -25.88
CA LEU D 103 -31.00 35.15 -25.96
C LEU D 103 -31.78 35.09 -27.26
N ARG D 104 -31.38 34.21 -28.16
CA ARG D 104 -32.01 34.09 -29.47
C ARG D 104 -32.33 32.62 -29.75
N LYS D 105 -33.53 32.39 -30.29
CA LYS D 105 -33.97 31.06 -30.68
C LYS D 105 -34.60 31.14 -32.06
N GLY D 106 -34.32 30.14 -32.89
CA GLY D 106 -34.89 30.10 -34.23
C GLY D 106 -35.78 28.90 -34.47
N GLU D 107 -35.92 28.51 -35.74
CA GLU D 107 -36.73 27.34 -36.06
C GLU D 107 -36.12 26.07 -35.48
N GLU D 108 -34.80 25.94 -35.56
CA GLU D 108 -34.13 24.77 -35.02
C GLU D 108 -34.19 24.76 -33.49
N ASN D 109 -34.32 23.57 -32.93
CA ASN D 109 -34.46 23.39 -31.48
C ASN D 109 -33.12 23.56 -30.77
N PHE D 110 -32.54 24.76 -30.93
CA PHE D 110 -31.29 25.12 -30.29
C PHE D 110 -31.44 26.48 -29.62
N LEU D 111 -30.96 26.57 -28.38
CA LEU D 111 -30.97 27.82 -27.62
C LEU D 111 -29.59 28.47 -27.77
N GLU D 112 -29.55 29.59 -28.48
CA GLU D 112 -28.30 30.30 -28.71
C GLU D 112 -28.14 31.42 -27.67
N ILE D 113 -27.01 31.40 -26.97
CA ILE D 113 -26.65 32.45 -26.03
C ILE D 113 -25.40 33.12 -26.58
N SER D 114 -25.51 34.40 -26.91
CA SER D 114 -24.41 35.16 -27.48
C SER D 114 -23.98 36.25 -26.50
N LEU D 115 -22.68 36.37 -26.30
CA LEU D 115 -22.09 37.37 -25.41
C LEU D 115 -21.40 38.42 -26.27
N GLN D 116 -21.95 39.63 -26.28
CA GLN D 116 -21.45 40.71 -27.13
C GLN D 116 -20.54 41.62 -26.30
N GLY D 117 -19.35 41.91 -26.84
CA GLY D 117 -18.39 42.75 -26.16
C GLY D 117 -17.18 43.03 -27.03
N THR D 118 -15.99 42.94 -26.43
CA THR D 118 -14.76 43.10 -27.21
C THR D 118 -14.60 41.96 -28.22
N ALA D 119 -15.24 40.82 -27.96
CA ALA D 119 -15.21 39.69 -28.88
C ALA D 119 -16.55 38.96 -28.78
N THR D 120 -17.17 38.69 -29.92
CA THR D 120 -18.49 38.08 -29.95
C THR D 120 -18.33 36.56 -29.84
N ARG D 121 -18.58 36.03 -28.65
CA ARG D 121 -18.49 34.60 -28.39
C ARG D 121 -19.90 34.02 -28.29
N THR D 122 -20.17 32.98 -29.06
CA THR D 122 -21.51 32.40 -29.17
C THR D 122 -21.52 31.00 -28.58
N PHE D 123 -22.54 30.72 -27.77
CA PHE D 123 -22.76 29.39 -27.21
C PHE D 123 -24.08 28.84 -27.72
N LYS D 124 -24.13 27.52 -27.86
CA LYS D 124 -25.34 26.82 -28.27
C LYS D 124 -25.67 25.75 -27.25
N LEU D 125 -26.93 25.70 -26.83
CA LEU D 125 -27.37 24.76 -25.82
C LEU D 125 -28.55 23.94 -26.34
N PRO D 126 -28.61 22.66 -25.97
CA PRO D 126 -29.75 21.83 -26.41
C PRO D 126 -30.92 21.90 -25.44
N LEU D 127 -32.13 22.08 -25.97
CA LEU D 127 -33.32 22.09 -25.14
C LEU D 127 -33.73 20.68 -24.78
N ILE D 128 -34.11 20.48 -23.53
CA ILE D 128 -34.53 19.18 -23.01
C ILE D 128 -35.97 19.29 -22.53
N ASP D 129 -36.76 18.26 -22.83
CA ASP D 129 -38.18 18.25 -22.46
C ASP D 129 -38.32 17.84 -21.00
N VAL D 130 -38.93 18.70 -20.21
CA VAL D 130 -39.19 18.44 -18.79
C VAL D 130 -40.67 18.72 -18.52
N GLU D 131 -41.25 17.93 -17.61
CA GLU D 131 -42.67 18.10 -17.30
C GLU D 131 -42.90 19.36 -16.47
N GLU D 132 -44.09 19.92 -16.60
CA GLU D 132 -44.48 21.11 -15.86
C GLU D 132 -45.68 20.79 -14.98
N ILE D 133 -45.58 21.13 -13.70
CA ILE D 133 -46.66 20.96 -12.74
C ILE D 133 -47.08 22.35 -12.30
N GLU D 134 -48.26 22.79 -12.75
CA GLU D 134 -48.75 24.13 -12.47
C GLU D 134 -49.61 24.10 -11.22
N VAL D 135 -49.06 24.59 -10.12
CA VAL D 135 -49.77 24.70 -8.85
C VAL D 135 -49.68 26.16 -8.42
N ASP D 136 -50.77 26.90 -8.56
CA ASP D 136 -50.82 28.30 -8.16
C ASP D 136 -51.33 28.39 -6.73
N LEU D 137 -50.53 28.97 -5.84
CA LEU D 137 -50.88 29.10 -4.44
C LEU D 137 -51.36 30.51 -4.16
N PRO D 138 -52.64 30.71 -3.86
CA PRO D 138 -53.14 32.07 -3.59
C PRO D 138 -52.62 32.61 -2.26
N GLU D 139 -53.06 33.82 -1.90
CA GLU D 139 -52.64 34.42 -0.64
C GLU D 139 -53.07 33.55 0.54
N LEU D 140 -52.13 33.29 1.43
CA LEU D 140 -52.37 32.53 2.64
C LEU D 140 -52.46 33.47 3.84
N PRO D 141 -53.18 33.09 4.90
CA PRO D 141 -53.25 33.96 6.08
C PRO D 141 -51.92 33.99 6.82
N PHE D 142 -51.20 35.10 6.68
CA PHE D 142 -49.89 35.26 7.29
C PHE D 142 -50.01 36.21 8.47
N THR D 143 -49.65 35.74 9.66
CA THR D 143 -49.83 36.53 10.87
C THR D 143 -48.94 37.75 10.87
N ALA D 144 -47.68 37.61 10.45
CA ALA D 144 -46.71 38.69 10.51
C ALA D 144 -46.12 38.95 9.13
N LYS D 145 -46.00 40.23 8.79
CA LYS D 145 -45.29 40.67 7.59
C LYS D 145 -44.29 41.74 8.00
N VAL D 146 -43.02 41.52 7.68
CA VAL D 146 -41.95 42.42 8.07
C VAL D 146 -41.02 42.63 6.87
N VAL D 147 -40.32 43.77 6.86
CA VAL D 147 -39.38 44.10 5.81
C VAL D 147 -38.04 44.45 6.45
N ILE D 148 -36.97 43.79 6.00
CA ILE D 148 -35.63 43.99 6.55
C ILE D 148 -34.63 44.03 5.40
N LEU D 149 -33.44 44.54 5.71
CA LEU D 149 -32.35 44.56 4.76
C LEU D 149 -31.74 43.17 4.61
N GLY D 150 -31.04 42.97 3.48
CA GLY D 150 -30.41 41.68 3.24
C GLY D 150 -29.26 41.39 4.19
N ASP D 151 -28.49 42.42 4.54
CA ASP D 151 -27.32 42.22 5.38
C ASP D 151 -27.70 41.70 6.76
N VAL D 152 -28.80 42.22 7.32
CA VAL D 152 -29.20 41.81 8.67
C VAL D 152 -29.52 40.33 8.72
N ILE D 153 -30.36 39.86 7.79
CA ILE D 153 -30.73 38.45 7.79
C ILE D 153 -29.52 37.59 7.43
N LYS D 154 -28.65 38.08 6.54
CA LYS D 154 -27.45 37.33 6.19
C LYS D 154 -26.57 37.09 7.41
N GLU D 155 -26.27 38.16 8.16
CA GLU D 155 -25.42 38.02 9.33
C GLU D 155 -26.11 37.18 10.39
N ALA D 156 -27.43 37.34 10.55
CA ALA D 156 -28.15 36.54 11.54
C ALA D 156 -28.04 35.05 11.24
N VAL D 157 -28.22 34.68 9.96
CA VAL D 157 -28.12 33.27 9.59
C VAL D 157 -26.69 32.77 9.76
N LYS D 158 -25.70 33.59 9.40
CA LYS D 158 -24.32 33.16 9.54
C LYS D 158 -23.94 32.96 11.01
N ASP D 159 -24.46 33.80 11.90
CA ASP D 159 -24.22 33.59 13.32
C ASP D 159 -24.92 32.34 13.83
N ALA D 160 -26.19 32.16 13.45
CA ALA D 160 -26.96 31.02 13.93
C ALA D 160 -26.44 29.70 13.38
N SER D 161 -25.69 29.72 12.27
CA SER D 161 -25.16 28.48 11.72
C SER D 161 -24.16 27.82 12.65
N LEU D 162 -23.52 28.59 13.53
CA LEU D 162 -22.50 28.02 14.41
C LEU D 162 -23.12 27.13 15.48
N VAL D 163 -24.20 27.61 16.13
CA VAL D 163 -24.70 26.94 17.31
C VAL D 163 -25.44 25.65 16.96
N SER D 164 -26.28 25.69 15.92
CA SER D 164 -27.14 24.56 15.61
C SER D 164 -27.43 24.56 14.11
N ASP D 165 -28.45 23.78 13.73
CA ASP D 165 -28.90 23.70 12.35
C ASP D 165 -30.36 24.12 12.16
N SER D 166 -31.03 24.55 13.23
CA SER D 166 -32.40 25.01 13.15
C SER D 166 -32.48 26.44 13.69
N MET D 167 -33.19 27.31 12.96
CA MET D 167 -33.31 28.71 13.32
C MET D 167 -34.76 29.03 13.66
N LYS D 168 -34.95 29.81 14.73
CA LYS D 168 -36.27 30.18 15.21
C LYS D 168 -36.55 31.65 14.91
N PHE D 169 -37.74 31.93 14.41
CA PHE D 169 -38.21 33.29 14.16
C PHE D 169 -39.29 33.64 15.17
N ILE D 170 -39.18 34.84 15.76
CA ILE D 170 -40.17 35.35 16.69
C ILE D 170 -40.49 36.78 16.29
N ALA D 171 -41.77 37.05 16.02
CA ALA D 171 -42.23 38.38 15.66
C ALA D 171 -43.25 38.84 16.69
N LYS D 172 -42.99 39.97 17.33
CA LYS D 172 -43.87 40.50 18.36
C LYS D 172 -44.25 41.94 18.05
N GLU D 173 -44.92 42.60 18.99
CA GLU D 173 -45.35 43.98 18.80
C GLU D 173 -44.13 44.88 18.73
N ASN D 174 -43.88 45.43 17.54
CA ASN D 174 -42.73 46.29 17.28
C ASN D 174 -41.40 45.61 17.61
N GLU D 175 -41.36 44.28 17.53
CA GLU D 175 -40.17 43.52 17.89
C GLU D 175 -39.95 42.40 16.90
N PHE D 176 -38.70 42.14 16.55
CA PHE D 176 -38.33 41.03 15.69
C PHE D 176 -37.10 40.37 16.29
N THR D 177 -37.26 39.14 16.77
CA THR D 177 -36.20 38.42 17.47
C THR D 177 -35.88 37.14 16.71
N MET D 178 -34.60 36.91 16.47
CA MET D 178 -34.11 35.68 15.86
C MET D 178 -33.25 34.95 16.88
N ARG D 179 -33.52 33.65 17.07
CA ARG D 179 -32.85 32.88 18.10
C ARG D 179 -32.50 31.51 17.56
N ALA D 180 -31.45 30.92 18.13
CA ALA D 180 -31.04 29.56 17.83
C ALA D 180 -30.43 28.95 19.07
N GLU D 181 -30.73 27.68 19.32
CA GLU D 181 -30.35 27.02 20.56
C GLU D 181 -29.60 25.73 20.25
N GLY D 182 -28.69 25.37 21.16
CA GLY D 182 -27.93 24.14 21.03
C GLY D 182 -27.79 23.40 22.33
N GLU D 183 -26.90 22.40 22.37
CA GLU D 183 -26.69 21.64 23.60
C GLU D 183 -26.16 22.53 24.72
N THR D 184 -25.21 23.41 24.38
CA THR D 184 -24.63 24.33 25.36
C THR D 184 -24.53 25.77 24.88
N GLN D 185 -24.51 26.02 23.58
CA GLN D 185 -24.37 27.36 23.03
C GLN D 185 -25.74 27.98 22.76
N GLU D 186 -25.73 29.29 22.49
CA GLU D 186 -26.94 30.04 22.25
C GLU D 186 -26.60 31.38 21.66
N VAL D 187 -27.39 31.83 20.68
CA VAL D 187 -27.22 33.14 20.06
C VAL D 187 -28.60 33.75 19.83
N GLU D 188 -28.72 35.05 20.08
CA GLU D 188 -29.98 35.76 19.88
C GLU D 188 -29.71 37.07 19.16
N VAL D 189 -30.67 37.49 18.33
CA VAL D 189 -30.62 38.77 17.64
C VAL D 189 -31.97 39.45 17.82
N LYS D 190 -31.95 40.68 18.31
CA LYS D 190 -33.16 41.45 18.54
C LYS D 190 -33.15 42.69 17.65
N LEU D 191 -34.27 42.95 16.98
CA LEU D 191 -34.39 44.07 16.06
C LEU D 191 -35.55 44.95 16.50
N THR D 192 -35.34 46.26 16.46
CA THR D 192 -36.34 47.24 16.85
C THR D 192 -36.55 48.24 15.72
N LEU D 193 -37.59 49.06 15.86
CA LEU D 193 -37.94 50.02 14.82
C LEU D 193 -36.85 51.07 14.63
N GLU D 194 -36.23 51.51 15.74
CA GLU D 194 -35.21 52.54 15.66
C GLU D 194 -33.99 52.07 14.87
N ASP D 195 -33.78 50.77 14.78
CA ASP D 195 -32.64 50.23 14.04
C ASP D 195 -32.82 50.49 12.55
N GLU D 196 -31.69 50.71 11.88
CA GLU D 196 -31.72 50.97 10.44
C GLU D 196 -32.22 49.76 9.66
N GLY D 197 -31.90 48.56 10.14
CA GLY D 197 -32.28 47.35 9.40
C GLY D 197 -33.78 47.16 9.31
N LEU D 198 -34.50 47.54 10.35
CA LEU D 198 -35.95 47.35 10.41
C LEU D 198 -36.62 48.57 9.80
N LEU D 199 -37.01 48.46 8.52
CA LEU D 199 -37.72 49.56 7.87
C LEU D 199 -39.13 49.70 8.42
N ASP D 200 -39.87 48.59 8.49
CA ASP D 200 -41.26 48.62 8.94
C ASP D 200 -41.66 47.21 9.36
N ILE D 201 -42.74 47.13 10.14
CA ILE D 201 -43.26 45.87 10.63
C ILE D 201 -44.77 46.00 10.80
N GLU D 202 -45.49 44.92 10.51
CA GLU D 202 -46.95 44.89 10.66
C GLU D 202 -47.35 43.50 11.14
N VAL D 203 -47.71 43.40 12.42
CA VAL D 203 -48.11 42.13 13.02
C VAL D 203 -49.43 42.34 13.74
N GLN D 204 -50.33 41.35 13.66
CA GLN D 204 -51.60 41.41 14.37
C GLN D 204 -51.55 40.70 15.72
N GLU D 205 -50.75 39.65 15.83
CA GLU D 205 -50.59 38.94 17.09
C GLU D 205 -49.24 38.23 17.10
N GLU D 206 -48.77 37.91 18.29
CA GLU D 206 -47.45 37.29 18.43
C GLU D 206 -47.43 35.94 17.71
N THR D 207 -46.37 35.72 16.93
CA THR D 207 -46.23 34.50 16.15
C THR D 207 -44.80 33.97 16.31
N LYS D 208 -44.65 32.66 16.12
CA LYS D 208 -43.37 32.00 16.30
C LYS D 208 -43.35 30.70 15.51
N SER D 209 -42.20 30.42 14.90
CA SER D 209 -41.99 29.19 14.14
C SER D 209 -40.49 29.02 13.92
N ALA D 210 -40.10 27.87 13.38
CA ALA D 210 -38.70 27.54 13.17
C ALA D 210 -38.51 26.92 11.79
N TYR D 211 -37.29 27.06 11.26
CA TYR D 211 -36.96 26.57 9.93
C TYR D 211 -35.56 25.96 9.97
N GLY D 212 -35.12 25.47 8.80
CA GLY D 212 -33.83 24.84 8.68
C GLY D 212 -32.76 25.82 8.19
N ILE D 213 -31.55 25.67 8.73
CA ILE D 213 -30.48 26.60 8.40
C ILE D 213 -30.00 26.41 6.97
N SER D 214 -29.88 25.15 6.52
CA SER D 214 -29.33 24.88 5.20
C SER D 214 -30.15 25.54 4.10
N TYR D 215 -31.47 25.31 4.11
CA TYR D 215 -32.33 25.96 3.14
C TYR D 215 -32.30 27.47 3.31
N LEU D 216 -32.34 27.95 4.56
CA LEU D 216 -32.28 29.39 4.81
C LEU D 216 -30.96 29.98 4.30
N SER D 217 -29.85 29.27 4.52
CA SER D 217 -28.57 29.74 4.02
C SER D 217 -28.59 29.80 2.49
N ASP D 218 -29.18 28.79 1.84
CA ASP D 218 -29.23 28.79 0.39
C ASP D 218 -30.05 29.97 -0.13
N MET D 219 -31.18 30.27 0.50
CA MET D 219 -32.03 31.35 -0.02
C MET D 219 -31.47 32.73 0.28
N VAL D 220 -30.76 32.89 1.40
CA VAL D 220 -30.23 34.22 1.74
C VAL D 220 -28.81 34.47 1.23
N LYS D 221 -28.03 33.43 0.96
CA LYS D 221 -26.70 33.62 0.42
C LYS D 221 -26.75 34.32 -0.93
N GLY D 222 -25.81 35.21 -1.17
CA GLY D 222 -25.81 35.98 -2.41
C GLY D 222 -26.95 36.97 -2.51
N LEU D 223 -27.25 37.65 -1.41
CA LEU D 223 -28.30 38.68 -1.37
C LEU D 223 -27.65 40.04 -1.23
N GLY D 224 -28.11 40.99 -2.04
CA GLY D 224 -27.49 42.30 -2.05
C GLY D 224 -27.64 43.00 -0.71
N LYS D 225 -26.64 43.81 -0.37
CA LYS D 225 -26.64 44.50 0.92
C LYS D 225 -27.76 45.54 1.00
N ALA D 226 -27.92 46.34 -0.05
CA ALA D 226 -28.91 47.41 -0.06
C ALA D 226 -30.20 46.95 -0.74
N ASP D 227 -30.78 45.88 -0.20
CA ASP D 227 -32.04 45.34 -0.69
C ASP D 227 -33.02 45.21 0.45
N GLU D 228 -34.27 45.60 0.19
CA GLU D 228 -35.35 45.48 1.16
C GLU D 228 -36.05 44.15 0.92
N VAL D 229 -36.04 43.28 1.92
CA VAL D 229 -36.56 41.92 1.80
C VAL D 229 -37.83 41.81 2.64
N THR D 230 -38.88 41.27 2.04
CA THR D 230 -40.16 41.10 2.71
C THR D 230 -40.28 39.67 3.23
N ILE D 231 -40.66 39.54 4.50
CA ILE D 231 -40.79 38.25 5.16
C ILE D 231 -42.22 38.11 5.67
N LYS D 232 -42.86 37.00 5.31
CA LYS D 232 -44.20 36.68 5.80
C LYS D 232 -44.21 35.24 6.29
N PHE D 233 -44.80 35.01 7.46
CA PHE D 233 -44.82 33.69 8.07
C PHE D 233 -45.91 33.65 9.14
N GLY D 234 -46.19 32.44 9.62
CA GLY D 234 -47.22 32.22 10.61
C GLY D 234 -46.83 31.09 11.53
N ASN D 235 -47.74 30.78 12.46
CA ASN D 235 -47.49 29.76 13.47
C ASN D 235 -47.35 28.38 12.82
N GLU D 236 -46.13 27.83 12.86
CA GLU D 236 -45.84 26.51 12.31
C GLU D 236 -46.27 26.41 10.86
N MET D 237 -46.05 27.49 10.11
CA MET D 237 -46.51 27.62 8.73
C MET D 237 -45.34 28.00 7.84
N PRO D 238 -45.41 27.65 6.55
CA PRO D 238 -44.31 28.01 5.64
C PRO D 238 -44.12 29.51 5.54
N MET D 239 -42.86 29.91 5.37
CA MET D 239 -42.48 31.31 5.32
C MET D 239 -42.40 31.79 3.88
N GLN D 240 -42.73 33.06 3.67
CA GLN D 240 -42.70 33.68 2.36
C GLN D 240 -41.64 34.78 2.37
N MET D 241 -40.67 34.67 1.47
CA MET D 241 -39.60 35.65 1.34
C MET D 241 -39.54 36.12 -0.10
N GLU D 242 -39.50 37.44 -0.29
CA GLU D 242 -39.49 38.04 -1.62
C GLU D 242 -38.67 39.32 -1.61
N TYR D 243 -37.81 39.48 -2.61
CA TYR D 243 -37.05 40.70 -2.79
C TYR D 243 -37.10 41.09 -4.26
N TYR D 244 -37.22 42.39 -4.53
CA TYR D 244 -37.35 42.89 -5.89
C TYR D 244 -35.98 43.00 -6.55
N ILE D 245 -35.96 42.80 -7.86
CA ILE D 245 -34.75 42.93 -8.67
C ILE D 245 -35.04 43.93 -9.78
N ARG D 246 -34.19 44.95 -9.90
CA ARG D 246 -34.32 46.02 -10.88
C ARG D 246 -35.64 46.79 -10.74
N ASP D 247 -36.31 46.67 -9.60
CA ASP D 247 -37.60 47.28 -9.30
C ASP D 247 -38.73 46.78 -10.20
N GLU D 248 -38.45 45.86 -11.11
CA GLU D 248 -39.45 45.33 -12.03
C GLU D 248 -39.66 43.83 -11.87
N GLY D 249 -38.58 43.04 -11.91
CA GLY D 249 -38.68 41.62 -11.67
C GLY D 249 -38.56 41.28 -10.19
N ARG D 250 -39.10 40.12 -9.82
CA ARG D 250 -39.11 39.73 -8.42
C ARG D 250 -39.00 38.20 -8.32
N LEU D 251 -38.55 37.75 -7.15
CA LEU D 251 -38.37 36.33 -6.85
C LEU D 251 -39.10 36.01 -5.56
N ILE D 252 -39.80 34.88 -5.55
CA ILE D 252 -40.62 34.47 -4.41
C ILE D 252 -40.11 33.13 -3.90
N PHE D 253 -39.90 33.05 -2.59
CA PHE D 253 -39.45 31.82 -1.94
C PHE D 253 -40.49 31.38 -0.92
N LEU D 254 -40.82 30.10 -0.94
CA LEU D 254 -41.76 29.50 0.01
C LEU D 254 -41.09 28.29 0.65
N LEU D 255 -40.70 28.44 1.91
CA LEU D 255 -39.98 27.40 2.65
C LEU D 255 -40.89 26.80 3.71
N ALA D 256 -41.07 25.48 3.64
CA ALA D 256 -41.88 24.78 4.63
C ALA D 256 -41.13 24.70 5.96
N PRO D 257 -41.85 24.81 7.08
CA PRO D 257 -41.18 24.75 8.38
C PRO D 257 -40.74 23.33 8.71
N ARG D 258 -39.78 23.24 9.62
CA ARG D 258 -39.23 21.97 10.08
C ARG D 258 -39.90 21.58 11.38
N VAL D 259 -40.54 20.41 11.39
CA VAL D 259 -41.26 19.90 12.56
C VAL D 259 -42.27 20.91 13.08
N GLU G 2 18.80 -25.61 46.68
CA GLU G 2 18.69 -25.73 45.23
C GLU G 2 19.49 -24.65 44.53
N LEU G 3 18.85 -23.51 44.28
CA LEU G 3 19.49 -22.38 43.63
C LEU G 3 20.42 -21.65 44.59
N PRO G 4 21.47 -20.99 44.07
CA PRO G 4 22.37 -20.24 44.94
C PRO G 4 21.70 -19.02 45.58
N LYS G 5 22.45 -18.27 46.38
CA LYS G 5 21.91 -17.15 47.14
C LYS G 5 21.75 -15.88 46.32
N GLU G 6 21.79 -15.94 44.99
CA GLU G 6 21.59 -14.76 44.17
C GLU G 6 20.39 -14.86 43.24
N MET G 7 20.21 -15.98 42.55
CA MET G 7 19.07 -16.10 41.64
C MET G 7 17.76 -16.19 42.42
N GLU G 8 17.77 -16.85 43.57
CA GLU G 8 16.56 -16.89 44.40
C GLU G 8 16.17 -15.50 44.86
N GLU G 9 17.15 -14.69 45.27
CA GLU G 9 16.86 -13.30 45.65
C GLU G 9 16.35 -12.50 44.47
N TYR G 10 16.92 -12.73 43.28
CA TYR G 10 16.44 -12.07 42.07
C TYR G 10 14.97 -12.38 41.83
N PHE G 11 14.60 -13.66 41.89
CA PHE G 11 13.21 -14.04 41.66
C PHE G 11 12.30 -13.49 42.76
N GLU G 12 12.78 -13.45 44.00
CA GLU G 12 11.99 -12.89 45.09
C GLU G 12 11.72 -11.42 44.86
N MET G 13 12.72 -10.65 44.42
CA MET G 13 12.50 -9.23 44.17
C MET G 13 11.54 -9.01 43.00
N LEU G 14 11.66 -9.85 41.96
CA LEU G 14 10.70 -9.77 40.85
C LEU G 14 9.29 -10.01 41.34
N GLN G 15 9.09 -11.02 42.19
CA GLN G 15 7.77 -11.29 42.75
C GLN G 15 7.29 -10.13 43.60
N ARG G 16 8.20 -9.50 44.35
CA ARG G 16 7.85 -8.36 45.19
C ARG G 16 7.31 -7.20 44.35
N GLU G 17 7.99 -6.89 43.25
CA GLU G 17 7.52 -5.84 42.35
C GLU G 17 6.18 -6.20 41.73
N ILE G 18 6.02 -7.46 41.33
CA ILE G 18 4.75 -7.90 40.74
C ILE G 18 3.62 -7.72 41.73
N ASP G 19 3.84 -8.10 42.99
CA ASP G 19 2.82 -7.91 44.02
C ASP G 19 2.52 -6.44 44.23
N LYS G 20 3.54 -5.59 44.22
CA LYS G 20 3.33 -4.16 44.40
C LYS G 20 2.42 -3.60 43.31
N ALA G 21 2.61 -4.03 42.07
CA ALA G 21 1.72 -3.58 41.00
C ALA G 21 0.31 -4.17 41.15
N TYR G 22 0.23 -5.46 41.52
CA TYR G 22 -1.05 -6.14 41.56
C TYR G 22 -1.97 -5.56 42.63
N GLU G 23 -1.40 -5.13 43.76
CA GLU G 23 -2.23 -4.56 44.82
C GLU G 23 -2.95 -3.30 44.34
N ILE G 24 -2.21 -2.42 43.65
CA ILE G 24 -2.82 -1.19 43.14
C ILE G 24 -3.85 -1.52 42.06
N ALA G 25 -3.56 -2.50 41.21
CA ALA G 25 -4.54 -2.89 40.19
C ALA G 25 -5.83 -3.38 40.83
N LYS G 26 -5.72 -4.21 41.87
CA LYS G 26 -6.92 -4.71 42.55
C LYS G 26 -7.69 -3.58 43.22
N LYS G 27 -6.99 -2.67 43.89
CA LYS G 27 -7.67 -1.56 44.56
C LYS G 27 -8.39 -0.68 43.56
N ALA G 28 -7.77 -0.42 42.40
CA ALA G 28 -8.44 0.37 41.37
C ALA G 28 -9.66 -0.36 40.81
N ARG G 29 -9.54 -1.66 40.57
CA ARG G 29 -10.65 -2.40 39.97
C ARG G 29 -11.80 -2.63 40.93
N ALA G 30 -11.57 -2.55 42.24
CA ALA G 30 -12.63 -2.85 43.20
C ALA G 30 -13.78 -1.84 43.15
N GLN G 31 -13.60 -0.68 42.52
CA GLN G 31 -14.60 0.37 42.57
C GLN G 31 -15.72 0.20 41.55
N GLY G 32 -15.65 -0.81 40.69
CA GLY G 32 -16.77 -1.11 39.81
C GLY G 32 -16.97 -0.18 38.64
N LYS G 33 -15.89 0.38 38.09
CA LYS G 33 -15.97 1.19 36.88
C LYS G 33 -15.54 0.42 35.63
N ASP G 34 -15.41 -0.89 35.73
CA ASP G 34 -14.88 -1.75 34.68
C ASP G 34 -15.81 -2.93 34.48
N PRO G 35 -15.61 -3.71 33.40
CA PRO G 35 -16.50 -4.87 33.18
C PRO G 35 -16.50 -5.88 34.32
N SER G 36 -15.42 -5.98 35.09
CA SER G 36 -15.33 -6.92 36.19
C SER G 36 -14.87 -6.18 37.44
N LEU G 37 -15.03 -6.84 38.58
CA LEU G 37 -14.64 -6.29 39.87
C LEU G 37 -13.29 -6.81 40.35
N ASP G 38 -12.49 -7.37 39.45
CA ASP G 38 -11.16 -7.85 39.79
C ASP G 38 -10.33 -7.92 38.53
N VAL G 39 -9.01 -8.08 38.71
CA VAL G 39 -8.09 -8.21 37.59
C VAL G 39 -8.39 -9.50 36.84
N GLU G 40 -8.15 -9.49 35.53
CA GLU G 40 -8.50 -10.59 34.66
C GLU G 40 -7.26 -11.23 34.03
N ILE G 41 -6.13 -11.15 34.71
CA ILE G 41 -4.92 -11.83 34.25
C ILE G 41 -4.31 -12.58 35.44
N PRO G 42 -4.54 -13.88 35.57
CA PRO G 42 -3.90 -14.64 36.63
C PRO G 42 -2.42 -14.85 36.35
N GLN G 43 -1.67 -15.08 37.43
CA GLN G 43 -0.23 -15.30 37.34
C GLN G 43 0.07 -16.78 37.61
N ALA G 44 0.90 -17.37 36.77
CA ALA G 44 1.33 -18.75 36.89
C ALA G 44 2.80 -18.81 37.29
N THR G 45 3.29 -20.02 37.56
CA THR G 45 4.67 -20.24 37.94
C THR G 45 5.39 -21.30 37.13
N ASP G 46 4.67 -22.28 36.58
CA ASP G 46 5.28 -23.34 35.79
C ASP G 46 4.28 -23.79 34.73
N MET G 47 4.63 -24.86 34.01
CA MET G 47 3.81 -25.32 32.90
C MET G 47 2.45 -25.83 33.37
N ALA G 48 2.42 -26.54 34.49
CA ALA G 48 1.17 -27.13 34.97
C ALA G 48 0.15 -26.05 35.31
N GLY G 49 0.59 -24.96 35.93
CA GLY G 49 -0.32 -23.86 36.21
C GLY G 49 -0.89 -23.22 34.95
N ARG G 50 -0.04 -23.03 33.95
CA ARG G 50 -0.50 -22.49 32.67
C ARG G 50 -1.54 -23.41 32.03
N VAL G 51 -1.27 -24.72 32.05
CA VAL G 51 -2.21 -25.67 31.46
C VAL G 51 -3.53 -25.66 32.21
N GLU G 52 -3.47 -25.62 33.55
CA GLU G 52 -4.70 -25.60 34.34
C GLU G 52 -5.52 -24.35 34.07
N SER G 53 -4.85 -23.19 33.98
CA SER G 53 -5.58 -21.94 33.76
C SER G 53 -6.14 -21.88 32.34
N LEU G 54 -5.43 -22.44 31.36
CA LEU G 54 -5.85 -22.31 29.97
C LEU G 54 -7.00 -23.25 29.63
N VAL G 55 -6.81 -24.56 29.84
CA VAL G 55 -7.76 -25.54 29.35
C VAL G 55 -8.43 -26.30 30.50
N GLY G 56 -7.75 -26.41 31.64
CA GLY G 56 -8.24 -27.22 32.73
C GLY G 56 -7.99 -28.69 32.49
N PRO G 57 -8.72 -29.55 33.20
CA PRO G 57 -9.78 -29.30 34.19
C PRO G 57 -9.21 -28.88 35.54
N PRO G 58 -10.04 -28.38 36.46
CA PRO G 58 -9.53 -27.98 37.77
C PRO G 58 -8.88 -29.15 38.51
N GLY G 59 -7.82 -28.84 39.24
CA GLY G 59 -7.10 -29.83 40.03
C GLY G 59 -6.08 -30.65 39.27
N VAL G 60 -5.87 -30.38 37.98
CA VAL G 60 -4.93 -31.18 37.19
C VAL G 60 -3.48 -30.81 37.43
N ALA G 61 -3.22 -29.68 38.09
CA ALA G 61 -1.84 -29.19 38.23
C ALA G 61 -1.00 -30.17 39.04
N LYS G 62 -1.52 -30.63 40.18
CA LYS G 62 -0.76 -31.55 41.02
C LYS G 62 -0.50 -32.87 40.32
N ARG G 63 -1.50 -33.39 39.62
CA ARG G 63 -1.32 -34.64 38.88
C ARG G 63 -0.26 -34.50 37.80
N ILE G 64 -0.29 -33.38 37.06
CA ILE G 64 0.72 -33.16 36.03
C ILE G 64 2.10 -33.08 36.66
N ARG G 65 2.22 -32.35 37.78
CA ARG G 65 3.51 -32.22 38.44
C ARG G 65 4.05 -33.58 38.87
N GLU G 66 3.21 -34.40 39.52
CA GLU G 66 3.66 -35.70 39.99
C GLU G 66 4.05 -36.60 38.82
N LEU G 67 3.25 -36.59 37.75
CA LEU G 67 3.54 -37.49 36.63
C LEU G 67 4.80 -37.07 35.87
N VAL G 68 5.02 -35.76 35.70
CA VAL G 68 6.26 -35.34 35.03
C VAL G 68 7.46 -35.58 35.92
N LYS G 69 7.27 -35.50 37.25
CA LYS G 69 8.37 -35.84 38.15
C LYS G 69 8.72 -37.31 38.06
N GLU G 70 7.72 -38.18 37.95
CA GLU G 70 7.97 -39.62 37.97
C GLU G 70 8.46 -40.14 36.62
N TYR G 71 7.63 -40.02 35.58
CA TYR G 71 7.96 -40.66 34.30
C TYR G 71 8.65 -39.71 33.34
N GLY G 72 8.00 -38.63 32.98
CA GLY G 72 8.46 -37.75 31.92
C GLY G 72 7.27 -37.09 31.25
N LYS G 73 7.57 -36.17 30.34
CA LYS G 73 6.54 -35.31 29.77
C LYS G 73 5.52 -36.12 28.97
N GLU G 74 5.98 -36.95 28.04
CA GLU G 74 5.07 -37.67 27.16
C GLU G 74 4.26 -38.71 27.93
N ILE G 75 4.94 -39.48 28.78
CA ILE G 75 4.23 -40.49 29.57
C ILE G 75 3.25 -39.83 30.53
N ALA G 76 3.61 -38.65 31.05
CA ALA G 76 2.71 -37.92 31.93
C ALA G 76 1.46 -37.48 31.17
N ALA G 77 1.63 -37.01 29.94
CA ALA G 77 0.47 -36.64 29.14
C ALA G 77 -0.41 -37.86 28.88
N LEU G 78 0.19 -39.00 28.59
CA LEU G 78 -0.60 -40.21 28.36
C LEU G 78 -1.36 -40.63 29.60
N LYS G 79 -0.70 -40.59 30.77
CA LYS G 79 -1.40 -40.92 32.02
C LYS G 79 -2.51 -39.92 32.29
N ILE G 80 -2.30 -38.65 31.96
CA ILE G 80 -3.35 -37.64 32.14
C ILE G 80 -4.54 -37.96 31.25
N VAL G 81 -4.28 -38.36 30.00
CA VAL G 81 -5.36 -38.75 29.11
C VAL G 81 -6.13 -39.92 29.70
N ASP G 82 -5.42 -40.94 30.18
CA ASP G 82 -6.08 -42.11 30.74
C ASP G 82 -6.91 -41.74 31.97
N GLU G 83 -6.39 -40.86 32.81
CA GLU G 83 -7.11 -40.46 34.02
C GLU G 83 -8.35 -39.63 33.67
N ILE G 84 -8.25 -38.75 32.68
CA ILE G 84 -9.41 -37.96 32.27
C ILE G 84 -10.49 -38.85 31.68
N ILE G 85 -10.10 -39.82 30.85
CA ILE G 85 -11.09 -40.69 30.22
C ILE G 85 -11.84 -41.52 31.26
N GLU G 86 -11.13 -42.07 32.25
CA GLU G 86 -11.77 -42.93 33.24
C GLU G 86 -12.69 -42.16 34.17
N GLY G 87 -12.30 -40.97 34.61
CA GLY G 87 -13.16 -40.17 35.48
C GLY G 87 -12.57 -39.77 36.81
N LYS G 88 -11.25 -39.58 36.90
CA LYS G 88 -10.69 -38.96 38.11
C LYS G 88 -11.19 -37.53 38.29
N PHE G 89 -11.26 -36.75 37.22
CA PHE G 89 -11.46 -35.31 37.30
C PHE G 89 -12.92 -34.90 37.15
N GLY G 90 -13.84 -35.77 37.54
CA GLY G 90 -15.25 -35.42 37.59
C GLY G 90 -16.04 -36.05 36.45
N ASP G 91 -17.32 -35.70 36.41
CA ASP G 91 -18.25 -36.18 35.39
C ASP G 91 -18.54 -35.05 34.42
N LEU G 92 -18.26 -35.28 33.15
CA LEU G 92 -18.48 -34.29 32.10
C LEU G 92 -19.81 -34.50 31.36
N GLY G 93 -20.09 -35.74 30.97
CA GLY G 93 -21.30 -36.02 30.22
C GLY G 93 -21.10 -37.09 29.17
N SER G 94 -21.41 -36.76 27.93
CA SER G 94 -21.26 -37.71 26.83
C SER G 94 -19.78 -37.98 26.55
N ARG G 95 -19.54 -39.03 25.76
CA ARG G 95 -18.17 -39.39 25.42
C ARG G 95 -17.49 -38.30 24.59
N GLU G 96 -18.28 -37.49 23.87
CA GLU G 96 -17.70 -36.40 23.10
C GLU G 96 -17.01 -35.39 24.01
N LYS G 97 -17.62 -35.08 25.15
CA LYS G 97 -16.99 -34.18 26.11
C LYS G 97 -15.66 -34.73 26.59
N TYR G 98 -15.63 -36.02 26.92
CA TYR G 98 -14.40 -36.65 27.39
C TYR G 98 -13.32 -36.60 26.33
N ALA G 99 -13.68 -36.92 25.09
CA ALA G 99 -12.70 -36.91 24.00
C ALA G 99 -12.15 -35.51 23.78
N GLU G 100 -13.03 -34.50 23.76
CA GLU G 100 -12.58 -33.13 23.54
C GLU G 100 -11.66 -32.67 24.66
N GLN G 101 -12.04 -32.92 25.90
CA GLN G 101 -11.22 -32.50 27.03
C GLN G 101 -9.87 -33.20 27.02
N ALA G 102 -9.85 -34.50 26.74
CA ALA G 102 -8.60 -35.25 26.71
C ALA G 102 -7.68 -34.73 25.62
N VAL G 103 -8.22 -34.50 24.42
CA VAL G 103 -7.38 -33.99 23.33
C VAL G 103 -6.81 -32.63 23.68
N ARG G 104 -7.65 -31.74 24.21
CA ARG G 104 -7.19 -30.39 24.51
C ARG G 104 -6.11 -30.40 25.59
N THR G 105 -6.34 -31.14 26.68
CA THR G 105 -5.37 -31.17 27.78
C THR G 105 -4.06 -31.83 27.34
N ALA G 106 -4.14 -32.92 26.58
CA ALA G 106 -2.92 -33.58 26.13
C ALA G 106 -2.12 -32.70 25.19
N LEU G 107 -2.80 -32.00 24.27
CA LEU G 107 -2.09 -31.10 23.38
C LEU G 107 -1.46 -29.95 24.15
N ALA G 108 -2.15 -29.46 25.18
CA ALA G 108 -1.56 -28.41 26.02
C ALA G 108 -0.33 -28.91 26.76
N ILE G 109 -0.37 -30.15 27.25
CA ILE G 109 0.76 -30.69 28.00
C ILE G 109 1.97 -30.91 27.08
N LEU G 110 1.74 -31.53 25.92
CA LEU G 110 2.83 -31.69 24.96
C LEU G 110 3.36 -30.36 24.46
N THR G 111 2.49 -29.34 24.40
CA THR G 111 2.85 -28.07 23.80
C THR G 111 3.34 -27.05 24.83
N GLU G 112 3.40 -27.44 26.10
CA GLU G 112 3.86 -26.63 27.24
C GLU G 112 2.89 -25.53 27.59
N GLY G 113 1.70 -25.50 26.98
CA GLY G 113 0.68 -24.54 27.33
C GLY G 113 1.03 -23.09 27.07
N ILE G 114 1.57 -22.79 25.90
CA ILE G 114 1.89 -21.42 25.54
C ILE G 114 1.08 -21.00 24.31
N VAL G 115 1.28 -21.70 23.19
CA VAL G 115 0.58 -21.35 21.96
C VAL G 115 -0.87 -21.84 22.04
N SER G 116 -1.76 -21.14 21.33
CA SER G 116 -3.20 -21.34 21.42
C SER G 116 -3.72 -22.35 20.41
N ALA G 117 -2.92 -23.34 20.03
CA ALA G 117 -3.42 -24.42 19.20
C ALA G 117 -4.53 -25.21 19.89
N PRO G 118 -4.39 -25.66 21.15
CA PRO G 118 -5.53 -26.34 21.79
C PRO G 118 -6.76 -25.46 21.94
N ILE G 119 -6.58 -24.17 22.20
CA ILE G 119 -7.71 -23.30 22.49
C ILE G 119 -8.49 -22.97 21.23
N GLU G 120 -7.79 -22.59 20.15
CA GLU G 120 -8.46 -22.10 18.95
C GLU G 120 -8.19 -22.91 17.71
N GLY G 121 -7.13 -23.72 17.67
CA GLY G 121 -6.90 -24.57 16.52
C GLY G 121 -7.94 -25.65 16.37
N ILE G 122 -8.28 -26.30 17.47
CA ILE G 122 -9.26 -27.39 17.46
C ILE G 122 -10.64 -26.77 17.64
N ALA G 123 -11.42 -26.72 16.56
CA ALA G 123 -12.74 -26.12 16.62
C ALA G 123 -13.71 -26.97 17.41
N ASN G 124 -13.77 -28.27 17.11
CA ASN G 124 -14.76 -29.15 17.74
C ASN G 124 -14.33 -30.60 17.56
N VAL G 125 -14.90 -31.46 18.40
CA VAL G 125 -14.70 -32.90 18.32
C VAL G 125 -16.06 -33.56 18.19
N LYS G 126 -16.20 -34.45 17.21
CA LYS G 126 -17.47 -35.13 16.97
C LYS G 126 -17.22 -36.59 16.64
N ILE G 127 -18.21 -37.42 16.95
CA ILE G 127 -18.19 -38.85 16.63
C ILE G 127 -19.09 -39.09 15.44
N LYS G 128 -18.53 -39.71 14.39
CA LYS G 128 -19.24 -39.95 13.15
C LYS G 128 -19.34 -41.45 12.87
N ARG G 129 -20.08 -41.80 11.82
CA ARG G 129 -20.32 -43.18 11.45
C ARG G 129 -19.85 -43.43 10.02
N ASN G 130 -19.21 -44.58 9.82
CA ASN G 130 -18.68 -44.98 8.51
C ASN G 130 -19.78 -45.71 7.74
N THR G 131 -20.82 -44.96 7.39
CA THR G 131 -22.03 -45.56 6.83
C THR G 131 -21.76 -46.23 5.49
N TRP G 132 -20.94 -45.61 4.65
CA TRP G 132 -20.77 -46.12 3.28
C TRP G 132 -20.09 -47.48 3.26
N ALA G 133 -19.23 -47.77 4.24
CA ALA G 133 -18.48 -49.02 4.25
C ALA G 133 -19.08 -50.06 5.20
N ASP G 134 -19.12 -49.75 6.50
CA ASP G 134 -19.53 -50.73 7.49
C ASP G 134 -20.45 -50.18 8.59
N ASN G 135 -20.79 -48.89 8.56
CA ASN G 135 -21.59 -48.25 9.61
C ASN G 135 -20.93 -48.37 10.98
N SER G 136 -19.61 -48.24 11.04
CA SER G 136 -18.88 -48.31 12.30
C SER G 136 -18.88 -46.94 12.97
N GLU G 137 -18.06 -46.77 14.00
CA GLU G 137 -17.94 -45.51 14.73
C GLU G 137 -16.48 -45.08 14.75
N TYR G 138 -16.21 -43.86 14.28
CA TYR G 138 -14.88 -43.30 14.26
C TYR G 138 -14.92 -41.87 14.81
N LEU G 139 -13.76 -41.21 14.79
CA LEU G 139 -13.60 -39.88 15.36
C LEU G 139 -13.10 -38.93 14.29
N ALA G 140 -13.60 -37.69 14.32
CA ALA G 140 -13.22 -36.65 13.38
C ALA G 140 -12.82 -35.39 14.13
N LEU G 141 -11.79 -34.72 13.64
CA LEU G 141 -11.29 -33.49 14.24
C LEU G 141 -11.53 -32.32 13.30
N TYR G 142 -12.19 -31.28 13.82
CA TYR G 142 -12.50 -30.08 13.04
C TYR G 142 -11.44 -29.02 13.32
N TYR G 143 -10.72 -28.61 12.27
CA TYR G 143 -9.64 -27.66 12.38
C TYR G 143 -10.09 -26.30 11.86
N ALA G 144 -9.91 -25.27 12.67
CA ALA G 144 -10.33 -23.92 12.31
C ALA G 144 -9.21 -23.19 11.56
N GLY G 145 -9.40 -21.90 11.35
CA GLY G 145 -8.40 -21.05 10.73
C GLY G 145 -7.13 -20.85 11.54
N PRO G 146 -7.25 -20.58 12.85
CA PRO G 146 -6.04 -20.32 13.64
C PRO G 146 -5.03 -21.47 13.69
N ILE G 147 -5.45 -22.70 13.41
CA ILE G 147 -4.48 -23.80 13.39
C ILE G 147 -3.48 -23.64 12.27
N ARG G 148 -3.77 -22.77 11.31
CA ARG G 148 -2.89 -22.56 10.17
C ARG G 148 -1.60 -21.84 10.54
N SER G 149 -1.50 -21.34 11.77
CA SER G 149 -0.34 -20.59 12.24
C SER G 149 0.16 -21.11 13.58
N SER G 150 0.17 -22.43 13.76
CA SER G 150 0.64 -23.03 15.00
C SER G 150 1.98 -23.74 14.87
N GLY G 151 2.48 -23.91 13.66
CA GLY G 151 3.71 -24.65 13.44
C GLY G 151 3.45 -26.11 13.09
N GLY G 152 4.45 -26.73 12.46
CA GLY G 152 4.30 -28.11 12.03
C GLY G 152 4.17 -29.08 13.18
N THR G 153 4.88 -28.82 14.29
CA THR G 153 4.93 -29.79 15.38
C THR G 153 3.59 -29.88 16.11
N ALA G 154 2.87 -28.76 16.23
CA ALA G 154 1.63 -28.76 17.00
C ALA G 154 0.54 -29.56 16.30
N GLN G 155 0.52 -29.52 14.96
CA GLN G 155 -0.53 -30.21 14.21
C GLN G 155 -0.31 -31.72 14.23
N ALA G 156 0.93 -32.16 14.01
CA ALA G 156 1.22 -33.59 14.02
C ALA G 156 0.94 -34.20 15.39
N LEU G 157 1.32 -33.50 16.46
CA LEU G 157 1.00 -33.98 17.79
C LEU G 157 -0.50 -34.01 18.03
N SER G 158 -1.23 -33.07 17.43
CA SER G 158 -2.69 -33.09 17.53
C SER G 158 -3.27 -34.35 16.88
N VAL G 159 -2.76 -34.71 15.70
CA VAL G 159 -3.21 -35.94 15.04
C VAL G 159 -2.86 -37.16 15.89
N LEU G 160 -1.65 -37.19 16.45
CA LEU G 160 -1.25 -38.32 17.28
C LEU G 160 -2.13 -38.44 18.53
N VAL G 161 -2.44 -37.32 19.17
CA VAL G 161 -3.29 -37.34 20.36
C VAL G 161 -4.71 -37.79 19.99
N GLY G 162 -5.21 -37.33 18.84
CA GLY G 162 -6.51 -37.81 18.39
C GLY G 162 -6.52 -39.32 18.18
N ASP G 163 -5.46 -39.84 17.57
CA ASP G 163 -5.37 -41.30 17.38
C ASP G 163 -5.34 -42.03 18.71
N TYR G 164 -4.55 -41.53 19.66
CA TYR G 164 -4.45 -42.20 20.96
C TYR G 164 -5.80 -42.18 21.69
N VAL G 165 -6.50 -41.04 21.63
CA VAL G 165 -7.78 -40.95 22.33
C VAL G 165 -8.84 -41.83 21.66
N ARG G 166 -8.84 -41.88 20.32
CA ARG G 166 -9.81 -42.75 19.64
C ARG G 166 -9.52 -44.21 19.93
N ARG G 167 -8.24 -44.57 20.08
CA ARG G 167 -7.92 -45.95 20.42
C ARG G 167 -8.28 -46.26 21.86
N LYS G 168 -8.15 -45.28 22.76
CA LYS G 168 -8.48 -45.50 24.16
C LYS G 168 -9.97 -45.43 24.45
N LEU G 169 -10.78 -44.93 23.51
CA LEU G 169 -12.22 -44.82 23.70
C LEU G 169 -12.98 -45.97 23.05
N GLY G 170 -12.28 -46.96 22.53
CA GLY G 170 -12.92 -48.10 21.88
C GLY G 170 -13.67 -47.76 20.60
N LEU G 171 -13.05 -46.95 19.73
CA LEU G 171 -13.65 -46.56 18.46
C LEU G 171 -12.85 -47.13 17.31
N ASP G 172 -13.51 -47.31 16.17
CA ASP G 172 -12.91 -47.90 14.99
C ASP G 172 -12.11 -46.83 14.23
N ARG G 173 -11.70 -47.15 13.01
CA ARG G 173 -10.84 -46.30 12.21
C ARG G 173 -11.57 -45.78 10.98
N PHE G 174 -11.05 -44.70 10.42
CA PHE G 174 -11.59 -44.10 9.21
C PHE G 174 -11.29 -44.97 7.99
N LYS G 175 -12.31 -45.17 7.16
CA LYS G 175 -12.21 -45.98 5.95
C LYS G 175 -12.75 -45.17 4.77
N PRO G 176 -11.92 -44.31 4.18
CA PRO G 176 -12.41 -43.41 3.12
C PRO G 176 -12.72 -44.15 1.84
N SER G 177 -13.61 -43.57 1.05
CA SER G 177 -13.87 -44.02 -0.31
C SER G 177 -12.90 -43.35 -1.27
N GLU G 178 -12.94 -43.80 -2.54
CA GLU G 178 -12.06 -43.22 -3.54
C GLU G 178 -12.37 -41.74 -3.77
N LYS G 179 -13.65 -41.37 -3.73
CA LYS G 179 -14.04 -39.98 -3.94
C LYS G 179 -13.40 -39.07 -2.89
N HIS G 180 -13.30 -39.54 -1.66
CA HIS G 180 -12.62 -38.77 -0.61
C HIS G 180 -11.17 -38.50 -1.00
N ILE G 181 -10.48 -39.53 -1.50
CA ILE G 181 -9.08 -39.37 -1.88
C ILE G 181 -8.94 -38.36 -3.02
N GLU G 182 -9.79 -38.50 -4.06
CA GLU G 182 -9.69 -37.57 -5.19
C GLU G 182 -9.99 -36.14 -4.75
N ARG G 183 -10.98 -35.97 -3.86
CA ARG G 183 -11.28 -34.64 -3.34
C ARG G 183 -10.09 -34.06 -2.59
N MET G 184 -9.43 -34.88 -1.78
CA MET G 184 -8.27 -34.37 -1.04
C MET G 184 -7.13 -34.00 -1.97
N VAL G 185 -6.87 -34.80 -3.00
CA VAL G 185 -5.79 -34.46 -3.93
C VAL G 185 -6.11 -33.18 -4.69
N GLU G 186 -7.35 -33.03 -5.16
CA GLU G 186 -7.66 -31.79 -5.89
C GLU G 186 -7.65 -30.58 -4.97
N GLU G 187 -8.01 -30.78 -3.70
CA GLU G 187 -7.94 -29.68 -2.73
C GLU G 187 -6.49 -29.26 -2.48
N VAL G 188 -5.60 -30.24 -2.33
CA VAL G 188 -4.18 -29.92 -2.13
C VAL G 188 -3.62 -29.23 -3.36
N ASP G 189 -3.99 -29.71 -4.55
CA ASP G 189 -3.52 -29.07 -5.78
C ASP G 189 -4.09 -27.65 -5.91
N LEU G 190 -5.36 -27.47 -5.56
CA LEU G 190 -6.01 -26.18 -5.78
C LEU G 190 -5.46 -25.11 -4.84
N TYR G 191 -5.30 -25.44 -3.57
CA TYR G 191 -4.90 -24.44 -2.57
C TYR G 191 -3.53 -23.85 -2.91
N HIS G 192 -2.59 -24.70 -3.34
CA HIS G 192 -1.28 -24.19 -3.75
C HIS G 192 -1.41 -23.27 -4.96
N ARG G 193 -2.27 -23.63 -5.92
CA ARG G 193 -2.40 -22.84 -7.13
C ARG G 193 -3.07 -21.50 -6.86
N ALA G 194 -4.04 -21.47 -5.94
CA ALA G 194 -4.93 -20.32 -5.81
C ALA G 194 -4.76 -19.52 -4.53
N VAL G 195 -4.12 -20.06 -3.50
CA VAL G 195 -4.10 -19.35 -2.22
C VAL G 195 -2.68 -19.04 -1.77
N THR G 196 -1.88 -20.06 -1.52
CA THR G 196 -0.56 -19.86 -0.92
C THR G 196 0.37 -20.97 -1.38
N ARG G 197 1.68 -20.70 -1.29
CA ARG G 197 2.71 -21.61 -1.79
C ARG G 197 2.83 -22.89 -0.96
N LEU G 198 2.17 -22.96 0.20
CA LEU G 198 2.09 -24.16 1.04
C LEU G 198 3.39 -24.46 1.76
N GLN G 199 4.47 -23.74 1.42
CA GLN G 199 5.78 -23.93 2.04
C GLN G 199 6.28 -25.36 1.91
N TYR G 200 5.54 -26.19 1.18
CA TYR G 200 5.84 -27.60 0.96
C TYR G 200 4.87 -28.16 -0.08
N HIS G 201 5.33 -29.02 -0.97
CA HIS G 201 4.49 -29.57 -2.04
C HIS G 201 4.51 -31.08 -1.97
N PRO G 202 3.55 -31.71 -1.30
CA PRO G 202 3.51 -33.17 -1.27
C PRO G 202 3.09 -33.72 -2.62
N SER G 203 3.69 -34.84 -3.01
CA SER G 203 3.30 -35.53 -4.23
C SER G 203 1.93 -36.17 -4.05
N PRO G 204 1.19 -36.38 -5.15
CA PRO G 204 -0.13 -37.01 -5.01
C PRO G 204 -0.10 -38.36 -4.33
N GLU G 205 0.91 -39.19 -4.64
CA GLU G 205 0.99 -40.52 -4.04
C GLU G 205 1.14 -40.43 -2.52
N GLU G 206 1.89 -39.44 -2.04
CA GLU G 206 2.01 -39.22 -0.60
C GLU G 206 0.66 -38.90 0.01
N VAL G 207 -0.14 -38.07 -0.67
CA VAL G 207 -1.48 -37.73 -0.18
C VAL G 207 -2.35 -38.98 -0.11
N ARG G 208 -2.31 -39.82 -1.16
CA ARG G 208 -3.10 -41.05 -1.13
C ARG G 208 -2.66 -41.95 0.02
N LEU G 209 -1.35 -42.09 0.23
CA LEU G 209 -0.85 -42.94 1.30
C LEU G 209 -1.30 -42.42 2.66
N ALA G 210 -1.17 -41.12 2.88
CA ALA G 210 -1.56 -40.52 4.16
C ALA G 210 -3.05 -40.69 4.40
N MET G 211 -3.87 -40.46 3.37
CA MET G 211 -5.32 -40.62 3.54
C MET G 211 -5.69 -42.06 3.82
N ARG G 212 -5.02 -43.02 3.17
CA ARG G 212 -5.31 -44.42 3.40
C ARG G 212 -4.84 -44.90 4.77
N ASN G 213 -3.81 -44.27 5.35
CA ASN G 213 -3.26 -44.79 6.59
C ASN G 213 -3.33 -43.81 7.75
N ILE G 214 -4.47 -43.14 7.95
CA ILE G 214 -4.69 -42.30 9.11
C ILE G 214 -5.99 -42.73 9.77
N PRO G 215 -5.99 -43.10 11.05
CA PRO G 215 -7.18 -43.67 11.68
C PRO G 215 -8.25 -42.66 12.08
N ILE G 216 -8.08 -41.37 11.79
CA ILE G 216 -9.08 -40.36 12.12
C ILE G 216 -9.33 -39.51 10.89
N GLU G 217 -10.46 -38.81 10.90
CA GLU G 217 -10.86 -37.97 9.79
C GLU G 217 -10.38 -36.54 10.03
N ILE G 218 -9.48 -36.07 9.18
CA ILE G 218 -8.96 -34.72 9.24
C ILE G 218 -9.86 -33.86 8.36
N THR G 219 -10.74 -33.09 8.98
CA THR G 219 -11.72 -32.28 8.26
C THR G 219 -11.80 -30.91 8.93
N GLY G 220 -12.76 -30.11 8.48
CA GLY G 220 -12.94 -28.79 9.04
C GLY G 220 -13.98 -28.02 8.23
N GLU G 221 -14.12 -26.75 8.57
CA GLU G 221 -15.06 -25.87 7.89
C GLU G 221 -14.41 -25.30 6.64
N ALA G 222 -15.06 -24.33 6.01
CA ALA G 222 -14.56 -23.70 4.80
C ALA G 222 -13.93 -22.36 5.14
N THR G 223 -12.72 -22.13 4.63
CA THR G 223 -11.99 -20.89 4.90
C THR G 223 -11.66 -20.11 3.63
N ASP G 224 -11.96 -20.65 2.45
CA ASP G 224 -11.64 -19.99 1.20
C ASP G 224 -12.86 -19.97 0.30
N ASP G 225 -12.98 -18.90 -0.50
CA ASP G 225 -14.13 -18.71 -1.39
C ASP G 225 -13.81 -19.28 -2.77
N VAL G 226 -13.52 -20.57 -2.79
CA VAL G 226 -13.25 -21.30 -4.02
C VAL G 226 -14.02 -22.62 -3.99
N GLU G 227 -14.67 -22.92 -5.10
CA GLU G 227 -15.48 -24.13 -5.23
C GLU G 227 -14.64 -25.27 -5.79
N VAL G 228 -15.05 -26.50 -5.49
CA VAL G 228 -14.32 -27.69 -5.88
C VAL G 228 -15.09 -28.41 -6.98
N SER G 229 -14.46 -29.44 -7.55
CA SER G 229 -15.08 -30.22 -8.63
C SER G 229 -15.82 -31.43 -8.08
N HIS G 230 -15.16 -32.27 -7.28
CA HIS G 230 -15.81 -33.42 -6.67
C HIS G 230 -16.75 -32.96 -5.56
N ARG G 231 -18.03 -32.81 -5.88
CA ARG G 231 -19.01 -32.23 -4.97
C ARG G 231 -19.87 -33.33 -4.34
N ASP G 232 -20.54 -32.95 -3.25
CA ASP G 232 -21.49 -33.83 -2.55
C ASP G 232 -20.84 -35.14 -2.12
N VAL G 233 -19.62 -35.05 -1.62
CA VAL G 233 -18.97 -36.24 -1.04
C VAL G 233 -19.65 -36.58 0.28
N PRO G 234 -20.02 -37.84 0.50
CA PRO G 234 -20.68 -38.20 1.77
C PRO G 234 -19.79 -37.90 2.96
N GLY G 235 -20.39 -37.38 4.03
CA GLY G 235 -19.68 -37.05 5.24
C GLY G 235 -19.08 -35.66 5.26
N VAL G 236 -18.96 -34.99 4.13
CA VAL G 236 -18.38 -33.66 4.03
C VAL G 236 -19.52 -32.68 3.72
N GLU G 237 -19.66 -31.67 4.57
CA GLU G 237 -20.80 -30.77 4.53
C GLU G 237 -20.52 -29.47 3.80
N THR G 238 -19.39 -29.36 3.10
CA THR G 238 -19.06 -28.15 2.38
C THR G 238 -18.50 -28.52 1.00
N ASN G 239 -18.63 -27.57 0.07
CA ASN G 239 -18.12 -27.74 -1.29
C ASN G 239 -17.01 -26.75 -1.61
N GLN G 240 -16.32 -26.25 -0.57
CA GLN G 240 -15.28 -25.27 -0.73
C GLN G 240 -13.99 -25.78 -0.09
N LEU G 241 -12.91 -25.02 -0.29
CA LEU G 241 -11.61 -25.41 0.23
C LEU G 241 -11.60 -25.41 1.76
N ARG G 242 -11.00 -26.44 2.34
CA ARG G 242 -10.84 -26.56 3.78
C ARG G 242 -9.36 -26.33 4.08
N GLY G 243 -9.00 -25.07 4.31
CA GLY G 243 -7.60 -24.72 4.47
C GLY G 243 -6.97 -25.31 5.72
N GLY G 244 -7.74 -25.39 6.81
CA GLY G 244 -7.17 -25.86 8.06
C GLY G 244 -6.74 -27.31 8.02
N ALA G 245 -7.57 -28.19 7.43
CA ALA G 245 -7.26 -29.61 7.43
C ALA G 245 -6.16 -29.94 6.44
N ILE G 246 -6.21 -29.36 5.24
CA ILE G 246 -5.21 -29.68 4.23
C ILE G 246 -3.84 -29.16 4.64
N LEU G 247 -3.77 -28.01 5.31
CA LEU G 247 -2.50 -27.54 5.82
C LEU G 247 -1.98 -28.46 6.92
N VAL G 248 -2.86 -28.97 7.77
CA VAL G 248 -2.45 -29.93 8.79
C VAL G 248 -1.83 -31.16 8.12
N LEU G 249 -2.50 -31.67 7.08
CA LEU G 249 -2.00 -32.86 6.40
C LEU G 249 -0.66 -32.58 5.72
N ALA G 250 -0.52 -31.41 5.08
CA ALA G 250 0.68 -31.14 4.31
C ALA G 250 1.88 -30.82 5.20
N GLU G 251 1.69 -29.99 6.22
CA GLU G 251 2.79 -29.50 7.03
C GLU G 251 2.89 -30.18 8.38
N GLY G 252 2.12 -31.25 8.60
CA GLY G 252 2.10 -31.92 9.88
C GLY G 252 2.73 -33.29 9.83
N VAL G 253 1.89 -34.32 9.69
CA VAL G 253 2.37 -35.70 9.66
C VAL G 253 3.32 -35.93 8.49
N LEU G 254 3.24 -35.11 7.44
CA LEU G 254 4.10 -35.31 6.27
C LEU G 254 5.41 -34.55 6.42
N GLN G 255 5.35 -33.22 6.55
CA GLN G 255 6.58 -32.43 6.60
C GLN G 255 7.40 -32.73 7.84
N LYS G 256 6.74 -33.07 8.94
CA LYS G 256 7.42 -33.30 10.22
C LYS G 256 7.33 -34.76 10.62
N ALA G 257 7.57 -35.65 9.64
CA ALA G 257 7.45 -37.08 9.90
C ALA G 257 8.57 -37.57 10.81
N LYS G 258 9.77 -37.00 10.71
CA LYS G 258 10.89 -37.45 11.53
C LYS G 258 10.63 -37.19 13.01
N LYS G 259 10.20 -35.96 13.34
CA LYS G 259 9.87 -35.65 14.73
C LYS G 259 8.70 -36.50 15.21
N LEU G 260 7.73 -36.76 14.33
CA LEU G 260 6.57 -37.57 14.70
C LEU G 260 6.99 -39.00 15.04
N VAL G 261 7.86 -39.60 14.23
CA VAL G 261 8.28 -40.98 14.51
C VAL G 261 9.19 -41.02 15.74
N LYS G 262 9.98 -39.97 15.96
CA LYS G 262 10.75 -39.90 17.20
C LYS G 262 9.83 -39.85 18.41
N TYR G 263 8.76 -39.05 18.34
CA TYR G 263 7.79 -39.00 19.44
C TYR G 263 7.09 -40.34 19.61
N ILE G 264 6.79 -41.02 18.51
CA ILE G 264 6.17 -42.34 18.59
C ILE G 264 7.09 -43.32 19.31
N ASP G 265 8.38 -43.31 18.96
CA ASP G 265 9.34 -44.20 19.60
C ASP G 265 9.46 -43.89 21.09
N LYS G 266 9.55 -42.60 21.44
CA LYS G 266 9.68 -42.22 22.84
C LYS G 266 8.38 -42.45 23.62
N MET G 267 7.25 -42.55 22.92
CA MET G 267 5.95 -42.48 23.55
C MET G 267 5.30 -43.86 23.75
N GLY G 268 5.89 -44.91 23.21
CA GLY G 268 5.30 -46.24 23.32
C GLY G 268 4.00 -46.39 22.58
N ILE G 269 3.93 -45.90 21.35
CA ILE G 269 2.72 -45.94 20.53
C ILE G 269 2.96 -46.86 19.33
N GLU G 270 2.02 -47.75 19.07
CA GLU G 270 2.08 -48.65 17.94
C GLU G 270 1.06 -48.24 16.89
N GLY G 271 1.04 -48.97 15.77
CA GLY G 271 0.09 -48.72 14.71
C GLY G 271 0.50 -47.67 13.71
N TRP G 272 1.71 -47.13 13.80
CA TRP G 272 2.20 -46.10 12.89
C TRP G 272 3.44 -46.58 12.14
N GLU G 273 3.43 -47.85 11.73
CA GLU G 273 4.58 -48.40 11.02
C GLU G 273 4.71 -47.82 9.62
N TRP G 274 3.60 -47.44 8.99
CA TRP G 274 3.66 -46.88 7.64
C TRP G 274 4.47 -45.59 7.62
N LEU G 275 4.30 -44.75 8.64
CA LEU G 275 5.09 -43.53 8.73
C LEU G 275 6.57 -43.83 8.90
N LYS G 276 6.89 -44.86 9.70
N LYS G 276 6.89 -44.86 9.70
CA LYS G 276 8.28 -45.25 9.87
CA LYS G 276 8.28 -45.25 9.87
C LYS G 276 8.89 -45.71 8.54
N GLU G 277 8.14 -46.50 7.78
CA GLU G 277 8.62 -46.94 6.47
C GLU G 277 8.80 -45.76 5.53
N PHE G 278 7.87 -44.80 5.57
CA PHE G 278 7.98 -43.61 4.72
C PHE G 278 9.23 -42.80 5.08
N VAL G 279 9.50 -42.65 6.38
CA VAL G 279 10.69 -41.92 6.81
C VAL G 279 11.95 -42.65 6.37
N GLU G 280 11.99 -43.97 6.55
CA GLU G 280 13.17 -44.74 6.16
C GLU G 280 13.42 -44.65 4.65
N ALA G 281 12.35 -44.73 3.86
CA ALA G 281 12.51 -44.58 2.41
C ALA G 281 12.97 -43.17 2.05
N LYS G 282 12.41 -42.15 2.70
CA LYS G 282 12.81 -40.78 2.42
C LYS G 282 14.25 -40.53 2.81
N GLU G 283 14.68 -41.08 3.94
CA GLU G 283 16.05 -40.89 4.42
C GLU G 283 17.05 -41.64 3.53
N VAL G 308 48.88 -41.95 -8.71
CA VAL G 308 48.43 -40.56 -8.76
C VAL G 308 49.21 -39.73 -7.74
N ASP G 309 49.29 -38.42 -7.96
CA ASP G 309 49.97 -37.51 -7.04
C ASP G 309 49.14 -36.23 -6.99
N MET G 310 48.45 -36.02 -5.88
CA MET G 310 47.54 -34.89 -5.73
C MET G 310 47.90 -34.11 -4.48
N GLY G 311 47.38 -32.87 -4.42
CA GLY G 311 47.63 -32.03 -3.27
C GLY G 311 46.56 -32.15 -2.20
N PHE G 312 46.92 -31.75 -0.98
CA PHE G 312 45.97 -31.82 0.13
C PHE G 312 44.76 -30.93 -0.14
N TYR G 313 44.99 -29.69 -0.55
CA TYR G 313 43.88 -28.77 -0.77
C TYR G 313 43.14 -29.03 -2.07
N TYR G 314 43.82 -29.57 -3.09
CA TYR G 314 43.11 -29.98 -4.30
C TYR G 314 42.08 -31.07 -3.98
N SER G 315 42.52 -32.10 -3.24
CA SER G 315 41.61 -33.16 -2.81
C SER G 315 40.52 -32.61 -1.89
N LEU G 316 40.89 -31.70 -0.99
CA LEU G 316 39.91 -31.12 -0.08
C LEU G 316 38.84 -30.36 -0.86
N TYR G 317 39.23 -29.59 -1.86
CA TYR G 317 38.26 -28.85 -2.67
C TYR G 317 37.35 -29.81 -3.42
N GLN G 318 37.92 -30.87 -4.01
CA GLN G 318 37.09 -31.82 -4.75
C GLN G 318 36.07 -32.51 -3.84
N LYS G 319 36.54 -32.98 -2.68
CA LYS G 319 35.65 -33.66 -1.73
C LYS G 319 34.60 -32.70 -1.18
N PHE G 320 34.99 -31.46 -0.90
CA PHE G 320 34.05 -30.46 -0.40
C PHE G 320 32.97 -30.17 -1.43
N LYS G 321 33.35 -30.07 -2.70
CA LYS G 321 32.35 -29.85 -3.75
C LYS G 321 31.47 -31.07 -3.96
N GLU G 322 31.99 -32.26 -3.72
CA GLU G 322 31.18 -33.48 -3.88
C GLU G 322 30.15 -33.60 -2.78
N GLU G 323 30.60 -33.61 -1.52
CA GLU G 323 29.69 -33.91 -0.41
C GLU G 323 28.70 -32.78 -0.17
N ILE G 324 29.18 -31.55 -0.07
CA ILE G 324 28.34 -30.38 0.21
C ILE G 324 28.16 -29.60 -1.08
N ALA G 325 26.93 -29.54 -1.57
CA ALA G 325 26.62 -28.89 -2.83
C ALA G 325 25.98 -27.52 -2.60
N PRO G 326 26.20 -26.58 -3.51
CA PRO G 326 25.58 -25.25 -3.35
C PRO G 326 24.07 -25.34 -3.36
N SER G 327 23.45 -24.47 -2.56
CA SER G 327 21.99 -24.39 -2.47
C SER G 327 21.53 -23.09 -3.10
N ASP G 328 20.55 -23.18 -4.00
CA ASP G 328 20.07 -22.03 -4.75
C ASP G 328 18.66 -21.63 -4.33
N LYS G 329 18.07 -22.35 -3.36
CA LYS G 329 16.68 -22.10 -3.00
C LYS G 329 16.47 -20.70 -2.44
N TYR G 330 17.51 -20.11 -1.85
CA TYR G 330 17.34 -18.81 -1.20
C TYR G 330 17.24 -17.67 -2.22
N ALA G 331 17.92 -17.78 -3.35
CA ALA G 331 18.02 -16.70 -4.32
C ALA G 331 17.10 -16.91 -5.52
N LYS G 332 16.08 -17.77 -5.39
CA LYS G 332 15.18 -18.02 -6.50
C LYS G 332 14.37 -16.79 -6.86
N GLU G 333 14.08 -15.92 -5.89
CA GLU G 333 13.31 -14.72 -6.13
C GLU G 333 14.02 -13.51 -5.56
N VAL G 334 13.89 -12.36 -6.23
CA VAL G 334 14.38 -11.08 -5.75
C VAL G 334 13.28 -10.05 -5.95
N ILE G 335 12.91 -9.36 -4.88
CA ILE G 335 11.92 -8.29 -4.94
C ILE G 335 12.64 -6.99 -5.25
N GLY G 336 12.07 -6.19 -6.14
CA GLY G 336 12.67 -4.92 -6.51
C GLY G 336 12.92 -4.00 -5.35
N GLY G 337 14.17 -3.56 -5.20
CA GLY G 337 14.59 -2.76 -4.07
C GLY G 337 15.36 -3.52 -3.01
N ARG G 338 15.32 -4.85 -3.03
CA ARG G 338 15.99 -5.68 -2.04
C ARG G 338 17.21 -6.33 -2.68
N PRO G 339 18.42 -5.89 -2.36
CA PRO G 339 19.61 -6.37 -3.09
C PRO G 339 19.98 -7.80 -2.74
N LEU G 340 20.77 -8.39 -3.63
CA LEU G 340 21.37 -9.71 -3.44
C LEU G 340 22.87 -9.51 -3.23
N PHE G 341 23.39 -10.02 -2.12
CA PHE G 341 24.75 -9.72 -1.70
C PHE G 341 25.78 -10.75 -2.15
N SER G 342 25.36 -11.94 -2.56
CA SER G 342 26.33 -12.97 -2.93
C SER G 342 25.62 -14.10 -3.65
N ASP G 343 26.36 -14.77 -4.53
CA ASP G 343 25.93 -15.96 -5.25
C ASP G 343 26.26 -17.21 -4.44
N PRO G 344 25.57 -18.33 -4.70
CA PRO G 344 25.75 -19.52 -3.86
C PRO G 344 27.19 -20.03 -3.83
N SER G 345 27.78 -20.03 -2.63
CA SER G 345 29.11 -20.59 -2.39
C SER G 345 30.15 -20.00 -3.33
N LYS G 346 30.06 -18.70 -3.56
CA LYS G 346 30.95 -18.00 -4.47
C LYS G 346 32.08 -17.35 -3.69
N PRO G 347 33.33 -17.58 -4.05
CA PRO G 347 34.43 -16.85 -3.40
C PRO G 347 34.26 -15.36 -3.60
N GLY G 348 34.60 -14.60 -2.55
CA GLY G 348 34.36 -13.18 -2.52
C GLY G 348 33.10 -12.76 -1.80
N GLY G 349 32.27 -13.70 -1.37
CA GLY G 349 31.05 -13.39 -0.65
C GLY G 349 31.29 -13.25 0.83
N PHE G 350 30.52 -13.98 1.64
CA PHE G 350 30.67 -13.93 3.09
C PHE G 350 31.60 -15.04 3.55
N ARG G 351 32.59 -14.68 4.37
CA ARG G 351 33.56 -15.65 4.88
C ARG G 351 33.02 -16.26 6.16
N LEU G 352 32.96 -17.59 6.21
CA LEU G 352 32.37 -18.29 7.34
C LEU G 352 33.35 -18.35 8.51
N ARG G 353 32.89 -17.89 9.67
CA ARG G 353 33.64 -18.01 10.91
C ARG G 353 32.78 -18.69 11.96
N TYR G 354 33.37 -19.62 12.69
CA TYR G 354 32.67 -20.35 13.74
C TYR G 354 32.82 -19.61 15.06
N GLY G 355 31.71 -19.24 15.68
CA GLY G 355 31.78 -18.56 16.95
C GLY G 355 30.44 -17.99 17.33
N ARG G 356 30.44 -17.32 18.48
CA ARG G 356 29.23 -16.71 19.02
C ARG G 356 29.63 -15.44 19.77
N SER G 357 29.04 -14.32 19.36
CA SER G 357 29.37 -13.03 19.95
C SER G 357 28.53 -12.80 21.22
N ARG G 358 28.68 -11.62 21.81
CA ARG G 358 27.89 -11.28 22.99
C ARG G 358 26.40 -11.21 22.65
N ALA G 359 26.07 -10.66 21.48
CA ALA G 359 24.68 -10.44 21.12
C ALA G 359 24.30 -11.22 19.86
N SER G 360 24.68 -12.49 19.81
CA SER G 360 24.34 -13.34 18.68
C SER G 360 24.37 -14.79 19.16
N GLY G 361 23.84 -15.67 18.31
CA GLY G 361 23.94 -17.10 18.60
C GLY G 361 22.66 -17.88 18.45
N PHE G 362 21.52 -17.28 18.78
CA PHE G 362 20.25 -18.00 18.68
C PHE G 362 19.96 -18.38 17.24
N ALA G 363 19.74 -17.40 16.38
CA ALA G 363 19.68 -17.64 14.94
C ALA G 363 20.32 -16.51 14.14
N THR G 364 21.04 -15.60 14.79
CA THR G 364 21.53 -14.37 14.17
C THR G 364 22.99 -14.49 13.77
N TRP G 365 23.39 -13.61 12.84
CA TRP G 365 24.75 -13.53 12.34
C TRP G 365 25.51 -12.40 13.02
N GLY G 366 26.83 -12.41 12.85
CA GLY G 366 27.67 -11.32 13.28
C GLY G 366 28.35 -10.65 12.11
N ILE G 367 28.19 -9.35 11.96
CA ILE G 367 28.63 -8.61 10.79
C ILE G 367 29.38 -7.36 11.24
N ASN G 368 30.48 -7.07 10.56
CA ASN G 368 31.21 -5.84 10.81
C ASN G 368 30.40 -4.63 10.33
N PRO G 369 30.39 -3.53 11.09
CA PRO G 369 29.67 -2.33 10.62
C PRO G 369 30.23 -1.74 9.33
N ALA G 370 31.49 -1.98 9.02
CA ALA G 370 32.07 -1.44 7.79
C ALA G 370 31.36 -1.99 6.55
N THR G 371 31.08 -3.29 6.54
CA THR G 371 30.35 -3.86 5.41
C THR G 371 28.87 -3.54 5.44
N MET G 372 28.36 -3.01 6.56
CA MET G 372 27.03 -2.40 6.54
C MET G 372 27.08 -1.04 5.86
N ILE G 373 28.12 -0.25 6.14
CA ILE G 373 28.23 1.08 5.55
C ILE G 373 28.50 1.00 4.06
N LEU G 374 29.37 0.07 3.65
CA LEU G 374 29.87 0.06 2.28
C LEU G 374 28.93 -0.60 1.28
N VAL G 375 27.77 -1.08 1.71
CA VAL G 375 26.78 -1.64 0.79
C VAL G 375 25.63 -0.65 0.65
N ASP G 376 25.93 0.64 0.80
CA ASP G 376 24.99 1.75 0.66
C ASP G 376 23.98 1.79 1.81
N GLU G 377 24.33 1.22 2.96
CA GLU G 377 23.49 1.22 4.15
C GLU G 377 22.15 0.53 3.92
N PHE G 378 22.12 -0.45 3.00
CA PHE G 378 20.96 -1.31 2.88
C PHE G 378 20.83 -2.25 4.07
N LEU G 379 21.92 -2.52 4.78
CA LEU G 379 21.92 -3.36 5.97
C LEU G 379 22.01 -2.49 7.20
N ALA G 380 21.04 -2.64 8.10
CA ALA G 380 21.04 -1.94 9.38
C ALA G 380 20.97 -2.98 10.50
N ILE G 381 21.16 -2.52 11.73
CA ILE G 381 21.09 -3.43 12.87
C ILE G 381 19.68 -3.97 12.98
N GLY G 382 19.52 -5.28 12.78
CA GLY G 382 18.24 -5.93 12.83
C GLY G 382 17.65 -6.27 11.47
N THR G 383 18.28 -5.86 10.38
CA THR G 383 17.78 -6.18 9.06
C THR G 383 17.93 -7.68 8.80
N GLN G 384 16.86 -8.30 8.33
CA GLN G 384 16.84 -9.72 8.04
C GLN G 384 17.45 -10.00 6.67
N LEU G 385 18.02 -11.18 6.53
CA LEU G 385 18.51 -11.65 5.23
C LEU G 385 18.28 -13.14 5.12
N LYS G 386 18.00 -13.59 3.90
CA LYS G 386 17.74 -15.00 3.61
C LYS G 386 19.06 -15.68 3.31
N THR G 387 19.45 -16.63 4.15
CA THR G 387 20.76 -17.26 4.09
C THR G 387 20.69 -18.56 3.30
N GLU G 388 21.84 -19.19 3.12
CA GLU G 388 21.95 -20.41 2.33
C GLU G 388 22.34 -21.63 3.15
N ARG G 389 23.50 -21.59 3.82
CA ARG G 389 24.04 -22.83 4.37
C ARG G 389 23.33 -23.31 5.63
N PRO G 390 23.41 -22.60 6.78
CA PRO G 390 22.92 -23.21 8.03
C PRO G 390 21.40 -23.35 8.05
N GLY G 391 20.70 -22.25 7.82
CA GLY G 391 19.25 -22.27 7.84
C GLY G 391 18.67 -21.48 6.68
N LYS G 392 17.56 -20.78 6.93
CA LYS G 392 16.96 -19.89 5.93
C LYS G 392 16.44 -18.66 6.68
N GLY G 393 17.29 -17.64 6.78
CA GLY G 393 16.92 -16.43 7.48
C GLY G 393 17.78 -16.16 8.71
N ALA G 394 18.17 -14.90 8.88
CA ALA G 394 18.98 -14.49 10.02
C ALA G 394 18.85 -12.98 10.20
N VAL G 395 19.31 -12.51 11.34
CA VAL G 395 19.33 -11.09 11.68
C VAL G 395 20.77 -10.68 11.94
N VAL G 396 21.17 -9.52 11.45
CA VAL G 396 22.56 -9.07 11.52
C VAL G 396 22.76 -8.23 12.77
N THR G 397 23.94 -8.38 13.37
CA THR G 397 24.34 -7.72 14.60
C THR G 397 25.79 -7.30 14.48
N PRO G 398 26.14 -6.11 14.96
CA PRO G 398 27.51 -5.60 14.77
C PRO G 398 28.54 -6.32 15.62
N VAL G 399 29.58 -6.82 14.98
CA VAL G 399 30.76 -7.40 15.64
C VAL G 399 31.99 -6.67 15.11
N THR G 400 32.77 -6.07 16.01
CA THR G 400 33.90 -5.25 15.62
C THR G 400 35.24 -5.98 15.71
N THR G 401 35.25 -7.26 16.08
CA THR G 401 36.49 -8.02 16.18
C THR G 401 36.80 -8.83 14.92
N ILE G 402 35.80 -9.10 14.08
CA ILE G 402 36.00 -9.80 12.83
C ILE G 402 36.42 -8.81 11.74
N GLU G 403 36.88 -9.33 10.61
CA GLU G 403 37.42 -8.51 9.53
C GLU G 403 36.32 -7.96 8.65
N GLY G 404 36.62 -6.84 7.99
CA GLY G 404 35.69 -6.18 7.12
C GLY G 404 36.02 -6.35 5.65
N PRO G 405 35.40 -5.55 4.80
CA PRO G 405 35.60 -5.69 3.35
C PRO G 405 36.94 -5.15 2.88
N ILE G 406 37.36 -5.64 1.71
CA ILE G 406 38.51 -5.13 0.98
C ILE G 406 37.98 -4.49 -0.29
N VAL G 407 38.32 -3.22 -0.51
CA VAL G 407 37.74 -2.44 -1.59
C VAL G 407 38.83 -1.98 -2.54
N LYS G 408 38.40 -1.61 -3.74
CA LYS G 408 39.27 -1.03 -4.76
C LYS G 408 38.82 0.39 -5.03
N LEU G 409 39.73 1.35 -4.87
CA LEU G 409 39.38 2.75 -4.99
C LEU G 409 39.37 3.18 -6.45
N LYS G 410 38.95 4.43 -6.68
CA LYS G 410 38.77 4.91 -8.05
C LYS G 410 40.10 5.15 -8.75
N ASP G 411 41.15 5.50 -8.00
CA ASP G 411 42.46 5.73 -8.59
C ASP G 411 43.27 4.46 -8.80
N GLY G 412 42.81 3.33 -8.27
CA GLY G 412 43.49 2.06 -8.45
C GLY G 412 44.04 1.45 -7.18
N SER G 413 44.04 2.18 -6.08
CA SER G 413 44.55 1.65 -4.82
C SER G 413 43.60 0.58 -4.25
N VAL G 414 44.17 -0.36 -3.51
CA VAL G 414 43.43 -1.40 -2.82
C VAL G 414 43.59 -1.18 -1.32
N LEU G 415 42.47 -1.23 -0.60
CA LEU G 415 42.46 -0.90 0.82
C LEU G 415 41.68 -1.96 1.59
N ARG G 416 42.06 -2.15 2.86
CA ARG G 416 41.34 -3.00 3.79
C ARG G 416 40.61 -2.09 4.77
N VAL G 417 39.28 -2.18 4.76
CA VAL G 417 38.44 -1.34 5.62
C VAL G 417 37.90 -2.24 6.72
N ASP G 418 38.62 -2.33 7.83
CA ASP G 418 38.18 -3.07 9.00
C ASP G 418 37.59 -2.16 10.06
N ASP G 419 37.48 -0.87 9.80
CA ASP G 419 37.01 0.12 10.77
C ASP G 419 35.75 0.80 10.25
N TYR G 420 35.06 1.48 11.16
CA TYR G 420 33.80 2.14 10.83
C TYR G 420 34.04 3.57 10.33
N ASN G 421 34.88 4.33 11.05
CA ASN G 421 35.20 5.69 10.63
C ASN G 421 35.96 5.70 9.31
N LEU G 422 36.85 4.72 9.11
CA LEU G 422 37.56 4.63 7.85
C LEU G 422 36.60 4.39 6.70
N ALA G 423 35.59 3.53 6.91
CA ALA G 423 34.58 3.31 5.89
C ALA G 423 33.80 4.58 5.60
N LEU G 424 33.43 5.32 6.65
CA LEU G 424 32.70 6.56 6.46
C LEU G 424 33.51 7.56 5.64
N LYS G 425 34.82 7.63 5.90
CA LYS G 425 35.67 8.55 5.15
C LYS G 425 35.85 8.10 3.71
N VAL G 426 35.97 6.78 3.48
CA VAL G 426 36.38 6.26 2.18
C VAL G 426 35.20 5.99 1.22
N ARG G 427 33.97 5.96 1.74
CA ARG G 427 32.83 5.42 0.99
C ARG G 427 32.71 6.01 -0.42
N GLU G 428 32.96 7.31 -0.58
CA GLU G 428 32.65 7.96 -1.84
C GLU G 428 33.60 7.58 -2.98
N ASP G 429 34.77 7.03 -2.67
CA ASP G 429 35.77 6.71 -3.69
C ASP G 429 35.74 5.25 -4.12
N VAL G 430 34.78 4.47 -3.66
CA VAL G 430 34.80 3.03 -3.88
C VAL G 430 34.38 2.72 -5.31
N GLU G 431 35.22 1.97 -6.03
CA GLU G 431 34.94 1.53 -7.39
C GLU G 431 34.46 0.09 -7.46
N GLU G 432 35.03 -0.80 -6.66
CA GLU G 432 34.60 -2.20 -6.63
C GLU G 432 34.89 -2.78 -5.26
N ILE G 433 33.97 -3.61 -4.78
CA ILE G 433 34.12 -4.29 -3.49
C ILE G 433 34.75 -5.65 -3.79
N LEU G 434 36.05 -5.77 -3.50
CA LEU G 434 36.76 -7.01 -3.81
C LEU G 434 36.26 -8.16 -2.94
N TYR G 435 36.16 -7.93 -1.63
CA TYR G 435 35.68 -8.92 -0.68
C TYR G 435 34.63 -8.29 0.21
N LEU G 436 33.69 -9.12 0.68
CA LEU G 436 32.52 -8.60 1.39
C LEU G 436 32.72 -8.55 2.89
N GLY G 437 33.41 -9.52 3.48
CA GLY G 437 33.65 -9.52 4.90
C GLY G 437 33.35 -10.87 5.50
N ASP G 438 33.28 -10.90 6.83
CA ASP G 438 33.07 -12.13 7.60
C ASP G 438 31.65 -12.21 8.12
N ALA G 439 31.28 -13.41 8.55
CA ALA G 439 30.00 -13.67 9.19
C ALA G 439 30.21 -14.74 10.25
N VAL G 440 29.88 -14.41 11.50
CA VAL G 440 30.07 -15.34 12.62
C VAL G 440 28.77 -16.12 12.81
N ILE G 441 28.85 -17.45 12.65
CA ILE G 441 27.70 -18.33 12.77
C ILE G 441 28.01 -19.35 13.86
N ALA G 442 27.04 -19.56 14.75
CA ALA G 442 27.24 -20.41 15.91
C ALA G 442 27.22 -21.89 15.54
N PHE G 443 27.88 -22.69 16.37
CA PHE G 443 27.89 -24.14 16.18
C PHE G 443 26.51 -24.74 16.45
N GLY G 444 25.78 -24.19 17.41
CA GLY G 444 24.43 -24.67 17.67
C GLY G 444 23.49 -24.45 16.50
N ASP G 445 23.76 -23.44 15.68
CA ASP G 445 22.97 -23.25 14.46
C ASP G 445 23.19 -24.40 13.49
N PHE G 446 24.42 -24.93 13.44
CA PHE G 446 24.69 -26.10 12.61
C PHE G 446 24.07 -27.35 13.20
N VAL G 447 24.10 -27.49 14.53
CA VAL G 447 23.51 -28.65 15.17
C VAL G 447 22.00 -28.69 14.98
N GLU G 448 21.34 -27.55 15.14
CA GLU G 448 19.88 -27.51 15.07
C GLU G 448 19.38 -27.90 13.69
N ASN G 449 20.01 -27.40 12.64
CA ASN G 449 19.57 -27.66 11.27
C ASN G 449 20.16 -28.93 10.70
N ASN G 450 21.04 -29.62 11.42
CA ASN G 450 21.67 -30.85 10.97
C ASN G 450 22.40 -30.63 9.64
N GLN G 451 23.31 -29.67 9.65
CA GLN G 451 24.08 -29.29 8.47
C GLN G 451 25.51 -29.79 8.63
N THR G 452 26.02 -30.45 7.61
CA THR G 452 27.37 -30.99 7.64
C THR G 452 28.38 -29.88 7.82
N LEU G 453 29.36 -30.11 8.69
CA LEU G 453 30.38 -29.10 8.97
C LEU G 453 31.19 -28.80 7.72
N LEU G 454 31.34 -27.51 7.43
CA LEU G 454 32.17 -27.01 6.34
C LEU G 454 33.59 -26.77 6.83
N PRO G 455 34.59 -26.86 5.97
CA PRO G 455 35.97 -26.61 6.40
C PRO G 455 36.14 -25.21 6.95
N ALA G 456 36.96 -25.10 8.01
CA ALA G 456 37.10 -23.87 8.75
C ALA G 456 38.24 -23.02 8.18
N ASN G 457 37.97 -21.74 7.98
CA ASN G 457 39.00 -20.80 7.57
C ASN G 457 39.95 -20.53 8.73
N TYR G 458 41.22 -20.31 8.40
CA TYR G 458 42.22 -20.05 9.42
C TYR G 458 41.99 -18.70 10.10
N CYS G 459 42.06 -18.69 11.43
CA CYS G 459 41.75 -17.51 12.21
C CYS G 459 42.67 -17.45 13.42
N GLU G 460 42.52 -16.38 14.21
CA GLU G 460 43.41 -16.14 15.34
C GLU G 460 43.17 -17.13 16.49
N GLU G 461 41.92 -17.57 16.67
CA GLU G 461 41.62 -18.50 17.75
C GLU G 461 42.25 -19.87 17.52
N TRP G 462 42.28 -20.34 16.28
CA TRP G 462 42.99 -21.57 15.95
C TRP G 462 44.50 -21.40 16.12
N TRP G 463 45.01 -20.24 15.70
CA TRP G 463 46.45 -19.98 15.78
C TRP G 463 46.93 -19.95 17.22
N ILE G 464 46.14 -19.37 18.13
CA ILE G 464 46.58 -19.26 19.52
C ILE G 464 46.63 -20.64 20.17
N LEU G 465 45.69 -21.52 19.82
CA LEU G 465 45.72 -22.89 20.34
C LEU G 465 46.93 -23.64 19.82
N GLU G 466 47.23 -23.50 18.52
CA GLU G 466 48.44 -24.10 17.98
C GLU G 466 49.69 -23.55 18.67
N PHE G 467 49.71 -22.24 18.94
CA PHE G 467 50.84 -21.60 19.60
C PHE G 467 51.07 -22.18 20.98
N VAL G 468 50.03 -22.27 21.80
CA VAL G 468 50.21 -22.77 23.16
C VAL G 468 50.55 -24.26 23.14
N LYS G 469 49.95 -25.03 22.23
CA LYS G 469 50.28 -26.45 22.15
C LYS G 469 51.74 -26.66 21.78
N ALA G 470 52.25 -25.90 20.81
CA ALA G 470 53.66 -26.03 20.44
C ALA G 470 54.56 -25.59 21.59
N LEU G 471 54.19 -24.53 22.30
CA LEU G 471 54.97 -24.08 23.45
C LEU G 471 55.08 -25.18 24.50
N LYS G 472 53.95 -25.81 24.82
CA LYS G 472 53.97 -26.90 25.80
C LYS G 472 54.75 -28.10 25.30
N GLU G 473 54.61 -28.43 24.02
CA GLU G 473 55.28 -29.61 23.49
C GLU G 473 56.79 -29.43 23.48
N ILE G 474 57.27 -28.22 23.18
CA ILE G 474 58.71 -28.01 23.05
C ILE G 474 59.34 -27.68 24.41
N TYR G 475 58.86 -26.63 25.07
CA TYR G 475 59.50 -26.13 26.27
C TYR G 475 58.85 -26.59 27.56
N GLU G 476 57.77 -27.36 27.49
CA GLU G 476 57.06 -27.88 28.67
C GLU G 476 56.59 -26.74 29.58
N VAL G 477 55.88 -25.79 28.99
CA VAL G 477 55.28 -24.67 29.71
C VAL G 477 53.78 -24.68 29.46
N HIS G 478 53.00 -24.55 30.53
CA HIS G 478 51.54 -24.63 30.44
C HIS G 478 50.95 -23.23 30.47
N LEU G 479 50.26 -22.86 29.40
CA LEU G 479 49.56 -21.59 29.31
C LEU G 479 48.21 -21.82 28.63
N GLU G 480 47.27 -20.92 28.90
CA GLU G 480 45.94 -21.02 28.31
C GLU G 480 45.49 -19.65 27.81
N PRO G 481 44.77 -19.61 26.69
CA PRO G 481 44.28 -18.33 26.18
C PRO G 481 42.97 -17.89 26.81
N PHE G 482 42.68 -16.59 26.68
CA PHE G 482 41.45 -15.96 27.11
C PHE G 482 41.31 -15.92 28.64
N THR G 483 42.36 -16.23 29.38
CA THR G 483 42.33 -16.21 30.84
C THR G 483 43.58 -15.49 31.34
N GLU G 484 43.82 -15.59 32.64
CA GLU G 484 45.02 -15.08 33.27
C GLU G 484 45.86 -16.24 33.78
N ASN G 485 47.16 -16.17 33.53
CA ASN G 485 48.09 -17.25 33.85
C ASN G 485 49.01 -16.87 34.99
N GLU G 486 49.78 -17.85 35.45
CA GLU G 486 50.73 -17.62 36.53
C GLU G 486 51.90 -16.78 36.04
N GLU G 487 52.50 -16.03 36.97
CA GLU G 487 53.63 -15.18 36.61
C GLU G 487 54.87 -16.01 36.28
N GLU G 488 55.05 -17.14 36.96
CA GLU G 488 56.22 -17.97 36.69
C GLU G 488 56.21 -18.51 35.27
N SER G 489 55.06 -19.03 34.83
CA SER G 489 54.95 -19.55 33.47
C SER G 489 55.13 -18.45 32.43
N ILE G 490 54.57 -17.27 32.70
CA ILE G 490 54.73 -16.14 31.77
C ILE G 490 56.20 -15.77 31.66
N GLU G 491 56.91 -15.70 32.80
CA GLU G 491 58.32 -15.35 32.77
C GLU G 491 59.15 -16.40 32.03
N GLU G 492 58.86 -17.69 32.27
CA GLU G 492 59.60 -18.74 31.57
C GLU G 492 59.36 -18.65 30.05
N ALA G 493 58.10 -18.50 29.64
CA ALA G 493 57.79 -18.43 28.22
C ALA G 493 58.45 -17.21 27.58
N SER G 494 58.41 -16.06 28.26
CA SER G 494 59.03 -14.86 27.71
C SER G 494 60.55 -15.01 27.60
N ASP G 495 61.17 -15.66 28.59
CA ASP G 495 62.61 -15.88 28.53
C ASP G 495 62.97 -16.82 27.38
N TYR G 496 62.20 -17.88 27.17
CA TYR G 496 62.50 -18.80 26.08
C TYR G 496 62.25 -18.16 24.72
N LEU G 497 61.23 -17.31 24.60
CA LEU G 497 60.90 -16.68 23.33
C LEU G 497 61.61 -15.34 23.13
N GLU G 498 62.31 -14.82 24.14
CA GLU G 498 62.96 -13.52 24.10
C GLU G 498 61.98 -12.42 23.64
N ILE G 499 60.91 -12.26 24.42
CA ILE G 499 59.90 -11.24 24.19
C ILE G 499 59.58 -10.56 25.50
N ASP G 500 58.76 -9.52 25.42
CA ASP G 500 58.35 -8.77 26.61
C ASP G 500 57.21 -9.50 27.30
N PRO G 501 57.32 -9.78 28.61
CA PRO G 501 56.24 -10.51 29.29
C PRO G 501 54.89 -9.78 29.25
N GLU G 502 54.89 -8.46 29.28
CA GLU G 502 53.63 -7.72 29.18
C GLU G 502 52.95 -7.97 27.83
N PHE G 503 53.73 -8.00 26.75
CA PHE G 503 53.18 -8.30 25.43
C PHE G 503 52.60 -9.71 25.39
N LEU G 504 53.30 -10.68 25.98
CA LEU G 504 52.80 -12.04 26.01
C LEU G 504 51.48 -12.13 26.77
N LYS G 505 51.41 -11.46 27.93
CA LYS G 505 50.18 -11.46 28.71
C LYS G 505 49.03 -10.83 27.92
N GLU G 506 49.30 -9.71 27.27
CA GLU G 506 48.26 -9.02 26.50
C GLU G 506 47.78 -9.86 25.32
N MET G 507 48.70 -10.54 24.62
CA MET G 507 48.30 -11.28 23.44
C MET G 507 47.61 -12.59 23.82
N LEU G 508 47.99 -13.20 24.94
CA LEU G 508 47.26 -14.37 25.40
C LEU G 508 45.89 -14.01 25.98
N ARG G 509 45.76 -12.80 26.52
CA ARG G 509 44.48 -12.38 27.07
C ARG G 509 43.48 -12.05 25.98
N ASP G 510 43.93 -11.39 24.91
CA ASP G 510 43.06 -10.94 23.83
C ASP G 510 43.71 -11.21 22.48
N PRO G 511 43.69 -12.47 22.02
CA PRO G 511 44.29 -12.77 20.71
C PRO G 511 43.57 -12.12 19.54
N LEU G 512 42.31 -11.72 19.69
CA LEU G 512 41.55 -11.19 18.57
C LEU G 512 41.78 -9.71 18.34
N ARG G 513 42.44 -9.01 19.27
CA ARG G 513 42.73 -7.59 19.12
C ARG G 513 44.21 -7.26 19.16
N VAL G 514 45.03 -8.10 19.80
CA VAL G 514 46.47 -7.85 19.92
C VAL G 514 47.19 -8.83 18.99
N LYS G 515 47.90 -8.29 18.01
CA LYS G 515 48.64 -9.09 17.05
C LYS G 515 50.11 -8.75 17.08
N PRO G 516 50.99 -9.71 16.85
CA PRO G 516 52.41 -9.42 16.79
C PRO G 516 52.77 -8.77 15.45
N PRO G 517 53.84 -7.99 15.41
CA PRO G 517 54.34 -7.50 14.11
C PRO G 517 54.75 -8.66 13.23
N VAL G 518 54.81 -8.39 11.92
CA VAL G 518 55.02 -9.45 10.94
C VAL G 518 56.35 -10.17 11.18
N GLU G 519 57.39 -9.41 11.55
CA GLU G 519 58.68 -10.03 11.83
C GLU G 519 58.59 -10.95 13.05
N LEU G 520 57.85 -10.53 14.08
CA LEU G 520 57.70 -11.37 15.26
C LEU G 520 56.91 -12.64 14.94
N ALA G 521 55.89 -12.52 14.07
CA ALA G 521 55.15 -13.70 13.64
C ALA G 521 56.05 -14.67 12.88
N ILE G 522 56.90 -14.14 12.00
CA ILE G 522 57.84 -15.00 11.27
C ILE G 522 58.80 -15.68 12.24
N HIS G 523 59.27 -14.94 13.24
CA HIS G 523 60.17 -15.53 14.24
C HIS G 523 59.47 -16.64 15.02
N PHE G 524 58.21 -16.43 15.39
CA PHE G 524 57.44 -17.47 16.07
C PHE G 524 57.30 -18.71 15.19
N SER G 525 57.00 -18.50 13.89
CA SER G 525 56.84 -19.64 13.00
C SER G 525 58.15 -20.39 12.82
N GLU G 526 59.27 -19.67 12.82
CA GLU G 526 60.57 -20.33 12.68
C GLU G 526 60.94 -21.11 13.92
N VAL G 527 60.68 -20.56 15.10
CA VAL G 527 61.12 -21.20 16.34
C VAL G 527 60.19 -22.33 16.73
N LEU G 528 58.90 -22.03 16.89
CA LEU G 528 57.98 -23.05 17.38
C LEU G 528 57.61 -24.05 16.30
N GLY G 529 57.44 -23.59 15.06
CA GLY G 529 57.06 -24.49 13.98
C GLY G 529 55.58 -24.54 13.74
N ILE G 530 54.95 -23.36 13.63
CA ILE G 530 53.51 -23.26 13.42
C ILE G 530 53.27 -22.42 12.16
N PRO G 531 52.11 -22.57 11.52
CA PRO G 531 51.81 -21.78 10.34
C PRO G 531 51.84 -20.29 10.64
N LEU G 532 51.91 -19.49 9.58
CA LEU G 532 51.98 -18.05 9.73
C LEU G 532 50.70 -17.50 10.35
N HIS G 533 50.82 -16.36 11.01
CA HIS G 533 49.66 -15.72 11.61
C HIS G 533 48.63 -15.41 10.53
N PRO G 534 47.34 -15.69 10.77
CA PRO G 534 46.34 -15.51 9.70
C PRO G 534 46.20 -14.08 9.21
N TYR G 535 46.63 -13.09 10.00
CA TYR G 535 46.49 -11.70 9.57
C TYR G 535 47.37 -11.38 8.38
N TYR G 536 48.52 -12.04 8.27
CA TYR G 536 49.48 -11.78 7.19
C TYR G 536 49.39 -12.79 6.06
N THR G 537 48.36 -13.64 6.06
CA THR G 537 48.16 -14.59 4.98
C THR G 537 47.19 -13.99 3.96
N LEU G 538 47.59 -14.02 2.69
CA LEU G 538 46.73 -13.53 1.62
C LEU G 538 45.94 -14.68 1.01
N TYR G 539 44.93 -14.32 0.21
CA TYR G 539 44.07 -15.32 -0.42
C TYR G 539 44.83 -15.96 -1.58
N TRP G 540 45.76 -16.84 -1.22
CA TRP G 540 46.63 -17.45 -2.22
C TRP G 540 45.89 -18.46 -3.09
N ASN G 541 44.82 -19.06 -2.58
CA ASN G 541 44.08 -20.07 -3.32
C ASN G 541 42.97 -19.50 -4.19
N SER G 542 42.86 -18.18 -4.27
CA SER G 542 41.91 -17.53 -5.17
C SER G 542 42.51 -17.26 -6.55
N VAL G 543 43.76 -17.67 -6.78
CA VAL G 543 44.45 -17.46 -8.04
C VAL G 543 45.05 -18.78 -8.50
N GLU G 544 45.34 -18.85 -9.80
CA GLU G 544 45.93 -20.06 -10.37
C GLU G 544 47.44 -20.06 -10.22
N PRO G 545 48.05 -21.24 -10.15
CA PRO G 545 49.52 -21.29 -10.06
C PRO G 545 50.24 -20.66 -11.25
N LYS G 546 49.61 -20.61 -12.43
CA LYS G 546 50.26 -19.99 -13.58
C LYS G 546 50.28 -18.47 -13.46
N ASP G 547 49.21 -17.89 -12.91
CA ASP G 547 49.22 -16.45 -12.62
C ASP G 547 50.32 -16.10 -11.62
N VAL G 548 50.46 -16.93 -10.58
CA VAL G 548 51.53 -16.71 -9.61
C VAL G 548 52.89 -16.90 -10.26
N GLU G 549 53.00 -17.83 -11.21
CA GLU G 549 54.24 -18.00 -11.95
C GLU G 549 54.62 -16.73 -12.70
N LYS G 550 53.67 -16.16 -13.44
CA LYS G 550 53.93 -14.91 -14.17
C LYS G 550 54.28 -13.78 -13.21
N LEU G 551 53.55 -13.67 -12.10
CA LEU G 551 53.82 -12.61 -11.13
C LEU G 551 55.21 -12.77 -10.51
N TRP G 552 55.59 -14.01 -10.21
CA TRP G 552 56.92 -14.28 -9.66
C TRP G 552 58.01 -13.89 -10.64
N ARG G 553 57.82 -14.23 -11.92
CA ARG G 553 58.81 -13.84 -12.93
C ARG G 553 58.93 -12.33 -13.03
N LEU G 554 57.79 -11.63 -13.04
CA LEU G 554 57.81 -10.17 -13.12
C LEU G 554 58.50 -9.56 -11.89
N LEU G 555 58.22 -10.10 -10.70
CA LEU G 555 58.84 -9.58 -9.48
C LEU G 555 60.35 -9.80 -9.49
N LYS G 556 60.79 -10.98 -9.95
CA LYS G 556 62.23 -11.23 -10.02
C LYS G 556 62.90 -10.31 -11.03
N ASN G 557 62.25 -10.06 -12.17
CA ASN G 557 62.93 -9.33 -13.24
C ASN G 557 62.87 -7.81 -13.08
N TYR G 558 61.68 -7.25 -12.94
CA TYR G 558 61.46 -5.82 -13.08
C TYR G 558 61.01 -5.15 -11.78
N ALA G 559 61.64 -5.48 -10.66
CA ALA G 559 61.23 -4.91 -9.39
C ALA G 559 62.45 -4.55 -8.56
N GLU G 560 62.25 -3.60 -7.64
CA GLU G 560 63.28 -3.16 -6.70
C GLU G 560 62.73 -3.27 -5.29
N ILE G 561 63.46 -3.95 -4.42
CA ILE G 561 63.00 -4.27 -3.08
C ILE G 561 64.03 -3.81 -2.05
N GLU G 562 63.53 -3.26 -0.94
CA GLU G 562 64.36 -2.86 0.19
C GLU G 562 64.21 -3.90 1.29
N TRP G 563 65.33 -4.48 1.71
CA TRP G 563 65.32 -5.56 2.69
C TRP G 563 65.64 -5.03 4.08
N SER G 564 65.41 -5.87 5.08
CA SER G 564 65.67 -5.54 6.48
C SER G 564 66.18 -6.78 7.20
N ASN G 565 66.40 -6.65 8.50
CA ASN G 565 66.89 -7.74 9.33
C ASN G 565 66.25 -7.69 10.70
N PHE G 566 65.96 -8.88 11.25
CA PHE G 566 65.37 -8.98 12.58
C PHE G 566 65.68 -10.38 13.10
N ARG G 567 66.54 -10.45 14.13
CA ARG G 567 66.91 -11.73 14.74
C ARG G 567 67.43 -12.72 13.71
N GLY G 568 68.21 -12.22 12.75
CA GLY G 568 68.72 -13.06 11.68
C GLY G 568 67.71 -13.42 10.61
N ILE G 569 66.55 -12.77 10.60
CA ILE G 569 65.50 -13.03 9.63
C ILE G 569 65.36 -11.80 8.74
N LYS G 570 65.42 -12.00 7.43
CA LYS G 570 65.27 -10.91 6.48
C LYS G 570 63.83 -10.87 5.97
N PHE G 571 63.34 -9.66 5.74
CA PHE G 571 61.99 -9.47 5.21
C PHE G 571 61.96 -8.24 4.33
N ALA G 572 61.10 -8.27 3.32
CA ALA G 572 60.96 -7.14 2.42
C ALA G 572 60.28 -5.96 3.13
N LYS G 573 60.72 -4.75 2.77
CA LYS G 573 60.15 -3.54 3.35
C LYS G 573 59.38 -2.70 2.34
N LYS G 574 59.63 -2.87 1.04
CA LYS G 574 58.96 -2.08 0.02
C LYS G 574 59.19 -2.73 -1.34
N ILE G 575 58.17 -2.68 -2.20
CA ILE G 575 58.25 -3.12 -3.58
C ILE G 575 57.77 -1.99 -4.47
N VAL G 576 58.56 -1.65 -5.49
CA VAL G 576 58.21 -0.63 -6.47
C VAL G 576 58.35 -1.25 -7.86
N ILE G 577 57.25 -1.31 -8.59
CA ILE G 577 57.24 -1.84 -9.96
C ILE G 577 56.34 -0.95 -10.81
N SER G 578 56.78 -0.66 -12.03
CA SER G 578 56.03 0.23 -12.90
C SER G 578 54.78 -0.46 -13.44
N GLN G 579 53.76 0.35 -13.73
CA GLN G 579 52.51 -0.20 -14.24
C GLN G 579 52.71 -0.89 -15.58
N GLU G 580 53.46 -0.27 -16.49
CA GLU G 580 53.71 -0.88 -17.79
C GLU G 580 54.51 -2.17 -17.66
N LYS G 581 55.41 -2.22 -16.67
CA LYS G 581 56.14 -3.44 -16.40
C LYS G 581 55.28 -4.47 -15.66
N LEU G 582 54.38 -4.01 -14.80
CA LEU G 582 53.48 -4.93 -14.10
C LEU G 582 52.54 -5.62 -15.07
N GLY G 583 51.99 -4.86 -16.02
CA GLY G 583 51.14 -5.46 -17.04
C GLY G 583 49.76 -5.77 -16.50
N ASP G 584 49.30 -6.99 -16.74
CA ASP G 584 47.98 -7.43 -16.30
C ASP G 584 48.03 -8.25 -15.01
N SER G 585 49.16 -8.24 -14.30
CA SER G 585 49.26 -8.88 -12.99
C SER G 585 48.69 -8.04 -11.87
N LYS G 586 48.25 -6.82 -12.17
CA LYS G 586 47.57 -6.01 -11.16
C LYS G 586 46.29 -6.69 -10.69
N ARG G 587 45.60 -7.39 -11.60
CA ARG G 587 44.41 -8.15 -11.19
C ARG G 587 44.79 -9.28 -10.25
N THR G 588 45.94 -9.93 -10.49
CA THR G 588 46.41 -10.95 -9.56
C THR G 588 46.71 -10.34 -8.19
N LEU G 589 47.33 -9.16 -8.18
CA LEU G 589 47.59 -8.48 -6.91
C LEU G 589 46.30 -8.15 -6.18
N GLU G 590 45.27 -7.70 -6.91
CA GLU G 590 44.00 -7.37 -6.28
C GLU G 590 43.26 -8.62 -5.81
N LEU G 591 43.44 -9.75 -6.49
CA LEU G 591 42.76 -10.98 -6.10
C LEU G 591 43.39 -11.62 -4.86
N LEU G 592 44.64 -11.27 -4.53
CA LEU G 592 45.24 -11.72 -3.29
C LEU G 592 44.77 -10.91 -2.08
N GLY G 593 44.00 -9.84 -2.31
CA GLY G 593 43.63 -8.95 -1.23
C GLY G 593 44.81 -8.20 -0.65
N LEU G 594 45.76 -7.81 -1.48
CA LEU G 594 46.97 -7.14 -1.04
C LEU G 594 46.80 -5.63 -1.13
N PRO G 595 46.91 -4.88 -0.03
CA PRO G 595 46.77 -3.43 -0.12
C PRO G 595 48.03 -2.80 -0.74
N HIS G 596 47.81 -1.97 -1.75
CA HIS G 596 48.90 -1.24 -2.39
C HIS G 596 48.36 0.12 -2.83
N THR G 597 49.19 0.87 -3.54
CA THR G 597 48.80 2.17 -4.05
C THR G 597 49.56 2.45 -5.33
N VAL G 598 49.04 3.36 -6.14
CA VAL G 598 49.60 3.71 -7.43
C VAL G 598 49.92 5.20 -7.46
N ARG G 599 51.17 5.53 -7.75
CA ARG G 599 51.61 6.91 -7.83
C ARG G 599 52.57 7.05 -9.00
N ASP G 600 52.36 8.09 -9.82
CA ASP G 600 53.13 8.41 -11.03
C ASP G 600 53.65 7.18 -11.75
N GLY G 601 52.75 6.27 -12.13
CA GLY G 601 53.10 5.12 -12.94
C GLY G 601 53.72 3.96 -12.20
N ASN G 602 53.88 4.05 -10.88
CA ASN G 602 54.47 2.99 -10.08
C ASN G 602 53.43 2.41 -9.13
N VAL G 603 53.50 1.09 -8.94
CA VAL G 603 52.65 0.39 -7.98
C VAL G 603 53.53 0.00 -6.80
N ILE G 604 53.16 0.49 -5.61
CA ILE G 604 54.01 0.42 -4.43
C ILE G 604 53.32 -0.43 -3.37
N VAL G 605 54.05 -1.39 -2.82
CA VAL G 605 53.59 -2.23 -1.71
C VAL G 605 54.42 -1.88 -0.48
N ASP G 606 53.76 -1.53 0.61
CA ASP G 606 54.39 -0.92 1.75
C ASP G 606 54.88 -1.97 2.74
N TYR G 607 55.23 -1.53 3.95
CA TYR G 607 55.98 -2.39 4.88
C TYR G 607 55.23 -3.63 5.31
N PRO G 608 54.07 -3.54 5.99
CA PRO G 608 53.48 -4.77 6.55
C PRO G 608 53.07 -5.79 5.51
N TRP G 609 52.75 -5.34 4.30
CA TRP G 609 52.21 -6.20 3.25
C TRP G 609 53.24 -6.56 2.18
N ALA G 610 54.51 -6.25 2.41
CA ALA G 610 55.56 -6.73 1.52
C ALA G 610 56.07 -8.11 1.92
N ALA G 611 56.27 -8.32 3.23
CA ALA G 611 56.63 -9.65 3.71
C ALA G 611 55.45 -10.61 3.65
N ALA G 612 54.22 -10.08 3.69
CA ALA G 612 53.05 -10.93 3.52
C ALA G 612 52.98 -11.51 2.11
N LEU G 613 53.67 -10.91 1.15
CA LEU G 613 53.70 -11.40 -0.22
C LEU G 613 54.99 -12.13 -0.57
N LEU G 614 56.13 -11.68 -0.04
CA LEU G 614 57.41 -12.22 -0.45
C LEU G 614 57.92 -13.35 0.43
N THR G 615 57.59 -13.37 1.72
CA THR G 615 58.05 -14.45 2.59
C THR G 615 57.49 -15.82 2.21
N PRO G 616 56.19 -15.97 1.91
CA PRO G 616 55.72 -17.29 1.46
C PRO G 616 56.44 -17.79 0.22
N LEU G 617 56.85 -16.90 -0.68
CA LEU G 617 57.62 -17.27 -1.86
C LEU G 617 59.11 -17.42 -1.57
N GLY G 618 59.50 -17.49 -0.31
CA GLY G 618 60.88 -17.73 0.04
C GLY G 618 61.82 -16.61 -0.31
N ASN G 619 61.32 -15.39 -0.44
CA ASN G 619 62.12 -14.23 -0.85
C ASN G 619 62.82 -14.48 -2.17
N LEU G 620 62.11 -15.12 -3.11
CA LEU G 620 62.57 -15.39 -4.47
C LEU G 620 63.77 -16.34 -4.51
N ASN G 621 64.03 -17.07 -3.43
CA ASN G 621 65.14 -18.01 -3.42
C ASN G 621 64.84 -19.29 -4.18
N TRP G 622 63.58 -19.73 -4.19
CA TRP G 622 63.19 -20.91 -4.95
C TRP G 622 62.19 -20.52 -6.02
N GLU G 623 62.33 -21.14 -7.19
CA GLU G 623 61.47 -20.86 -8.33
C GLU G 623 60.06 -21.38 -8.07
N PHE G 624 59.06 -20.59 -8.44
CA PHE G 624 57.68 -21.03 -8.40
C PHE G 624 57.28 -21.58 -9.75
N MET G 625 56.82 -22.82 -9.78
CA MET G 625 56.42 -23.48 -11.02
C MET G 625 55.04 -24.10 -10.83
N ALA G 626 54.20 -23.97 -11.86
CA ALA G 626 52.86 -24.54 -11.81
C ALA G 626 52.91 -26.05 -12.05
N LYS G 627 52.08 -26.78 -11.32
CA LYS G 627 51.99 -28.22 -11.43
C LYS G 627 50.53 -28.64 -11.50
N PRO G 628 50.19 -29.63 -12.33
CA PRO G 628 48.80 -30.11 -12.37
C PRO G 628 48.43 -30.83 -11.08
N LEU G 629 47.14 -30.79 -10.76
CA LEU G 629 46.60 -31.43 -9.56
C LEU G 629 47.20 -30.85 -8.28
N TYR G 630 47.61 -29.58 -8.32
CA TYR G 630 48.18 -28.91 -7.16
C TYR G 630 47.57 -27.52 -7.05
N ALA G 631 47.60 -26.98 -5.83
CA ALA G 631 47.15 -25.63 -5.55
C ALA G 631 48.35 -24.77 -5.13
N THR G 632 48.12 -23.45 -5.09
CA THR G 632 49.20 -22.53 -4.75
C THR G 632 49.72 -22.79 -3.34
N ILE G 633 48.81 -22.99 -2.39
CA ILE G 633 49.23 -23.28 -1.02
C ILE G 633 49.97 -24.62 -0.95
N ASP G 634 49.55 -25.58 -1.76
CA ASP G 634 50.25 -26.86 -1.80
C ASP G 634 51.70 -26.68 -2.23
N ILE G 635 51.92 -25.91 -3.29
CA ILE G 635 53.29 -25.67 -3.77
C ILE G 635 54.09 -24.89 -2.74
N ILE G 636 53.48 -23.89 -2.11
CA ILE G 636 54.18 -23.10 -1.10
C ILE G 636 54.61 -23.97 0.06
N ASN G 637 53.71 -24.82 0.55
CA ASN G 637 54.04 -25.71 1.67
C ASN G 637 55.07 -26.74 1.26
N GLU G 638 55.01 -27.21 0.01
CA GLU G 638 55.96 -28.23 -0.44
C GLU G 638 57.37 -27.66 -0.57
N ASN G 639 57.49 -26.39 -0.97
CA ASN G 639 58.81 -25.81 -1.20
C ASN G 639 59.31 -24.93 -0.06
N ASN G 640 58.45 -24.12 0.54
CA ASN G 640 58.89 -23.16 1.54
C ASN G 640 59.09 -23.82 2.90
N GLU G 641 59.76 -23.08 3.79
CA GLU G 641 59.97 -23.52 5.16
C GLU G 641 58.93 -22.99 6.14
N ILE G 642 58.41 -21.78 5.90
CA ILE G 642 57.27 -21.26 6.66
C ILE G 642 56.01 -21.83 6.05
N LYS G 643 55.13 -22.36 6.89
CA LYS G 643 53.93 -23.05 6.43
C LYS G 643 52.73 -22.11 6.45
N LEU G 644 51.75 -22.41 5.59
CA LEU G 644 50.56 -21.61 5.43
C LEU G 644 49.32 -22.49 5.51
N ARG G 645 48.20 -21.88 5.86
CA ARG G 645 46.91 -22.55 5.87
C ARG G 645 45.92 -21.74 5.05
N ASP G 646 44.95 -22.43 4.45
CA ASP G 646 43.98 -21.78 3.58
C ASP G 646 43.15 -20.77 4.36
N ARG G 647 43.33 -19.49 4.04
CA ARG G 647 42.66 -18.42 4.78
C ARG G 647 41.19 -18.31 4.41
N GLY G 648 40.84 -18.51 3.14
CA GLY G 648 39.45 -18.54 2.77
C GLY G 648 39.08 -19.73 1.91
N ILE G 649 38.26 -20.63 2.45
CA ILE G 649 37.81 -21.80 1.70
C ILE G 649 36.30 -21.99 1.74
N SER G 650 35.60 -21.51 2.76
CA SER G 650 34.15 -21.65 2.87
C SER G 650 33.50 -20.27 2.75
N TRP G 651 32.57 -20.15 1.81
CA TRP G 651 31.86 -18.91 1.56
C TRP G 651 30.36 -19.14 1.63
N ILE G 652 29.62 -18.07 1.91
CA ILE G 652 28.20 -18.17 2.20
C ILE G 652 27.47 -17.17 1.30
N GLY G 653 26.23 -17.50 0.96
CA GLY G 653 25.39 -16.63 0.14
C GLY G 653 24.22 -16.10 0.94
N ALA G 654 23.83 -14.85 0.66
CA ALA G 654 22.73 -14.22 1.38
C ALA G 654 22.04 -13.21 0.49
N ARG G 655 20.79 -12.89 0.84
CA ARG G 655 19.97 -11.94 0.11
C ARG G 655 19.11 -11.18 1.10
N MET G 656 18.96 -9.88 0.85
CA MET G 656 18.26 -8.99 1.79
C MET G 656 16.76 -9.23 1.76
N GLY G 657 16.10 -8.90 2.88
CA GLY G 657 14.67 -9.00 2.96
C GLY G 657 14.11 -8.58 4.32
N ARG G 658 12.94 -7.93 4.33
CA ARG G 658 12.24 -7.58 5.56
C ARG G 658 13.07 -6.71 6.49
N PRO G 659 13.22 -5.41 6.20
CA PRO G 659 13.99 -4.52 7.09
C PRO G 659 13.46 -4.51 8.51
N GLU G 660 14.26 -3.98 9.45
CA GLU G 660 13.91 -4.01 10.86
C GLU G 660 12.75 -3.06 11.15
N LYS G 661 12.14 -3.25 12.31
CA LYS G 661 10.96 -2.48 12.68
C LYS G 661 10.97 -2.22 14.17
N ALA G 662 10.73 -0.96 14.55
CA ALA G 662 10.54 -0.57 15.95
C ALA G 662 9.39 0.43 16.05
N LYS G 663 8.25 0.07 15.45
CA LYS G 663 7.10 0.95 15.38
C LYS G 663 6.01 0.50 16.35
N GLU G 664 5.12 1.42 16.69
CA GLU G 664 3.98 1.12 17.55
C GLU G 664 2.86 0.48 16.74
N ARG G 665 1.88 -0.07 17.44
CA ARG G 665 0.82 -0.86 16.83
C ARG G 665 -0.49 -0.07 16.78
N LYS G 666 -1.13 -0.05 15.62
CA LYS G 666 -2.42 0.57 15.42
C LYS G 666 -3.31 -0.35 14.60
N MET G 667 -4.61 -0.22 14.77
CA MET G 667 -5.54 -1.00 13.98
C MET G 667 -5.56 -0.51 12.52
N LYS G 668 -6.29 -1.22 11.68
CA LYS G 668 -6.33 -0.86 10.27
C LYS G 668 -6.90 0.54 10.06
N PRO G 669 -8.06 0.91 10.61
CA PRO G 669 -8.30 2.31 10.94
C PRO G 669 -7.89 2.57 12.38
N PRO G 670 -7.08 3.60 12.63
CA PRO G 670 -6.64 3.86 14.01
C PRO G 670 -7.82 4.11 14.93
N VAL G 671 -7.72 3.54 16.14
CA VAL G 671 -8.79 3.59 17.12
C VAL G 671 -8.21 4.06 18.45
N GLN G 672 -8.95 4.94 19.14
CA GLN G 672 -8.55 5.42 20.45
C GLN G 672 -9.51 5.01 21.57
N VAL G 673 -10.71 4.53 21.26
CA VAL G 673 -11.63 4.03 22.27
C VAL G 673 -12.50 2.95 21.62
N LEU G 674 -12.79 1.90 22.37
CA LEU G 674 -13.60 0.78 21.88
C LEU G 674 -15.08 1.09 22.11
N PHE G 675 -15.57 2.09 21.37
CA PHE G 675 -16.94 2.54 21.45
C PHE G 675 -17.51 2.59 20.04
N PRO G 676 -18.66 1.97 19.78
CA PRO G 676 -19.22 1.99 18.43
C PRO G 676 -19.92 3.29 18.11
N ILE G 677 -19.66 3.80 16.91
CA ILE G 677 -20.29 5.03 16.46
C ILE G 677 -21.19 4.84 15.24
N GLY G 678 -21.03 3.76 14.49
CA GLY G 678 -21.87 3.55 13.32
C GLY G 678 -21.44 4.45 12.18
N LEU G 679 -22.39 5.24 11.67
CA LEU G 679 -22.13 6.13 10.55
C LEU G 679 -22.19 7.60 10.94
N ALA G 680 -22.62 7.92 12.16
CA ALA G 680 -22.70 9.33 12.57
C ALA G 680 -21.35 10.00 12.60
N GLY G 681 -20.28 9.25 12.88
CA GLY G 681 -18.96 9.83 12.96
C GLY G 681 -18.30 10.13 11.64
N GLY G 682 -18.82 9.59 10.54
CA GLY G 682 -18.23 9.79 9.24
C GLY G 682 -17.31 8.67 8.83
N SER G 683 -16.47 8.97 7.83
CA SER G 683 -15.54 7.97 7.32
C SER G 683 -14.48 7.59 8.34
N SER G 684 -14.09 8.51 9.21
CA SER G 684 -13.06 8.27 10.21
C SER G 684 -13.61 7.84 11.56
N ARG G 685 -14.93 7.64 11.67
CA ARG G 685 -15.57 7.23 12.92
C ARG G 685 -15.26 8.20 14.06
N ASP G 686 -15.29 9.49 13.74
CA ASP G 686 -14.97 10.53 14.72
C ASP G 686 -16.17 10.76 15.63
N ILE G 687 -16.03 10.40 16.90
CA ILE G 687 -17.13 10.56 17.84
C ILE G 687 -17.39 12.03 18.13
N LYS G 688 -16.32 12.82 18.26
CA LYS G 688 -16.48 14.23 18.61
C LYS G 688 -17.21 15.00 17.53
N LYS G 689 -16.93 14.70 16.26
CA LYS G 689 -17.62 15.37 15.16
C LYS G 689 -19.11 15.08 15.17
N ALA G 690 -19.49 13.83 15.43
CA ALA G 690 -20.90 13.49 15.55
C ALA G 690 -21.54 14.17 16.74
N ALA G 691 -20.81 14.24 17.86
CA ALA G 691 -21.36 14.89 19.05
C ALA G 691 -21.59 16.38 18.83
N GLU G 692 -20.68 17.04 18.12
CA GLU G 692 -20.80 18.48 17.90
C GLU G 692 -21.84 18.82 16.85
N GLU G 693 -22.22 17.88 16.00
CA GLU G 693 -23.20 18.12 14.94
C GLU G 693 -24.61 17.71 15.33
N GLY G 694 -24.81 17.22 16.55
CA GLY G 694 -26.15 16.86 16.99
C GLY G 694 -26.71 15.61 16.36
N LYS G 695 -25.86 14.79 15.73
CA LYS G 695 -26.34 13.58 15.07
C LYS G 695 -26.79 12.54 16.09
N VAL G 696 -27.78 11.74 15.70
CA VAL G 696 -28.22 10.58 16.48
C VAL G 696 -27.82 9.33 15.71
N ALA G 697 -27.34 8.33 16.42
CA ALA G 697 -26.80 7.12 15.81
C ALA G 697 -27.47 5.89 16.42
N GLU G 698 -27.68 4.88 15.59
CA GLU G 698 -28.24 3.61 16.04
C GLU G 698 -27.18 2.51 15.88
N VAL G 699 -26.89 1.83 16.99
CA VAL G 699 -25.87 0.79 17.04
C VAL G 699 -26.35 -0.29 18.01
N GLU G 700 -25.60 -1.39 18.07
CA GLU G 700 -25.86 -2.47 19.01
C GLU G 700 -24.86 -2.38 20.14
N ILE G 701 -25.35 -2.18 21.36
CA ILE G 701 -24.53 -2.07 22.56
C ILE G 701 -25.24 -2.79 23.70
N ALA G 702 -24.58 -2.83 24.85
CA ALA G 702 -25.14 -3.38 26.07
C ALA G 702 -25.53 -2.24 26.99
N PHE G 703 -26.77 -2.27 27.47
CA PHE G 703 -27.29 -1.25 28.37
C PHE G 703 -27.33 -1.81 29.78
N PHE G 704 -26.93 -0.99 30.74
CA PHE G 704 -26.93 -1.38 32.15
C PHE G 704 -27.98 -0.54 32.88
N LYS G 705 -28.65 -1.16 33.85
CA LYS G 705 -29.80 -0.55 34.51
C LYS G 705 -29.56 -0.52 36.01
N CYS G 706 -29.82 0.64 36.63
CA CYS G 706 -29.61 0.80 38.06
C CYS G 706 -30.77 0.18 38.82
N PRO G 707 -30.52 -0.75 39.74
CA PRO G 707 -31.64 -1.36 40.49
C PRO G 707 -32.46 -0.38 41.31
N LYS G 708 -31.83 0.67 41.86
CA LYS G 708 -32.51 1.54 42.79
C LYS G 708 -33.43 2.54 42.09
N CYS G 709 -32.86 3.42 41.27
CA CYS G 709 -33.62 4.50 40.65
C CYS G 709 -34.09 4.18 39.24
N GLY G 710 -33.38 3.32 38.51
CA GLY G 710 -33.79 2.90 37.19
C GLY G 710 -33.15 3.64 36.03
N HIS G 711 -31.91 4.10 36.16
CA HIS G 711 -31.21 4.70 35.05
C HIS G 711 -30.90 3.64 34.00
N VAL G 712 -30.81 4.07 32.75
CA VAL G 712 -30.55 3.16 31.64
C VAL G 712 -29.58 3.82 30.68
N GLY G 713 -28.59 3.05 30.23
CA GLY G 713 -27.59 3.54 29.31
C GLY G 713 -26.34 2.68 29.34
N PRO G 714 -25.42 2.93 28.39
CA PRO G 714 -24.19 2.11 28.31
C PRO G 714 -23.11 2.56 29.28
N GLU G 715 -23.44 2.52 30.58
CA GLU G 715 -22.51 2.93 31.62
C GLU G 715 -22.53 1.90 32.75
N HIS G 716 -21.34 1.62 33.29
CA HIS G 716 -21.22 0.66 34.39
C HIS G 716 -21.64 1.26 35.73
N LEU G 717 -21.63 2.58 35.87
CA LEU G 717 -21.99 3.25 37.10
C LEU G 717 -23.10 4.26 36.85
N CYS G 718 -24.06 4.32 37.76
CA CYS G 718 -25.17 5.25 37.63
C CYS G 718 -24.74 6.65 38.04
N PRO G 719 -24.82 7.65 37.15
CA PRO G 719 -24.38 9.00 37.53
C PRO G 719 -25.15 9.60 38.69
N ASN G 720 -26.44 9.29 38.83
CA ASN G 720 -27.26 9.91 39.86
C ASN G 720 -26.80 9.54 41.27
N CYS G 721 -26.56 8.25 41.51
CA CYS G 721 -26.25 7.77 42.84
C CYS G 721 -24.91 7.08 42.97
N GLY G 722 -24.23 6.78 41.86
CA GLY G 722 -22.96 6.08 41.94
C GLY G 722 -23.07 4.66 42.46
N THR G 723 -24.09 3.93 42.01
CA THR G 723 -24.31 2.55 42.41
C THR G 723 -24.23 1.67 41.17
N ARG G 724 -23.48 0.56 41.27
CA ARG G 724 -23.24 -0.29 40.12
C ARG G 724 -24.55 -0.84 39.57
N LYS G 725 -24.71 -0.74 38.26
CA LYS G 725 -25.92 -1.18 37.58
C LYS G 725 -25.81 -2.67 37.26
N GLU G 726 -26.79 -3.20 36.54
CA GLU G 726 -26.81 -4.60 36.14
C GLU G 726 -27.14 -4.70 34.65
N LEU G 727 -26.55 -5.67 33.98
CA LEU G 727 -26.73 -5.82 32.54
C LEU G 727 -28.18 -6.22 32.22
N LEU G 728 -28.67 -5.72 31.09
CA LEU G 728 -30.02 -6.00 30.64
C LEU G 728 -29.99 -7.08 29.56
N TRP G 729 -30.82 -8.11 29.74
CA TRP G 729 -30.97 -9.18 28.77
C TRP G 729 -32.30 -9.00 28.03
N VAL G 730 -32.26 -9.12 26.71
CA VAL G 730 -33.43 -8.83 25.87
C VAL G 730 -33.72 -10.03 24.98
N CYS G 731 -35.00 -10.28 24.75
CA CYS G 731 -35.42 -11.35 23.85
C CYS G 731 -35.16 -10.93 22.40
N PRO G 732 -34.78 -11.87 21.53
CA PRO G 732 -34.54 -11.51 20.12
C PRO G 732 -35.80 -11.07 19.38
N ARG G 733 -36.82 -11.92 19.33
CA ARG G 733 -38.05 -11.58 18.62
C ARG G 733 -38.97 -10.78 19.53
N CYS G 734 -39.38 -11.38 20.65
CA CYS G 734 -39.99 -10.63 21.74
C CYS G 734 -39.05 -9.52 22.19
N ASN G 735 -39.59 -8.51 22.86
CA ASN G 735 -38.80 -7.34 23.22
C ASN G 735 -38.94 -7.02 24.71
N ALA G 736 -38.79 -8.03 25.54
CA ALA G 736 -38.86 -7.87 26.98
C ALA G 736 -37.46 -7.81 27.58
N GLU G 737 -37.22 -6.84 28.46
CA GLU G 737 -35.93 -6.66 29.09
C GLU G 737 -35.93 -7.26 30.49
N TYR G 738 -34.96 -8.12 30.77
CA TYR G 738 -34.82 -8.76 32.07
C TYR G 738 -33.46 -8.42 32.65
N PRO G 739 -33.38 -7.90 33.88
CA PRO G 739 -32.08 -7.68 34.52
C PRO G 739 -31.34 -9.00 34.72
N GLU G 740 -30.06 -8.86 35.11
CA GLU G 740 -29.21 -10.03 35.30
C GLU G 740 -29.74 -10.94 36.40
N SER G 741 -30.16 -10.36 37.51
CA SER G 741 -30.64 -11.16 38.64
C SER G 741 -31.89 -11.96 38.26
N GLN G 742 -32.81 -11.34 37.52
CA GLN G 742 -33.99 -12.07 37.08
C GLN G 742 -33.69 -13.04 35.96
N ALA G 743 -32.81 -12.64 35.03
CA ALA G 743 -32.47 -13.52 33.92
C ALA G 743 -31.73 -14.77 34.38
N GLU G 744 -31.07 -14.70 35.53
CA GLU G 744 -30.41 -15.89 36.07
C GLU G 744 -31.42 -16.99 36.37
N GLY G 745 -32.54 -16.63 36.99
CA GLY G 745 -33.57 -17.63 37.28
C GLY G 745 -34.21 -18.21 36.04
N TYR G 746 -34.33 -17.42 34.98
CA TYR G 746 -34.97 -17.85 33.75
C TYR G 746 -34.04 -18.66 32.85
N ASN G 747 -32.83 -18.97 33.31
CA ASN G 747 -31.84 -19.71 32.53
C ASN G 747 -31.50 -18.99 31.23
N TYR G 748 -31.61 -17.66 31.23
CA TYR G 748 -31.32 -16.82 30.06
C TYR G 748 -32.16 -17.24 28.87
N THR G 749 -33.41 -17.60 29.12
CA THR G 749 -34.40 -17.90 28.09
C THR G 749 -35.67 -17.14 28.38
N CYS G 750 -36.30 -16.62 27.33
CA CYS G 750 -37.51 -15.82 27.51
C CYS G 750 -38.63 -16.70 28.04
N PRO G 751 -39.34 -16.28 29.09
CA PRO G 751 -40.45 -17.10 29.61
C PRO G 751 -41.65 -17.16 28.67
N LYS G 752 -42.06 -16.00 28.15
CA LYS G 752 -43.21 -15.94 27.25
C LYS G 752 -42.89 -16.54 25.89
N CYS G 753 -41.61 -16.65 25.53
CA CYS G 753 -41.17 -17.20 24.26
C CYS G 753 -40.38 -18.48 24.53
N ASN G 754 -39.73 -18.99 23.49
CA ASN G 754 -38.85 -20.15 23.62
C ASN G 754 -37.53 -19.90 22.89
N VAL G 755 -37.00 -18.69 23.04
CA VAL G 755 -35.75 -18.30 22.39
C VAL G 755 -34.78 -17.81 23.46
N LYS G 756 -33.51 -18.15 23.30
CA LYS G 756 -32.49 -17.73 24.25
C LYS G 756 -32.31 -16.21 24.19
N LEU G 757 -32.01 -15.62 25.34
CA LEU G 757 -31.86 -14.19 25.46
C LEU G 757 -30.50 -13.73 24.91
N ARG G 758 -30.37 -12.42 24.73
CA ARG G 758 -29.13 -11.80 24.30
C ARG G 758 -28.87 -10.56 25.14
N PRO G 759 -27.60 -10.25 25.40
CA PRO G 759 -27.29 -9.08 26.25
C PRO G 759 -27.36 -7.74 25.52
N TYR G 760 -27.56 -7.74 24.21
CA TYR G 760 -27.52 -6.52 23.42
C TYR G 760 -28.72 -6.46 22.48
N ALA G 761 -28.94 -5.27 21.93
CA ALA G 761 -30.00 -5.03 20.95
C ALA G 761 -29.66 -3.74 20.23
N LYS G 762 -30.32 -3.52 19.10
CA LYS G 762 -30.10 -2.29 18.33
C LYS G 762 -30.81 -1.13 19.01
N ARG G 763 -30.03 -0.12 19.41
CA ARG G 763 -30.54 1.00 20.19
C ARG G 763 -29.99 2.31 19.62
N LYS G 764 -30.62 3.41 20.02
CA LYS G 764 -30.24 4.74 19.58
C LYS G 764 -29.54 5.48 20.71
N ILE G 765 -28.45 6.18 20.38
CA ILE G 765 -27.67 6.91 21.36
C ILE G 765 -27.43 8.32 20.85
N ARG G 766 -27.19 9.24 21.77
CA ARG G 766 -26.91 10.63 21.46
C ARG G 766 -25.52 10.98 21.96
N PRO G 767 -24.52 11.08 21.08
CA PRO G 767 -23.14 11.27 21.55
C PRO G 767 -22.90 12.56 22.32
N SER G 768 -23.75 13.57 22.16
CA SER G 768 -23.51 14.86 22.79
C SER G 768 -23.54 14.75 24.32
N GLU G 769 -24.60 14.15 24.87
CA GLU G 769 -24.70 14.03 26.32
C GLU G 769 -23.58 13.18 26.89
N LEU G 770 -23.29 12.04 26.25
CA LEU G 770 -22.25 11.14 26.74
C LEU G 770 -20.89 11.84 26.74
N LEU G 771 -20.56 12.53 25.66
CA LEU G 771 -19.26 13.18 25.57
C LEU G 771 -19.15 14.34 26.54
N ASN G 772 -20.23 15.11 26.72
CA ASN G 772 -20.19 16.19 27.70
C ASN G 772 -20.00 15.63 29.11
N ARG G 773 -20.70 14.54 29.44
CA ARG G 773 -20.53 13.92 30.75
C ARG G 773 -19.11 13.43 30.94
N ALA G 774 -18.53 12.80 29.92
CA ALA G 774 -17.16 12.32 30.03
C ALA G 774 -16.18 13.47 30.24
N MET G 775 -16.32 14.54 29.45
CA MET G 775 -15.42 15.69 29.57
C MET G 775 -15.52 16.31 30.95
N GLU G 776 -16.74 16.45 31.47
CA GLU G 776 -16.90 16.96 32.84
C GLU G 776 -16.31 16.00 33.85
N ASN G 777 -16.33 14.70 33.55
CA ASN G 777 -15.83 13.71 34.50
C ASN G 777 -14.32 13.78 34.64
N VAL G 778 -13.59 13.80 33.53
CA VAL G 778 -12.13 13.77 33.60
C VAL G 778 -11.49 15.14 33.42
N LYS G 779 -12.29 16.19 33.25
CA LYS G 779 -11.77 17.56 33.10
C LYS G 779 -10.82 17.67 31.92
N VAL G 780 -11.21 17.10 30.80
CA VAL G 780 -10.46 17.17 29.55
C VAL G 780 -11.40 17.71 28.48
N TYR G 781 -11.19 18.96 28.08
CA TYR G 781 -12.09 19.63 27.15
C TYR G 781 -11.48 19.93 25.80
N GLY G 782 -10.18 20.17 25.72
CA GLY G 782 -9.55 20.57 24.47
C GLY G 782 -9.03 19.43 23.64
N VAL G 783 -9.91 18.53 23.21
CA VAL G 783 -9.55 17.40 22.37
C VAL G 783 -10.30 17.53 21.05
N ASP G 784 -9.56 17.48 19.94
CA ASP G 784 -10.15 17.75 18.64
C ASP G 784 -10.83 16.52 18.05
N LYS G 785 -10.14 15.37 18.08
CA LYS G 785 -10.66 14.15 17.48
C LYS G 785 -10.72 13.04 18.52
N LEU G 786 -11.66 12.12 18.31
CA LEU G 786 -11.80 10.94 19.17
C LEU G 786 -12.42 9.84 18.33
N LYS G 787 -11.58 8.90 17.88
CA LYS G 787 -12.01 7.87 16.94
C LYS G 787 -12.53 6.64 17.68
N GLY G 788 -13.60 6.06 17.15
CA GLY G 788 -14.17 4.84 17.68
C GLY G 788 -14.21 3.75 16.64
N VAL G 789 -15.15 2.82 16.77
CA VAL G 789 -15.30 1.72 15.83
C VAL G 789 -16.68 1.80 15.18
N MET G 790 -16.78 1.16 14.01
CA MET G 790 -18.07 1.07 13.34
C MET G 790 -19.01 0.12 14.08
N GLY G 791 -18.46 -0.94 14.65
CA GLY G 791 -19.25 -1.87 15.44
C GLY G 791 -18.35 -2.80 16.20
N MET G 792 -18.89 -3.37 17.28
CA MET G 792 -18.11 -4.25 18.13
C MET G 792 -18.14 -5.68 17.60
N THR G 793 -17.07 -6.42 17.90
CA THR G 793 -16.89 -7.76 17.38
C THR G 793 -17.20 -8.86 18.40
N SER G 794 -17.22 -8.53 19.69
CA SER G 794 -17.48 -9.53 20.71
C SER G 794 -18.95 -9.97 20.66
N GLY G 795 -19.27 -10.95 21.50
CA GLY G 795 -20.64 -11.40 21.62
C GLY G 795 -21.42 -10.65 22.68
N TRP G 796 -20.69 -9.93 23.54
CA TRP G 796 -21.30 -9.14 24.60
C TRP G 796 -21.62 -7.72 24.17
N LYS G 797 -20.81 -7.15 23.27
CA LYS G 797 -20.97 -5.78 22.82
C LYS G 797 -20.98 -4.80 24.00
N MET G 798 -20.20 -5.11 25.02
CA MET G 798 -19.96 -4.19 26.12
C MET G 798 -18.99 -3.10 25.66
N PRO G 799 -19.34 -1.83 25.81
CA PRO G 799 -18.44 -0.76 25.37
C PRO G 799 -17.44 -0.39 26.46
N GLU G 800 -16.56 0.53 26.13
CA GLU G 800 -15.53 1.09 26.99
C GLU G 800 -15.95 2.45 27.50
N PRO G 801 -15.53 2.84 28.71
CA PRO G 801 -15.78 4.21 29.16
C PRO G 801 -15.10 5.23 28.25
N LEU G 802 -15.78 6.35 28.02
CA LEU G 802 -15.25 7.38 27.13
C LEU G 802 -14.17 8.22 27.79
N GLU G 803 -14.06 8.18 29.11
CA GLU G 803 -12.99 8.90 29.79
C GLU G 803 -11.62 8.34 29.41
N LYS G 804 -11.52 7.01 29.30
CA LYS G 804 -10.27 6.40 28.87
C LYS G 804 -9.92 6.81 27.45
N GLY G 805 -10.93 6.90 26.57
CA GLY G 805 -10.68 7.37 25.22
C GLY G 805 -10.20 8.81 25.19
N LEU G 806 -10.80 9.66 26.02
CA LEU G 806 -10.35 11.05 26.10
C LEU G 806 -8.91 11.15 26.59
N LEU G 807 -8.56 10.37 27.61
CA LEU G 807 -7.20 10.40 28.14
C LEU G 807 -6.20 9.81 27.15
N ARG G 808 -6.62 8.84 26.34
CA ARG G 808 -5.75 8.32 25.30
C ARG G 808 -5.53 9.36 24.20
N ALA G 809 -6.59 10.06 23.80
CA ALA G 809 -6.46 11.09 22.77
C ALA G 809 -5.61 12.24 23.26
N LYS G 810 -5.71 12.58 24.54
CA LYS G 810 -4.92 13.68 25.09
C LYS G 810 -3.43 13.36 25.07
N ASN G 811 -3.05 12.13 25.38
CA ASN G 811 -1.65 11.73 25.48
C ASN G 811 -1.11 11.07 24.21
N ASP G 812 -1.92 10.99 23.15
CA ASP G 812 -1.49 10.48 21.85
C ASP G 812 -1.06 9.02 21.92
N VAL G 813 -1.95 8.14 22.40
CA VAL G 813 -1.70 6.71 22.40
C VAL G 813 -2.94 6.00 21.87
N TYR G 814 -2.73 4.80 21.36
CA TYR G 814 -3.76 4.05 20.66
C TYR G 814 -4.10 2.77 21.44
N VAL G 815 -5.07 2.03 20.92
CA VAL G 815 -5.63 0.87 21.63
C VAL G 815 -5.65 -0.33 20.69
N PHE G 816 -5.70 -1.52 21.28
CA PHE G 816 -5.71 -2.78 20.57
C PHE G 816 -7.05 -3.49 20.81
N LYS G 817 -7.20 -4.66 20.19
CA LYS G 817 -8.50 -5.34 20.17
C LYS G 817 -8.93 -5.79 21.56
N ASP G 818 -7.99 -5.99 22.48
CA ASP G 818 -8.32 -6.43 23.83
C ASP G 818 -8.22 -5.31 24.87
N GLY G 819 -7.92 -4.09 24.44
CA GLY G 819 -7.86 -2.96 25.33
C GLY G 819 -6.50 -2.71 25.95
N THR G 820 -5.45 -2.86 25.15
CA THR G 820 -4.08 -2.62 25.62
C THR G 820 -3.33 -1.82 24.57
N ILE G 821 -2.26 -1.16 25.01
CA ILE G 821 -1.38 -0.40 24.13
C ILE G 821 -0.09 -1.20 23.94
N ARG G 822 0.27 -1.43 22.68
CA ARG G 822 1.35 -2.37 22.34
C ARG G 822 2.37 -1.70 21.44
N PHE G 823 3.59 -2.24 21.49
CA PHE G 823 4.73 -1.74 20.72
C PHE G 823 5.47 -2.92 20.13
N ASP G 824 5.64 -2.92 18.81
CA ASP G 824 6.26 -4.04 18.10
C ASP G 824 7.70 -3.73 17.75
N ALA G 825 8.58 -4.72 17.91
CA ALA G 825 9.99 -4.55 17.59
C ALA G 825 10.61 -5.89 17.24
N THR G 826 11.59 -5.86 16.35
CA THR G 826 12.37 -7.05 16.02
C THR G 826 13.23 -7.45 17.22
N ASP G 827 13.30 -8.76 17.48
CA ASP G 827 13.97 -9.28 18.67
C ASP G 827 15.35 -9.81 18.32
N ALA G 828 16.32 -9.49 19.19
CA ALA G 828 17.71 -9.91 19.07
C ALA G 828 18.21 -10.42 20.41
N PRO G 829 19.17 -11.34 20.43
CA PRO G 829 19.62 -11.93 21.69
C PRO G 829 20.82 -11.21 22.28
N ILE G 830 21.00 -11.40 23.58
CA ILE G 830 22.15 -10.87 24.29
C ILE G 830 22.29 -11.62 25.61
N THR G 831 23.53 -11.91 26.00
CA THR G 831 23.81 -12.59 27.25
C THR G 831 24.69 -11.76 28.18
N HIS G 832 25.65 -11.02 27.64
CA HIS G 832 26.52 -10.15 28.42
C HIS G 832 26.45 -8.73 27.87
N PHE G 833 26.62 -7.76 28.76
CA PHE G 833 26.51 -6.35 28.37
C PHE G 833 27.58 -5.54 29.09
N ARG G 834 27.74 -4.30 28.65
CA ARG G 834 28.64 -3.33 29.25
C ARG G 834 27.83 -2.14 29.73
N PRO G 835 28.09 -1.63 30.94
CA PRO G 835 27.27 -0.53 31.46
C PRO G 835 27.32 0.74 30.62
N ARG G 836 28.35 0.89 29.78
CA ARG G 836 28.45 2.09 28.96
C ARG G 836 27.60 2.01 27.69
N GLU G 837 27.31 0.80 27.21
CA GLU G 837 26.49 0.67 26.01
C GLU G 837 25.04 1.05 26.28
N ILE G 838 24.54 0.74 27.48
CA ILE G 838 23.15 0.98 27.83
C ILE G 838 22.96 2.27 28.62
N GLY G 839 24.03 3.00 28.89
CA GLY G 839 23.93 4.29 29.55
C GLY G 839 23.44 4.27 30.98
N VAL G 840 23.95 3.35 31.80
CA VAL G 840 23.55 3.24 33.19
C VAL G 840 24.80 3.28 34.06
N SER G 841 24.71 4.00 35.16
CA SER G 841 25.82 4.13 36.09
C SER G 841 26.04 2.83 36.86
N VAL G 842 27.25 2.70 37.40
CA VAL G 842 27.58 1.52 38.20
C VAL G 842 26.79 1.50 39.50
N GLU G 843 26.55 2.67 40.10
CA GLU G 843 25.76 2.73 41.33
C GLU G 843 24.34 2.26 41.10
N LYS G 844 23.73 2.66 39.97
CA LYS G 844 22.39 2.19 39.65
C LYS G 844 22.36 0.68 39.45
N LEU G 845 23.36 0.12 38.78
CA LEU G 845 23.43 -1.32 38.60
C LEU G 845 23.57 -2.04 39.93
N ARG G 846 24.41 -1.51 40.84
CA ARG G 846 24.54 -2.10 42.15
C ARG G 846 23.25 -1.98 42.95
N GLU G 847 22.45 -0.96 42.66
CA GLU G 847 21.13 -0.86 43.28
C GLU G 847 20.18 -1.90 42.70
N LEU G 848 20.28 -2.17 41.39
CA LEU G 848 19.41 -3.17 40.78
C LEU G 848 19.73 -4.58 41.29
N GLY G 849 21.00 -4.86 41.55
CA GLY G 849 21.38 -6.16 42.07
C GLY G 849 22.69 -6.70 41.52
N TYR G 850 23.20 -6.09 40.47
CA TYR G 850 24.46 -6.54 39.87
C TYR G 850 25.63 -6.07 40.73
N THR G 851 26.42 -7.02 41.22
CA THR G 851 27.54 -6.70 42.10
C THR G 851 28.88 -7.23 41.61
N HIS G 852 28.91 -8.10 40.60
CA HIS G 852 30.14 -8.65 40.06
C HIS G 852 30.11 -8.57 38.54
N ASP G 853 31.25 -8.86 37.93
CA ASP G 853 31.36 -9.03 36.49
C ASP G 853 31.53 -10.51 36.16
N PHE G 854 31.50 -10.82 34.87
CA PHE G 854 31.41 -12.22 34.45
C PHE G 854 32.68 -13.02 34.73
N GLU G 855 33.70 -12.42 35.33
CA GLU G 855 34.91 -13.15 35.72
C GLU G 855 35.10 -13.21 37.22
N GLY G 856 34.09 -12.83 38.00
CA GLY G 856 34.15 -12.90 39.44
C GLY G 856 34.68 -11.66 40.14
N LYS G 857 35.20 -10.70 39.38
CA LYS G 857 35.72 -9.48 40.01
C LYS G 857 34.58 -8.55 40.40
N PRO G 858 34.76 -7.75 41.45
CA PRO G 858 33.75 -6.76 41.82
C PRO G 858 33.54 -5.74 40.70
N LEU G 859 32.32 -5.24 40.61
CA LEU G 859 31.94 -4.28 39.57
C LEU G 859 32.22 -2.87 40.06
N VAL G 860 33.28 -2.25 39.54
CA VAL G 860 33.67 -0.89 39.91
C VAL G 860 33.92 0.00 38.72
N SER G 861 33.74 -0.49 37.49
CA SER G 861 34.03 0.28 36.29
C SER G 861 32.90 0.12 35.28
N GLU G 862 32.87 1.04 34.32
CA GLU G 862 31.87 1.02 33.26
C GLU G 862 32.35 0.28 32.01
N ASP G 863 33.59 -0.20 31.98
CA ASP G 863 34.11 -0.96 30.86
C ASP G 863 34.16 -2.45 31.13
N GLN G 864 33.61 -2.90 32.25
CA GLN G 864 33.57 -4.31 32.61
C GLN G 864 32.35 -4.97 32.00
N ILE G 865 32.47 -6.27 31.73
CA ILE G 865 31.41 -7.05 31.09
C ILE G 865 30.61 -7.74 32.18
N VAL G 866 29.30 -7.51 32.21
CA VAL G 866 28.41 -8.08 33.19
C VAL G 866 27.47 -9.04 32.48
N GLU G 867 27.01 -10.05 33.22
CA GLU G 867 26.12 -11.08 32.67
C GLU G 867 24.68 -10.70 32.93
N LEU G 868 23.84 -10.87 31.89
CA LEU G 868 22.44 -10.50 31.97
C LEU G 868 21.63 -11.58 32.67
N LYS G 869 20.69 -11.14 33.52
CA LYS G 869 19.77 -12.05 34.18
C LYS G 869 18.65 -12.45 33.22
N PRO G 870 18.00 -13.60 33.45
CA PRO G 870 17.11 -14.15 32.42
C PRO G 870 15.95 -13.26 32.03
N GLN G 871 15.45 -12.40 32.92
CA GLN G 871 14.26 -11.62 32.66
C GLN G 871 14.53 -10.12 32.68
N ASP G 872 15.75 -9.72 32.30
CA ASP G 872 16.10 -8.32 32.15
C ASP G 872 16.18 -7.99 30.67
N ILE G 873 15.53 -6.91 30.26
CA ILE G 873 15.44 -6.56 28.85
C ILE G 873 16.04 -5.17 28.63
N ILE G 874 16.45 -4.92 27.40
CA ILE G 874 16.99 -3.63 26.97
C ILE G 874 16.09 -3.12 25.85
N LEU G 875 15.52 -1.94 26.05
CA LEU G 875 14.60 -1.35 25.08
C LEU G 875 15.33 -0.43 24.11
N SER G 876 14.66 -0.12 23.01
CA SER G 876 15.17 0.88 22.08
C SER G 876 14.84 2.27 22.62
N LYS G 877 15.09 3.30 21.83
CA LYS G 877 14.73 4.65 22.26
C LYS G 877 13.38 5.09 21.72
N GLU G 878 12.96 4.56 20.58
CA GLU G 878 11.57 4.75 20.16
C GLU G 878 10.61 4.10 21.14
N ALA G 879 10.96 2.91 21.62
CA ALA G 879 10.14 2.24 22.63
C ALA G 879 10.07 3.06 23.90
N GLY G 880 11.19 3.64 24.33
CA GLY G 880 11.17 4.49 25.52
C GLY G 880 10.35 5.75 25.32
N ARG G 881 10.46 6.36 24.14
CA ARG G 881 9.68 7.56 23.85
C ARG G 881 8.19 7.26 23.89
N TYR G 882 7.77 6.11 23.36
CA TYR G 882 6.35 5.76 23.38
C TYR G 882 5.89 5.35 24.77
N LEU G 883 6.72 4.62 25.51
CA LEU G 883 6.34 4.20 26.86
C LEU G 883 6.31 5.37 27.82
N LEU G 884 7.00 6.48 27.51
CA LEU G 884 6.84 7.68 28.31
C LEU G 884 5.40 8.20 28.22
N LYS G 885 4.85 8.25 27.00
CA LYS G 885 3.46 8.66 26.82
C LYS G 885 2.52 7.66 27.49
N VAL G 886 2.83 6.37 27.38
CA VAL G 886 1.98 5.35 28.02
C VAL G 886 1.98 5.53 29.53
N ALA G 887 3.14 5.79 30.12
CA ALA G 887 3.23 6.00 31.55
C ALA G 887 2.49 7.26 31.99
N LYS G 888 2.58 8.32 31.19
CA LYS G 888 1.83 9.53 31.49
C LYS G 888 0.33 9.27 31.45
N PHE G 889 -0.13 8.51 30.45
CA PHE G 889 -1.54 8.15 30.37
C PHE G 889 -1.97 7.32 31.58
N VAL G 890 -1.13 6.39 32.02
CA VAL G 890 -1.46 5.58 33.18
C VAL G 890 -1.56 6.43 34.43
N ASP G 891 -0.63 7.38 34.60
CA ASP G 891 -0.67 8.26 35.76
C ASP G 891 -1.91 9.14 35.74
N ASP G 892 -2.28 9.67 34.58
CA ASP G 892 -3.50 10.46 34.45
C ASP G 892 -4.72 9.62 34.77
N LEU G 893 -4.75 8.36 34.29
CA LEU G 893 -5.87 7.48 34.58
C LEU G 893 -5.98 7.20 36.08
N LEU G 894 -4.85 7.02 36.75
CA LEU G 894 -4.88 6.74 38.19
C LEU G 894 -5.29 7.97 38.99
N GLU G 895 -4.91 9.17 38.54
CA GLU G 895 -5.18 10.36 39.32
C GLU G 895 -6.56 10.95 39.05
N LYS G 896 -7.07 10.84 37.82
CA LYS G 896 -8.32 11.49 37.45
C LYS G 896 -9.52 10.56 37.44
N PHE G 897 -9.34 9.28 37.10
CA PHE G 897 -10.44 8.34 36.99
C PHE G 897 -10.67 7.54 38.27
N TYR G 898 -9.61 7.09 38.92
CA TYR G 898 -9.74 6.27 40.13
C TYR G 898 -9.46 7.02 41.41
N GLY G 899 -8.83 8.18 41.34
CA GLY G 899 -8.49 8.92 42.55
C GLY G 899 -7.45 8.24 43.43
N LEU G 900 -6.39 7.71 42.85
CA LEU G 900 -5.32 7.05 43.56
C LEU G 900 -3.99 7.71 43.24
N PRO G 901 -2.98 7.55 44.11
CA PRO G 901 -1.68 8.18 43.85
C PRO G 901 -1.02 7.64 42.60
N ARG G 902 -0.22 8.49 41.96
CA ARG G 902 0.47 8.12 40.73
C ARG G 902 1.56 7.10 41.01
N PHE G 903 1.93 6.35 39.98
CA PHE G 903 2.80 5.19 40.11
C PHE G 903 4.19 5.40 39.53
N TYR G 904 4.28 5.81 38.26
CA TYR G 904 5.58 5.89 37.59
C TYR G 904 6.33 7.16 37.97
N ASN G 905 5.70 8.32 37.77
CA ASN G 905 6.30 9.62 38.08
C ASN G 905 7.59 9.81 37.30
N ALA G 906 7.47 9.78 35.97
CA ALA G 906 8.62 9.82 35.07
C ALA G 906 8.53 11.03 34.15
N GLU G 907 9.64 11.76 34.03
CA GLU G 907 9.75 12.87 33.10
C GLU G 907 10.64 12.57 31.90
N LYS G 908 11.47 11.54 31.98
CA LYS G 908 12.32 11.12 30.87
C LYS G 908 12.32 9.60 30.82
N MET G 909 12.74 9.06 29.67
CA MET G 909 12.70 7.62 29.48
C MET G 909 13.65 6.89 30.44
N GLU G 910 14.69 7.57 30.92
CA GLU G 910 15.60 6.96 31.88
C GLU G 910 14.98 6.74 33.24
N ASP G 911 13.77 7.26 33.48
CA ASP G 911 13.06 7.08 34.73
C ASP G 911 12.20 5.82 34.74
N LEU G 912 12.10 5.11 33.62
CA LEU G 912 11.35 3.87 33.55
C LEU G 912 12.18 2.65 33.92
N ILE G 913 13.45 2.85 34.28
CA ILE G 913 14.33 1.73 34.58
C ILE G 913 13.95 1.14 35.93
N GLY G 914 13.82 -0.19 35.96
CA GLY G 914 13.34 -0.89 37.14
C GLY G 914 11.88 -1.24 37.12
N HIS G 915 11.15 -0.88 36.06
CA HIS G 915 9.74 -1.17 35.92
C HIS G 915 9.53 -2.37 35.02
N LEU G 916 8.37 -3.01 35.17
CA LEU G 916 8.08 -4.29 34.55
C LEU G 916 7.24 -4.13 33.30
N VAL G 917 7.36 -5.10 32.40
CA VAL G 917 6.61 -5.15 31.14
C VAL G 917 6.06 -6.56 30.97
N ILE G 918 5.39 -6.79 29.84
CA ILE G 918 4.89 -8.11 29.45
C ILE G 918 5.27 -8.35 27.99
N GLY G 919 5.83 -9.52 27.71
CA GLY G 919 6.18 -9.89 26.34
C GLY G 919 5.25 -10.95 25.77
N LEU G 920 4.65 -10.67 24.63
CA LEU G 920 3.66 -11.54 24.02
C LEU G 920 3.94 -11.72 22.54
N ALA G 921 3.77 -12.97 22.06
CA ALA G 921 4.00 -13.35 20.68
C ALA G 921 2.69 -13.37 19.90
N PRO G 922 2.74 -13.08 18.60
CA PRO G 922 1.50 -12.95 17.81
C PRO G 922 0.78 -14.26 17.54
N HIS G 923 1.21 -15.37 18.14
CA HIS G 923 0.56 -16.65 17.91
C HIS G 923 0.28 -17.43 19.18
N THR G 924 0.52 -16.84 20.35
CA THR G 924 0.36 -17.53 21.62
C THR G 924 -0.73 -16.87 22.44
N SER G 925 -0.90 -17.34 23.68
CA SER G 925 -1.89 -16.80 24.58
C SER G 925 -1.36 -16.62 26.00
N ALA G 926 -0.05 -16.74 26.21
CA ALA G 926 0.57 -16.55 27.52
C ALA G 926 1.72 -15.58 27.41
N GLY G 927 1.85 -14.69 28.40
CA GLY G 927 2.91 -13.71 28.43
C GLY G 927 3.95 -14.01 29.50
N ILE G 928 5.01 -13.21 29.49
CA ILE G 928 6.11 -13.35 30.43
C ILE G 928 6.56 -11.97 30.88
N VAL G 929 6.97 -11.87 32.15
CA VAL G 929 7.31 -10.61 32.79
C VAL G 929 8.79 -10.32 32.61
N GLY G 930 9.10 -9.09 32.19
CA GLY G 930 10.48 -8.66 32.06
C GLY G 930 10.70 -7.33 32.75
N ARG G 931 11.97 -6.97 32.91
CA ARG G 931 12.37 -5.75 33.61
C ARG G 931 13.27 -4.92 32.72
N ILE G 932 13.13 -3.59 32.84
CA ILE G 932 13.88 -2.63 32.03
C ILE G 932 15.11 -2.21 32.80
N ILE G 933 16.26 -2.23 32.13
CA ILE G 933 17.52 -1.87 32.77
C ILE G 933 18.32 -0.86 31.95
N GLY G 934 17.94 -0.66 30.70
CA GLY G 934 18.70 0.26 29.87
C GLY G 934 18.06 0.46 28.52
N PHE G 935 18.69 1.33 27.72
CA PHE G 935 18.22 1.68 26.39
C PHE G 935 19.38 1.70 25.41
N VAL G 936 19.06 1.46 24.13
CA VAL G 936 20.03 1.53 23.05
C VAL G 936 19.46 2.41 21.95
N ASP G 937 20.32 2.75 20.99
CA ASP G 937 19.96 3.62 19.87
C ASP G 937 19.76 2.83 18.58
N ALA G 938 19.17 1.64 18.66
CA ALA G 938 18.87 0.81 17.50
C ALA G 938 17.36 0.59 17.42
N LEU G 939 16.95 -0.19 16.43
CA LEU G 939 15.53 -0.47 16.23
C LEU G 939 15.23 -1.94 16.46
N VAL G 940 15.80 -2.52 17.52
CA VAL G 940 15.63 -3.93 17.84
C VAL G 940 15.31 -4.07 19.32
N GLY G 941 14.78 -5.24 19.68
CA GLY G 941 14.54 -5.56 21.07
C GLY G 941 15.52 -6.59 21.61
N TYR G 942 16.48 -6.14 22.40
CA TYR G 942 17.50 -7.03 22.98
C TYR G 942 16.99 -7.67 24.26
N ALA G 943 17.19 -8.97 24.38
CA ALA G 943 16.82 -9.71 25.58
C ALA G 943 17.57 -11.02 25.62
N HIS G 944 17.44 -11.73 26.74
CA HIS G 944 18.08 -13.03 26.90
C HIS G 944 17.49 -14.03 25.92
N PRO G 945 18.28 -15.00 25.45
CA PRO G 945 17.72 -16.08 24.62
C PRO G 945 16.63 -16.87 25.32
N TYR G 946 16.70 -17.02 26.65
CA TYR G 946 15.60 -17.66 27.38
C TYR G 946 14.32 -16.85 27.26
N PHE G 947 14.43 -15.52 27.30
CA PHE G 947 13.26 -14.66 27.20
C PHE G 947 12.55 -14.84 25.86
N HIS G 948 13.32 -14.91 24.77
CA HIS G 948 12.73 -15.09 23.46
C HIS G 948 12.22 -16.52 23.26
N ALA G 949 12.90 -17.50 23.86
CA ALA G 949 12.43 -18.89 23.75
C ALA G 949 11.14 -19.10 24.52
N ALA G 950 10.96 -18.42 25.64
CA ALA G 950 9.75 -18.57 26.45
C ALA G 950 8.52 -18.03 25.76
N LYS G 951 8.67 -17.27 24.68
CA LYS G 951 7.55 -16.81 23.87
C LYS G 951 7.40 -17.62 22.59
N ARG G 952 8.12 -18.74 22.48
CA ARG G 952 8.08 -19.62 21.31
C ARG G 952 8.59 -18.94 20.05
N ARG G 953 9.51 -17.99 20.20
CA ARG G 953 10.07 -17.26 19.08
C ARG G 953 11.46 -17.78 18.74
N ASN G 954 11.87 -17.53 17.50
CA ASN G 954 13.11 -18.06 16.96
C ASN G 954 14.21 -17.01 16.81
N CYS G 955 13.85 -15.73 16.70
CA CYS G 955 14.81 -14.63 16.64
C CYS G 955 15.64 -14.67 15.35
N ASP G 956 14.98 -14.86 14.21
CA ASP G 956 15.60 -14.74 12.90
C ASP G 956 14.74 -13.90 11.97
N GLY G 957 14.05 -12.92 12.52
CA GLY G 957 13.18 -12.06 11.74
C GLY G 957 11.82 -11.87 12.39
N ASP G 958 11.59 -12.56 13.50
CA ASP G 958 10.32 -12.46 14.20
C ASP G 958 10.19 -11.11 14.90
N GLU G 959 8.95 -10.74 15.21
CA GLU G 959 8.65 -9.52 15.94
C GLU G 959 7.60 -9.82 17.00
N ASP G 960 7.75 -9.17 18.15
CA ASP G 960 6.84 -9.36 19.27
C ASP G 960 6.45 -8.01 19.84
N ALA G 961 5.45 -8.04 20.72
CA ALA G 961 4.91 -6.84 21.34
C ALA G 961 5.38 -6.72 22.78
N VAL G 962 5.34 -5.50 23.29
CA VAL G 962 5.67 -5.21 24.68
C VAL G 962 4.64 -4.21 25.21
N MET G 963 4.27 -4.36 26.47
CA MET G 963 3.35 -3.45 27.12
C MET G 963 3.71 -3.33 28.59
N LEU G 964 3.43 -2.17 29.17
CA LEU G 964 3.66 -1.96 30.59
C LEU G 964 2.70 -2.83 31.40
N LEU G 965 3.21 -3.39 32.50
CA LEU G 965 2.43 -4.36 33.27
C LEU G 965 1.18 -3.72 33.87
N LEU G 966 1.31 -2.52 34.45
CA LEU G 966 0.19 -1.91 35.13
C LEU G 966 -0.90 -1.49 34.15
N ASP G 967 -0.51 -1.01 32.97
CA ASP G 967 -1.49 -0.65 31.95
C ASP G 967 -2.31 -1.87 31.53
N ALA G 968 -1.65 -3.01 31.32
CA ALA G 968 -2.37 -4.23 30.98
C ALA G 968 -3.25 -4.70 32.13
N LEU G 969 -2.76 -4.58 33.37
CA LEU G 969 -3.56 -5.00 34.52
C LEU G 969 -4.84 -4.17 34.65
N LEU G 970 -4.73 -2.86 34.45
CA LEU G 970 -5.90 -2.00 34.58
C LEU G 970 -6.84 -2.12 33.39
N ASN G 971 -6.29 -2.29 32.18
CA ASN G 971 -7.06 -2.09 30.96
C ASN G 971 -7.56 -3.39 30.32
N PHE G 972 -6.85 -4.50 30.47
CA PHE G 972 -7.24 -5.74 29.81
C PHE G 972 -8.59 -6.21 30.31
N SER G 973 -9.39 -6.77 29.41
CA SER G 973 -10.66 -7.36 29.77
C SER G 973 -10.99 -8.48 28.77
N ARG G 974 -11.66 -9.51 29.25
CA ARG G 974 -12.06 -10.64 28.42
C ARG G 974 -13.38 -10.40 27.70
N TYR G 975 -14.05 -9.29 27.96
CA TYR G 975 -15.30 -8.95 27.30
C TYR G 975 -15.11 -8.11 26.05
N TYR G 976 -13.88 -7.75 25.71
CA TYR G 976 -13.58 -7.04 24.48
C TYR G 976 -13.00 -7.96 23.41
N LEU G 977 -12.82 -9.24 23.71
CA LEU G 977 -12.22 -10.16 22.77
C LEU G 977 -13.23 -10.56 21.71
N PRO G 978 -12.86 -10.53 20.41
CA PRO G 978 -13.79 -10.97 19.36
C PRO G 978 -14.34 -12.37 19.60
N GLU G 979 -15.50 -12.67 19.01
CA GLU G 979 -16.18 -13.93 19.26
C GLU G 979 -15.81 -15.03 18.27
N LYS G 980 -15.30 -14.69 17.10
CA LYS G 980 -14.92 -15.70 16.13
C LYS G 980 -13.66 -16.43 16.59
N ARG G 981 -13.35 -17.52 15.90
CA ARG G 981 -12.12 -18.25 16.17
C ARG G 981 -10.93 -17.42 15.74
N GLY G 982 -10.01 -17.16 16.66
CA GLY G 982 -8.90 -16.27 16.45
C GLY G 982 -8.92 -15.03 17.32
N GLY G 983 -9.98 -14.81 18.10
CA GLY G 983 -10.04 -13.68 19.01
C GLY G 983 -9.28 -13.86 20.30
N LYS G 984 -8.84 -15.08 20.59
CA LYS G 984 -8.05 -15.35 21.79
C LYS G 984 -6.56 -15.43 21.51
N MET G 985 -6.15 -15.36 20.25
CA MET G 985 -4.73 -15.17 19.94
C MET G 985 -4.33 -13.73 20.21
N ASP G 986 -3.10 -13.54 20.66
CA ASP G 986 -2.60 -12.24 21.14
C ASP G 986 -3.43 -11.75 22.33
N ALA G 987 -3.44 -12.55 23.38
CA ALA G 987 -4.15 -12.18 24.59
C ALA G 987 -3.39 -12.67 25.81
N PRO G 988 -3.09 -11.80 26.76
CA PRO G 988 -2.43 -12.23 28.00
C PRO G 988 -3.40 -12.93 28.94
N LEU G 989 -3.84 -14.13 28.55
CA LEU G 989 -4.75 -14.89 29.39
C LEU G 989 -4.05 -15.42 30.65
N VAL G 990 -2.73 -15.54 30.62
CA VAL G 990 -1.95 -15.93 31.80
C VAL G 990 -0.54 -15.41 31.57
N ILE G 991 0.14 -15.07 32.66
CA ILE G 991 1.51 -14.57 32.60
C ILE G 991 2.39 -15.41 33.51
N THR G 992 3.60 -15.71 33.05
CA THR G 992 4.57 -16.46 33.82
C THR G 992 5.44 -15.49 34.61
N THR G 993 5.66 -15.79 35.89
CA THR G 993 6.42 -14.93 36.77
C THR G 993 7.84 -15.41 37.00
N ARG G 994 8.17 -16.65 36.61
CA ARG G 994 9.53 -17.16 36.71
C ARG G 994 9.88 -17.86 35.41
N LEU G 995 11.19 -17.99 35.18
CA LEU G 995 11.72 -18.62 33.98
C LEU G 995 12.32 -19.98 34.32
N ASP G 996 12.01 -20.97 33.49
CA ASP G 996 12.56 -22.32 33.63
C ASP G 996 13.04 -22.78 32.26
N PRO G 997 14.36 -22.89 32.04
CA PRO G 997 14.85 -23.28 30.72
C PRO G 997 14.43 -24.68 30.30
N ARG G 998 13.98 -25.51 31.24
CA ARG G 998 13.60 -26.88 30.91
C ARG G 998 12.32 -26.95 30.07
N GLU G 999 11.53 -25.89 30.03
CA GLU G 999 10.24 -25.92 29.37
C GLU G 999 9.98 -24.65 28.57
N VAL G 1000 11.02 -24.10 27.95
CA VAL G 1000 10.88 -22.88 27.14
C VAL G 1000 10.79 -23.22 25.65
N ASP G 1001 11.68 -24.06 25.16
CA ASP G 1001 11.76 -24.39 23.74
C ASP G 1001 12.70 -25.59 23.59
N SER G 1002 12.97 -25.96 22.34
CA SER G 1002 13.96 -26.98 22.05
C SER G 1002 15.08 -26.48 21.16
N GLU G 1003 14.88 -25.38 20.43
CA GLU G 1003 15.94 -24.82 19.61
C GLU G 1003 16.97 -24.07 20.43
N VAL G 1004 16.57 -23.55 21.60
CA VAL G 1004 17.51 -22.88 22.49
C VAL G 1004 18.33 -23.85 23.31
N HIS G 1005 18.04 -25.14 23.22
CA HIS G 1005 18.81 -26.16 23.94
C HIS G 1005 20.06 -26.58 23.17
N ASN G 1006 20.30 -26.02 21.99
CA ASN G 1006 21.48 -26.34 21.20
C ASN G 1006 22.53 -25.23 21.23
N MET G 1007 22.28 -24.12 21.93
CA MET G 1007 23.20 -23.00 21.95
C MET G 1007 24.44 -23.32 22.77
N ASP G 1008 25.58 -22.78 22.34
CA ASP G 1008 26.86 -23.02 22.96
C ASP G 1008 27.05 -22.12 24.18
N ILE G 1009 27.78 -22.63 25.17
CA ILE G 1009 28.09 -21.85 26.37
C ILE G 1009 29.58 -21.91 26.68
N VAL G 1010 30.42 -22.08 25.66
CA VAL G 1010 31.85 -22.23 25.85
C VAL G 1010 32.55 -20.91 25.54
N ARG G 1011 33.69 -20.69 26.19
CA ARG G 1011 34.47 -19.49 25.94
C ARG G 1011 35.23 -19.57 24.62
N TYR G 1012 35.74 -20.76 24.28
CA TYR G 1012 36.42 -20.96 23.02
C TYR G 1012 36.26 -22.42 22.60
N TYR G 1013 36.31 -22.66 21.30
CA TYR G 1013 36.21 -24.01 20.77
C TYR G 1013 37.53 -24.74 20.93
N PRO G 1014 37.50 -26.05 21.15
CA PRO G 1014 38.74 -26.82 21.26
C PRO G 1014 39.39 -27.07 19.91
N LEU G 1015 40.64 -27.51 19.96
CA LEU G 1015 41.40 -27.81 18.74
C LEU G 1015 40.77 -28.95 17.96
N GLU G 1016 40.10 -29.88 18.66
CA GLU G 1016 39.51 -31.04 18.00
C GLU G 1016 38.38 -30.64 17.07
N PHE G 1017 37.62 -29.59 17.41
CA PHE G 1017 36.58 -29.12 16.51
C PHE G 1017 37.17 -28.64 15.19
N TYR G 1018 38.23 -27.85 15.25
CA TYR G 1018 38.87 -27.36 14.04
C TYR G 1018 39.48 -28.49 13.23
N GLU G 1019 40.09 -29.47 13.92
CA GLU G 1019 40.69 -30.60 13.21
C GLU G 1019 39.63 -31.51 12.60
N ALA G 1020 38.44 -31.56 13.18
CA ALA G 1020 37.37 -32.39 12.63
C ALA G 1020 36.56 -31.68 11.55
N THR G 1021 36.63 -30.35 11.48
CA THR G 1021 35.96 -29.66 10.38
C THR G 1021 36.54 -30.05 9.03
N TYR G 1022 37.85 -30.27 8.97
CA TYR G 1022 38.50 -30.65 7.72
C TYR G 1022 38.05 -32.01 7.22
N GLU G 1023 37.48 -32.84 8.08
CA GLU G 1023 37.01 -34.16 7.69
C GLU G 1023 35.55 -34.18 7.28
N LEU G 1024 34.90 -33.01 7.21
CA LEU G 1024 33.51 -32.88 6.77
C LEU G 1024 32.55 -33.73 7.60
N LYS G 1025 32.76 -33.76 8.91
CA LYS G 1025 31.93 -34.54 9.80
C LYS G 1025 30.55 -33.88 9.96
N SER G 1026 29.68 -34.57 10.66
CA SER G 1026 28.38 -34.03 11.03
C SER G 1026 28.41 -33.53 12.46
N PRO G 1027 27.64 -32.48 12.76
CA PRO G 1027 27.72 -31.88 14.11
C PRO G 1027 27.31 -32.82 15.23
N LYS G 1028 26.56 -33.88 14.94
CA LYS G 1028 26.18 -34.82 15.99
C LYS G 1028 27.35 -35.65 16.48
N GLU G 1029 28.39 -35.82 15.66
CA GLU G 1029 29.53 -36.63 16.06
C GLU G 1029 30.35 -35.99 17.18
N LEU G 1030 30.21 -34.69 17.39
CA LEU G 1030 30.96 -33.98 18.41
C LEU G 1030 30.05 -33.13 19.28
N VAL G 1031 28.91 -33.70 19.68
CA VAL G 1031 28.02 -33.01 20.60
C VAL G 1031 28.64 -32.91 21.99
N GLY G 1032 29.27 -34.00 22.44
CA GLY G 1032 29.88 -34.00 23.77
C GLY G 1032 31.15 -33.18 23.87
N VAL G 1033 31.79 -32.89 22.73
CA VAL G 1033 33.03 -32.11 22.75
C VAL G 1033 32.76 -30.67 23.14
N ILE G 1034 31.72 -30.05 22.57
CA ILE G 1034 31.37 -28.67 22.82
C ILE G 1034 30.12 -28.63 23.69
N GLU G 1035 30.22 -27.94 24.83
CA GLU G 1035 29.11 -27.89 25.78
C GLU G 1035 27.98 -27.03 25.25
N ARG G 1036 26.76 -27.55 25.34
CA ARG G 1036 25.56 -26.85 24.93
C ARG G 1036 24.66 -26.59 26.13
N VAL G 1037 23.51 -25.97 25.88
CA VAL G 1037 22.56 -25.70 26.95
C VAL G 1037 21.97 -27.00 27.49
N GLU G 1038 21.74 -27.97 26.61
CA GLU G 1038 21.13 -29.23 27.01
C GLU G 1038 21.99 -30.02 27.99
N ASP G 1039 23.28 -29.70 28.09
CA ASP G 1039 24.18 -30.41 28.99
C ASP G 1039 24.11 -29.91 30.42
N ARG G 1040 23.29 -28.89 30.69
CA ARG G 1040 23.20 -28.29 32.01
C ARG G 1040 21.81 -28.36 32.62
N LEU G 1041 20.81 -28.85 31.89
CA LEU G 1041 19.45 -28.87 32.40
C LEU G 1041 19.34 -29.76 33.63
N GLY G 1042 18.55 -29.34 34.59
CA GLY G 1042 18.41 -30.03 35.87
C GLY G 1042 19.32 -29.52 36.97
N LYS G 1043 20.59 -29.30 36.65
CA LYS G 1043 21.53 -28.75 37.62
C LYS G 1043 21.19 -27.29 37.90
N PRO G 1044 21.56 -26.78 39.08
CA PRO G 1044 21.23 -25.38 39.41
C PRO G 1044 21.90 -24.36 38.51
N GLU G 1045 22.94 -24.75 37.78
CA GLU G 1045 23.72 -23.80 36.99
C GLU G 1045 23.21 -23.66 35.56
N MET G 1046 21.92 -23.41 35.40
CA MET G 1046 21.39 -23.03 34.10
C MET G 1046 21.34 -21.52 33.91
N TYR G 1047 21.24 -20.76 34.99
CA TYR G 1047 21.14 -19.30 34.94
C TYR G 1047 22.44 -18.61 35.34
N TYR G 1048 23.54 -19.35 35.43
CA TYR G 1048 24.70 -18.91 36.21
C TYR G 1048 25.91 -18.60 35.34
N GLY G 1049 26.39 -19.55 34.54
CA GLY G 1049 27.71 -19.40 33.95
C GLY G 1049 27.82 -19.49 32.44
N LEU G 1050 26.86 -18.94 31.71
CA LEU G 1050 26.96 -18.91 30.26
C LEU G 1050 28.12 -18.02 29.82
N LYS G 1051 28.69 -18.35 28.66
CA LYS G 1051 29.86 -17.65 28.16
C LYS G 1051 29.70 -17.39 26.66
N PHE G 1052 30.68 -16.71 26.09
CA PHE G 1052 30.65 -16.30 24.69
C PHE G 1052 32.05 -16.45 24.10
N THR G 1053 32.12 -16.44 22.77
CA THR G 1053 33.36 -16.65 22.05
C THR G 1053 33.97 -15.35 21.53
N HIS G 1054 33.19 -14.52 20.85
CA HIS G 1054 33.67 -13.29 20.24
C HIS G 1054 33.15 -12.08 21.01
N ASP G 1055 33.94 -11.01 20.99
CA ASP G 1055 33.62 -9.78 21.70
C ASP G 1055 33.39 -8.65 20.70
N THR G 1056 32.59 -7.67 21.12
CA THR G 1056 32.29 -6.50 20.30
C THR G 1056 32.42 -5.25 21.15
N ASP G 1057 32.91 -4.17 20.54
CA ASP G 1057 33.13 -2.93 21.29
C ASP G 1057 31.80 -2.28 21.69
N ASP G 1058 30.89 -2.16 20.74
CA ASP G 1058 29.58 -1.57 20.99
C ASP G 1058 28.49 -2.48 20.43
N ILE G 1059 27.34 -2.47 21.09
CA ILE G 1059 26.22 -3.32 20.70
C ILE G 1059 25.29 -2.64 19.70
N ALA G 1060 25.36 -1.32 19.56
CA ALA G 1060 24.51 -0.55 18.67
C ALA G 1060 25.34 0.42 17.84
N LEU G 1061 26.43 -0.07 17.26
CA LEU G 1061 27.31 0.72 16.42
C LEU G 1061 27.08 0.34 14.95
N GLY G 1062 26.82 1.35 14.12
CA GLY G 1062 26.55 1.12 12.72
C GLY G 1062 25.30 1.84 12.26
N PRO G 1063 24.94 1.66 10.99
CA PRO G 1063 23.70 2.28 10.49
C PRO G 1063 22.49 1.78 11.27
N LYS G 1064 21.52 2.68 11.47
CA LYS G 1064 20.35 2.37 12.29
C LYS G 1064 19.06 2.25 11.49
N MET G 1065 19.03 2.73 10.25
CA MET G 1065 17.85 2.65 9.41
C MET G 1065 18.26 2.20 8.02
N SER G 1066 17.44 1.34 7.42
CA SER G 1066 17.74 0.83 6.09
C SER G 1066 17.47 1.89 5.03
N LEU G 1067 18.30 1.90 3.99
CA LEU G 1067 18.10 2.80 2.87
C LEU G 1067 16.81 2.51 2.11
N TYR G 1068 16.33 1.26 2.16
CA TYR G 1068 15.12 0.89 1.44
C TYR G 1068 13.92 1.72 1.89
N LYS G 1069 13.94 2.23 3.12
CA LYS G 1069 12.86 3.05 3.64
C LYS G 1069 12.98 4.51 3.26
N GLN G 1070 14.05 4.91 2.56
CA GLN G 1070 14.27 6.29 2.17
C GLN G 1070 14.22 6.48 0.65
N LEU G 1071 13.70 5.51 -0.08
CA LEU G 1071 13.56 5.59 -1.53
C LEU G 1071 12.08 5.53 -1.88
N GLY G 1072 11.63 6.47 -2.71
CA GLY G 1072 10.21 6.54 -3.04
C GLY G 1072 9.80 5.81 -4.30
N ASP G 1073 10.44 6.12 -5.42
CA ASP G 1073 10.05 5.55 -6.70
C ASP G 1073 10.54 4.11 -6.82
N MET G 1074 9.78 3.30 -7.57
CA MET G 1074 10.23 1.94 -7.87
C MET G 1074 11.44 1.96 -8.79
N GLU G 1075 11.48 2.89 -9.74
CA GLU G 1075 12.63 3.01 -10.62
C GLU G 1075 13.89 3.35 -9.83
N GLU G 1076 13.77 4.27 -8.87
CA GLU G 1076 14.92 4.61 -8.03
C GLU G 1076 15.38 3.41 -7.22
N LYS G 1077 14.43 2.65 -6.67
CA LYS G 1077 14.79 1.46 -5.91
C LYS G 1077 15.55 0.47 -6.78
N VAL G 1078 15.04 0.20 -7.97
CA VAL G 1078 15.69 -0.75 -8.87
C VAL G 1078 17.09 -0.26 -9.25
N ARG G 1079 17.22 1.03 -9.55
CA ARG G 1079 18.51 1.57 -9.96
C ARG G 1079 19.54 1.47 -8.83
N ARG G 1080 19.14 1.84 -7.61
CA ARG G 1080 20.07 1.75 -6.49
C ARG G 1080 20.47 0.32 -6.20
N GLN G 1081 19.50 -0.60 -6.23
CA GLN G 1081 19.81 -2.01 -6.02
C GLN G 1081 20.76 -2.52 -7.10
N LEU G 1082 20.61 -2.04 -8.33
CA LEU G 1082 21.48 -2.50 -9.40
C LEU G 1082 22.89 -1.93 -9.30
N GLU G 1083 23.06 -0.67 -8.87
CA GLU G 1083 24.41 -0.19 -8.60
C GLU G 1083 25.06 -0.99 -7.47
N VAL G 1084 24.28 -1.30 -6.43
CA VAL G 1084 24.82 -2.11 -5.34
C VAL G 1084 25.28 -3.46 -5.86
N ALA G 1085 24.47 -4.11 -6.69
CA ALA G 1085 24.83 -5.42 -7.23
C ALA G 1085 26.01 -5.33 -8.18
N LYS G 1086 26.15 -4.20 -8.88
CA LYS G 1086 27.28 -4.02 -9.79
C LYS G 1086 28.58 -3.84 -9.03
N ARG G 1087 28.53 -3.15 -7.89
CA ARG G 1087 29.75 -2.92 -7.11
C ARG G 1087 30.33 -4.22 -6.57
N ILE G 1088 29.48 -5.12 -6.09
CA ILE G 1088 29.96 -6.34 -5.47
C ILE G 1088 30.49 -7.29 -6.54
N ARG G 1089 31.68 -7.84 -6.29
CA ARG G 1089 32.34 -8.67 -7.29
C ARG G 1089 31.66 -10.02 -7.48
N ALA G 1090 30.99 -10.53 -6.45
CA ALA G 1090 30.48 -11.90 -6.43
C ALA G 1090 28.96 -11.95 -6.54
N VAL G 1091 28.37 -11.10 -7.39
CA VAL G 1091 26.92 -11.07 -7.60
C VAL G 1091 26.55 -11.40 -9.03
N ASP G 1092 27.25 -10.81 -10.01
CA ASP G 1092 26.95 -11.00 -11.43
C ASP G 1092 25.52 -10.55 -11.73
N GLU G 1093 25.31 -9.25 -11.57
CA GLU G 1093 23.99 -8.67 -11.78
C GLU G 1093 23.56 -8.76 -13.24
N HIS G 1094 24.51 -8.69 -14.17
CA HIS G 1094 24.26 -8.31 -15.55
C HIS G 1094 23.52 -9.44 -16.25
N GLY G 1095 22.22 -9.48 -16.00
CA GLY G 1095 21.36 -10.49 -16.60
C GLY G 1095 20.72 -11.37 -15.56
N VAL G 1096 21.49 -11.81 -14.57
CA VAL G 1096 20.95 -12.66 -13.52
C VAL G 1096 19.97 -11.88 -12.66
N ALA G 1097 20.38 -10.70 -12.19
CA ALA G 1097 19.50 -9.91 -11.35
C ALA G 1097 18.31 -9.39 -12.14
N GLU G 1098 18.49 -9.15 -13.43
CA GLU G 1098 17.40 -8.70 -14.27
C GLU G 1098 16.36 -9.80 -14.47
N LYS G 1099 16.81 -11.01 -14.84
CA LYS G 1099 15.88 -12.09 -15.08
C LYS G 1099 15.16 -12.48 -13.81
N ILE G 1100 15.88 -12.54 -12.68
CA ILE G 1100 15.23 -12.88 -11.42
C ILE G 1100 14.29 -11.76 -10.99
N LEU G 1101 14.67 -10.52 -11.25
CA LEU G 1101 13.84 -9.38 -10.88
C LEU G 1101 12.63 -9.24 -11.81
N ASN G 1102 12.78 -9.64 -13.07
CA ASN G 1102 11.67 -9.55 -14.02
C ASN G 1102 10.54 -10.52 -13.69
N SER G 1103 10.81 -11.54 -12.86
CA SER G 1103 9.78 -12.42 -12.35
C SER G 1103 9.10 -11.86 -11.10
N HIS G 1104 9.20 -10.55 -10.89
CA HIS G 1104 8.42 -9.83 -9.88
C HIS G 1104 7.55 -8.75 -10.48
N LEU G 1105 7.92 -8.20 -11.65
CA LEU G 1105 7.13 -7.21 -12.35
C LEU G 1105 6.22 -7.84 -13.40
N ILE G 1106 6.70 -8.89 -14.08
CA ILE G 1106 5.86 -9.59 -15.05
C ILE G 1106 4.64 -10.22 -14.38
N PRO G 1107 4.74 -10.89 -13.22
CA PRO G 1107 3.51 -11.34 -12.55
C PRO G 1107 2.54 -10.21 -12.27
N ASP G 1108 3.01 -9.05 -11.83
CA ASP G 1108 2.12 -7.93 -11.57
C ASP G 1108 1.41 -7.48 -12.84
N LEU G 1109 2.18 -7.31 -13.92
CA LEU G 1109 1.60 -6.85 -15.18
C LEU G 1109 0.55 -7.82 -15.69
N ARG G 1110 0.90 -9.11 -15.77
CA ARG G 1110 -0.03 -10.10 -16.34
C ARG G 1110 -1.24 -10.31 -15.43
N GLY G 1111 -1.04 -10.32 -14.11
CA GLY G 1111 -2.16 -10.50 -13.21
C GLY G 1111 -3.13 -9.33 -13.25
N ASN G 1112 -2.62 -8.10 -13.28
CA ASN G 1112 -3.49 -6.95 -13.40
C ASN G 1112 -4.23 -6.94 -14.73
N LEU G 1113 -3.53 -7.29 -15.82
CA LEU G 1113 -4.18 -7.34 -17.13
C LEU G 1113 -5.29 -8.37 -17.15
N ARG G 1114 -5.08 -9.54 -16.52
CA ARG G 1114 -6.12 -10.55 -16.46
C ARG G 1114 -7.30 -10.09 -15.62
N SER G 1115 -7.02 -9.54 -14.44
CA SER G 1115 -8.11 -9.16 -13.54
C SER G 1115 -8.87 -7.94 -14.03
N PHE G 1116 -8.31 -7.16 -14.95
CA PHE G 1116 -9.03 -6.00 -15.47
C PHE G 1116 -10.30 -6.41 -16.21
N THR G 1117 -10.23 -7.48 -17.00
CA THR G 1117 -11.36 -7.87 -17.84
C THR G 1117 -12.45 -8.62 -17.08
N ARG G 1118 -12.20 -9.00 -15.84
CA ARG G 1118 -13.23 -9.62 -14.99
C ARG G 1118 -13.15 -8.97 -13.61
N GLN G 1119 -13.82 -7.83 -13.46
CA GLN G 1119 -13.75 -7.04 -12.24
C GLN G 1119 -15.14 -6.61 -11.82
N GLU G 1120 -15.26 -6.22 -10.56
CA GLU G 1120 -16.52 -5.76 -9.99
C GLU G 1120 -16.44 -4.27 -9.72
N PHE G 1121 -17.57 -3.59 -9.89
CA PHE G 1121 -17.68 -2.15 -9.70
C PHE G 1121 -18.35 -1.84 -8.37
N ARG G 1122 -18.13 -0.63 -7.88
CA ARG G 1122 -18.65 -0.27 -6.56
C ARG G 1122 -19.03 1.20 -6.53
N CYS G 1123 -20.00 1.52 -5.67
CA CYS G 1123 -20.43 2.90 -5.46
C CYS G 1123 -19.47 3.61 -4.52
N VAL G 1124 -19.19 4.88 -4.81
CA VAL G 1124 -18.34 5.66 -3.91
C VAL G 1124 -19.06 5.97 -2.61
N LYS G 1125 -20.36 6.29 -2.69
CA LYS G 1125 -21.11 6.62 -1.48
C LYS G 1125 -21.30 5.40 -0.59
N CYS G 1126 -21.73 4.27 -1.18
CA CYS G 1126 -21.86 3.03 -0.44
C CYS G 1126 -20.54 2.27 -0.51
N ASN G 1127 -20.57 1.00 -0.11
CA ASN G 1127 -19.53 0.04 -0.46
C ASN G 1127 -20.11 -1.18 -1.16
N THR G 1128 -21.34 -1.09 -1.64
CA THR G 1128 -21.94 -2.21 -2.36
C THR G 1128 -21.23 -2.43 -3.69
N LYS G 1129 -20.99 -3.69 -4.02
CA LYS G 1129 -20.28 -4.06 -5.22
C LYS G 1129 -21.23 -4.73 -6.21
N PHE G 1130 -21.01 -4.48 -7.50
CA PHE G 1130 -21.83 -5.02 -8.57
C PHE G 1130 -20.96 -5.89 -9.45
N ARG G 1131 -21.39 -7.13 -9.67
CA ARG G 1131 -20.63 -8.05 -10.53
C ARG G 1131 -20.70 -7.64 -11.99
N ARG G 1132 -21.65 -6.79 -12.36
CA ARG G 1132 -21.84 -6.32 -13.71
C ARG G 1132 -22.15 -4.83 -13.65
N PRO G 1133 -21.59 -4.02 -14.54
CA PRO G 1133 -21.83 -2.58 -14.49
C PRO G 1133 -23.30 -2.26 -14.68
N PRO G 1134 -23.83 -1.29 -13.93
CA PRO G 1134 -25.24 -0.92 -14.10
C PRO G 1134 -25.47 -0.27 -15.45
N LEU G 1135 -26.66 -0.48 -16.01
CA LEU G 1135 -26.97 0.07 -17.32
C LEU G 1135 -27.12 1.59 -17.27
N ASN G 1136 -27.52 2.13 -16.13
CA ASN G 1136 -27.68 3.58 -16.00
C ASN G 1136 -26.36 4.29 -15.72
N GLY G 1137 -25.32 3.55 -15.33
CA GLY G 1137 -24.05 4.15 -14.98
C GLY G 1137 -23.97 4.71 -13.58
N LYS G 1138 -25.05 4.64 -12.80
CA LYS G 1138 -25.10 5.17 -11.45
C LYS G 1138 -25.60 4.09 -10.50
N CYS G 1139 -25.30 4.26 -9.22
CA CYS G 1139 -25.77 3.37 -8.18
C CYS G 1139 -27.30 3.33 -8.17
N PRO G 1140 -27.92 2.16 -8.26
CA PRO G 1140 -29.39 2.10 -8.28
C PRO G 1140 -30.04 2.60 -7.00
N VAL G 1141 -29.31 2.57 -5.88
CA VAL G 1141 -29.89 2.93 -4.59
C VAL G 1141 -29.19 4.23 -4.14
N CYS G 1142 -28.64 4.97 -5.10
CA CYS G 1142 -27.96 6.23 -4.81
C CYS G 1142 -28.05 7.14 -6.02
N GLY G 1143 -27.38 8.28 -5.91
CA GLY G 1143 -27.09 9.12 -7.06
C GLY G 1143 -25.59 9.13 -7.29
N GLY G 1144 -24.86 8.40 -6.45
CA GLY G 1144 -23.42 8.35 -6.56
C GLY G 1144 -22.95 7.62 -7.80
N LYS G 1145 -21.74 7.94 -8.21
CA LYS G 1145 -21.17 7.42 -9.45
C LYS G 1145 -20.40 6.14 -9.19
N ILE G 1146 -20.28 5.33 -10.25
CA ILE G 1146 -19.66 4.02 -10.18
C ILE G 1146 -18.18 4.15 -10.53
N VAL G 1147 -17.32 3.55 -9.71
CA VAL G 1147 -15.88 3.56 -9.93
C VAL G 1147 -15.39 2.13 -10.10
N LEU G 1148 -14.24 2.00 -10.77
CA LEU G 1148 -13.63 0.71 -11.00
C LEU G 1148 -12.90 0.22 -9.75
N THR G 1149 -12.61 -1.08 -9.74
CA THR G 1149 -11.75 -1.67 -8.72
C THR G 1149 -10.34 -1.95 -9.24
N VAL G 1150 -10.17 -2.04 -10.56
CA VAL G 1150 -8.87 -2.19 -11.20
C VAL G 1150 -8.77 -1.10 -12.24
N SER G 1151 -8.02 -0.05 -11.95
CA SER G 1151 -7.89 1.06 -12.87
C SER G 1151 -6.95 0.72 -14.01
N LYS G 1152 -6.97 1.56 -15.05
CA LYS G 1152 -6.07 1.36 -16.18
C LYS G 1152 -4.63 1.67 -15.81
N GLY G 1153 -4.41 2.65 -14.94
CA GLY G 1153 -3.06 2.99 -14.50
C GLY G 1153 -2.44 2.03 -13.53
N ALA G 1154 -3.22 1.09 -13.00
CA ALA G 1154 -2.68 0.05 -12.14
C ALA G 1154 -2.08 -1.11 -12.92
N ILE G 1155 -2.28 -1.15 -14.23
CA ILE G 1155 -1.69 -2.18 -15.07
C ILE G 1155 -0.30 -1.79 -15.54
N GLU G 1156 -0.16 -0.58 -16.09
CA GLU G 1156 1.08 -0.13 -16.73
C GLU G 1156 1.93 0.73 -15.81
N LYS G 1157 1.91 0.46 -14.51
CA LYS G 1157 2.74 1.22 -13.58
C LYS G 1157 4.19 0.75 -13.57
N TYR G 1158 4.44 -0.52 -13.92
CA TYR G 1158 5.78 -1.07 -13.93
C TYR G 1158 6.31 -1.30 -15.34
N LEU G 1159 5.58 -0.86 -16.37
CA LEU G 1159 6.00 -1.11 -17.74
C LEU G 1159 7.25 -0.33 -18.10
N GLY G 1160 7.38 0.91 -17.61
CA GLY G 1160 8.58 1.68 -17.90
C GLY G 1160 9.83 1.05 -17.32
N THR G 1161 9.74 0.64 -16.05
CA THR G 1161 10.88 -0.03 -15.42
C THR G 1161 11.19 -1.37 -16.10
N ALA G 1162 10.15 -2.10 -16.51
CA ALA G 1162 10.39 -3.35 -17.21
C ALA G 1162 11.10 -3.12 -18.54
N LYS G 1163 10.69 -2.11 -19.29
CA LYS G 1163 11.35 -1.79 -20.55
C LYS G 1163 12.79 -1.34 -20.33
N MET G 1164 13.03 -0.55 -19.28
CA MET G 1164 14.40 -0.16 -18.97
C MET G 1164 15.25 -1.38 -18.64
N LEU G 1165 14.71 -2.31 -17.84
CA LEU G 1165 15.46 -3.50 -17.49
C LEU G 1165 15.75 -4.35 -18.71
N VAL G 1166 14.81 -4.38 -19.66
CA VAL G 1166 15.02 -5.15 -20.89
C VAL G 1166 16.09 -4.52 -21.76
N THR G 1167 16.09 -3.19 -21.87
CA THR G 1167 17.00 -2.54 -22.82
C THR G 1167 18.42 -2.38 -22.27
N GLU G 1168 18.58 -2.12 -20.97
CA GLU G 1168 19.90 -1.82 -20.44
C GLU G 1168 20.74 -3.05 -20.13
N TYR G 1169 20.15 -4.24 -20.11
CA TYR G 1169 20.86 -5.45 -19.73
C TYR G 1169 20.57 -6.55 -20.73
N ASN G 1170 21.33 -7.64 -20.65
CA ASN G 1170 21.19 -8.77 -21.55
C ASN G 1170 20.43 -9.88 -20.83
N VAL G 1171 19.16 -10.03 -21.18
CA VAL G 1171 18.33 -11.12 -20.68
C VAL G 1171 18.07 -12.07 -21.84
N LYS G 1172 17.51 -13.23 -21.51
CA LYS G 1172 17.17 -14.19 -22.56
C LYS G 1172 16.07 -13.61 -23.46
N ASN G 1173 16.09 -14.03 -24.72
CA ASN G 1173 15.14 -13.50 -25.70
C ASN G 1173 13.70 -13.76 -25.29
N TYR G 1174 13.46 -14.81 -24.50
CA TYR G 1174 12.11 -15.14 -24.05
C TYR G 1174 11.50 -14.01 -23.26
N THR G 1175 12.24 -13.47 -22.29
CA THR G 1175 11.70 -12.41 -21.44
C THR G 1175 11.51 -11.12 -22.23
N ARG G 1176 12.44 -10.81 -23.14
CA ARG G 1176 12.31 -9.62 -23.97
C ARG G 1176 11.06 -9.70 -24.85
N GLN G 1177 10.83 -10.85 -25.47
CA GLN G 1177 9.64 -11.02 -26.30
C GLN G 1177 8.37 -10.97 -25.46
N ARG G 1178 8.41 -11.52 -24.24
CA ARG G 1178 7.25 -11.43 -23.36
C ARG G 1178 6.92 -9.98 -23.03
N ILE G 1179 7.95 -9.17 -22.74
CA ILE G 1179 7.72 -7.77 -22.42
C ILE G 1179 7.16 -7.01 -23.62
N CYS G 1180 7.73 -7.25 -24.80
CA CYS G 1180 7.23 -6.58 -26.00
C CYS G 1180 5.79 -6.96 -26.29
N LEU G 1181 5.45 -8.24 -26.17
CA LEU G 1181 4.08 -8.68 -26.40
C LEU G 1181 3.14 -8.14 -25.33
N THR G 1182 3.61 -8.01 -24.09
CA THR G 1182 2.78 -7.41 -23.04
C THR G 1182 2.44 -5.97 -23.38
N GLU G 1183 3.43 -5.20 -23.84
CA GLU G 1183 3.14 -3.82 -24.22
C GLU G 1183 2.17 -3.76 -25.40
N ARG G 1184 2.37 -4.63 -26.40
CA ARG G 1184 1.47 -4.68 -27.54
C ARG G 1184 0.04 -5.01 -27.11
N ASP G 1185 -0.11 -5.97 -26.19
CA ASP G 1185 -1.43 -6.36 -25.72
C ASP G 1185 -2.10 -5.25 -24.92
N ILE G 1186 -1.32 -4.54 -24.10
CA ILE G 1186 -1.86 -3.40 -23.36
C ILE G 1186 -2.36 -2.33 -24.33
N ASP G 1187 -1.58 -2.06 -25.37
CA ASP G 1187 -2.03 -1.08 -26.37
C ASP G 1187 -3.29 -1.56 -27.11
N SER G 1188 -3.35 -2.84 -27.45
CA SER G 1188 -4.44 -3.37 -28.26
C SER G 1188 -5.75 -3.54 -27.49
N LEU G 1189 -5.70 -3.76 -26.17
CA LEU G 1189 -6.93 -3.95 -25.41
C LEU G 1189 -7.80 -2.70 -25.38
N PHE G 1190 -7.21 -1.51 -25.46
CA PHE G 1190 -7.93 -0.25 -25.35
C PHE G 1190 -8.00 0.46 -26.70
N GLU G 1191 -8.24 -0.31 -27.76
CA GLU G 1191 -8.17 0.26 -29.11
C GLU G 1191 -9.36 1.17 -29.39
N ASN G 1192 -10.57 0.76 -29.02
CA ASN G 1192 -11.79 1.49 -29.35
C ASN G 1192 -12.24 2.44 -28.24
N VAL G 1193 -11.53 2.48 -27.11
CA VAL G 1193 -11.90 3.33 -25.99
C VAL G 1193 -11.02 4.58 -25.92
N PHE G 1194 -9.72 4.42 -26.13
CA PHE G 1194 -8.77 5.53 -26.10
C PHE G 1194 -7.95 5.53 -27.38
N PRO G 1195 -8.54 5.96 -28.49
CA PRO G 1195 -7.78 6.02 -29.75
C PRO G 1195 -6.67 7.07 -29.67
N GLU G 1196 -5.60 6.81 -30.42
CA GLU G 1196 -4.47 7.73 -30.49
C GLU G 1196 -4.88 8.94 -31.34
N THR G 1197 -5.20 10.05 -30.67
CA THR G 1197 -5.68 11.26 -31.33
C THR G 1197 -4.70 12.41 -31.25
N GLN G 1198 -3.48 12.18 -30.75
CA GLN G 1198 -2.50 13.24 -30.58
C GLN G 1198 -1.19 12.81 -31.23
N LEU G 1199 -0.63 13.68 -32.06
CA LEU G 1199 0.63 13.41 -32.73
C LEU G 1199 1.79 13.83 -31.84
N THR G 1200 3.01 13.83 -32.39
CA THR G 1200 4.18 14.23 -31.63
C THR G 1200 5.19 14.87 -32.57
N LEU G 1201 6.05 15.71 -31.99
CA LEU G 1201 7.06 16.40 -32.80
C LEU G 1201 8.14 15.45 -33.28
N ILE G 1202 8.68 14.62 -32.39
CA ILE G 1202 9.81 13.74 -32.68
C ILE G 1202 9.41 12.31 -32.35
N VAL G 1203 9.96 11.38 -33.13
CA VAL G 1203 9.70 9.96 -32.98
C VAL G 1203 11.01 9.26 -32.62
N ASN G 1204 10.93 7.94 -32.40
CA ASN G 1204 12.07 7.08 -32.07
C ASN G 1204 12.76 7.51 -30.79
N PRO G 1205 12.11 7.32 -29.61
CA PRO G 1205 12.75 7.61 -28.33
C PRO G 1205 13.61 6.47 -27.81
N ASN G 1206 14.43 5.91 -28.69
CA ASN G 1206 15.35 4.82 -28.36
C ASN G 1206 14.63 3.64 -27.71
N ASP G 1207 13.48 3.28 -28.28
CA ASP G 1207 12.72 2.13 -27.79
C ASP G 1207 13.17 0.86 -28.49
N ILE G 1208 12.92 -0.28 -27.83
CA ILE G 1208 13.55 -1.54 -28.21
C ILE G 1208 12.58 -2.45 -28.94
N CYS G 1209 11.28 -2.28 -28.70
CA CYS G 1209 10.29 -3.15 -29.33
C CYS G 1209 10.26 -2.96 -30.84
N GLN G 1210 10.21 -1.72 -31.30
CA GLN G 1210 10.22 -1.45 -32.73
C GLN G 1210 11.55 -1.86 -33.35
N ARG G 1211 12.64 -1.70 -32.61
CA ARG G 1211 13.95 -2.12 -33.12
C ARG G 1211 14.00 -3.63 -33.33
N LEU G 1212 13.47 -4.40 -32.38
CA LEU G 1212 13.41 -5.85 -32.54
C LEU G 1212 12.49 -6.24 -33.69
N VAL G 1213 11.35 -5.56 -33.82
CA VAL G 1213 10.41 -5.89 -34.89
C VAL G 1213 11.04 -5.62 -36.25
N MET G 1214 11.74 -4.50 -36.39
CA MET G 1214 12.34 -4.13 -37.68
C MET G 1214 13.54 -5.00 -38.02
N ALA G 1215 14.11 -5.71 -37.05
CA ALA G 1215 15.22 -6.62 -37.33
C ALA G 1215 14.76 -7.91 -37.97
N ARG G 1216 13.46 -8.21 -37.94
CA ARG G 1216 12.94 -9.41 -38.57
C ARG G 1216 11.54 -9.15 -39.14
#